data_8EIP
#
_entry.id   8EIP
#
_cell.length_a   151.529
_cell.length_b   126.648
_cell.length_c   109.516
_cell.angle_alpha   90.00
_cell.angle_beta   130.39
_cell.angle_gamma   90.00
#
_symmetry.space_group_name_H-M   'C 1 2 1'
#
loop_
_entity.id
_entity.type
_entity.pdbx_description
1 polymer 'Succinylglutamate desuccinylase'
2 non-polymer '(2~{S})-4-[[(2~{S})-5-[[azanyl($l^{4}-azanylidene)methyl]amino]-1-$l^{1}-oxidanyl-1-oxidanylidene-pentan-2-yl]amino]-2-$l^{2}-azanyl-4-oxidanylidene-butanoic acid'
3 non-polymer 'ZINC ION'
4 non-polymer 'MANGANESE (II) ION'
5 water water
#
_entity_poly.entity_id   1
_entity_poly.type   'polypeptide(L)'
_entity_poly.pdbx_seq_one_letter_code
;TSACENFLLPADQDGIQRQVTIFRYGQENSAPKAYLQAGLHADEFPGMLALKYLRDLLDEAARRNRIKGEIVIIPQANPI
GLSQWKDGFLLGRFDHQTGTNFNRDYPDLCQLTVEKLDGQLTENAEHNIDVIRKTMRSALSELKPEQAVDVLRHKLISES
CDADLVLDLHADNQAQCHMYTLTPLWPAMHDVAAEIDARAVLLAEESGGHPFDEACSAPWMNLSRAFPDYPIPLACQSAT
FALGSNDEVDLRLAQDQAEALFRILIRRGFIEDVHVGELPQLACEGTLLEAMQQLKAPCQGLIVYHNRLGDFVRSGDKVV
SIVDPIGETVDILAHTDGVLFARHSQTYAYPNKVIGKIAGKEPLPERKGF
;
_entity_poly.pdbx_strand_id   A,B,C,D
#
# COMPACT_ATOMS: atom_id res chain seq x y z
N THR A 1 -37.39 6.13 -1.90
CA THR A 1 -36.67 6.92 -0.86
C THR A 1 -35.42 7.56 -1.48
N SER A 2 -35.25 7.49 -2.79
CA SER A 2 -34.14 8.14 -3.52
C SER A 2 -34.69 8.82 -4.77
N ALA A 3 -34.45 10.12 -4.90
CA ALA A 3 -34.94 10.91 -6.03
C ALA A 3 -33.94 10.77 -7.17
N CYS A 4 -34.44 10.88 -8.40
CA CYS A 4 -33.55 10.88 -9.57
C CYS A 4 -33.96 12.01 -10.52
N GLU A 5 -33.00 12.87 -10.84
CA GLU A 5 -33.17 13.98 -11.79
C GLU A 5 -32.29 13.71 -13.01
N ASN A 6 -32.81 14.01 -14.18
CA ASN A 6 -32.02 13.85 -15.42
C ASN A 6 -31.96 15.22 -16.05
N PHE A 7 -30.88 15.93 -15.78
CA PHE A 7 -30.76 17.34 -16.19
C PHE A 7 -30.26 17.38 -17.62
N LEU A 8 -30.98 18.09 -18.46
CA LEU A 8 -30.73 18.11 -19.92
C LEU A 8 -29.85 19.31 -20.27
N LEU A 9 -28.75 18.99 -20.95
CA LEU A 9 -27.82 19.96 -21.53
C LEU A 9 -28.35 20.29 -22.92
N PRO A 10 -28.02 21.48 -23.44
CA PRO A 10 -28.39 21.85 -24.80
C PRO A 10 -27.65 20.96 -25.80
N ALA A 11 -28.23 20.81 -26.99
CA ALA A 11 -27.67 19.94 -28.04
C ALA A 11 -26.31 20.47 -28.48
N ASP A 12 -25.38 19.53 -28.71
CA ASP A 12 -23.99 19.83 -29.12
C ASP A 12 -23.94 20.02 -30.64
N GLN A 13 -22.73 20.04 -31.20
CA GLN A 13 -22.47 20.30 -32.64
C GLN A 13 -23.07 19.19 -33.51
N ASP A 14 -23.36 18.02 -32.96
CA ASP A 14 -23.92 16.88 -33.72
C ASP A 14 -25.42 16.78 -33.48
N GLY A 15 -25.99 17.75 -32.76
CA GLY A 15 -27.40 17.78 -32.39
C GLY A 15 -27.73 16.77 -31.30
N ILE A 16 -26.76 16.44 -30.45
CA ILE A 16 -26.99 15.44 -29.37
C ILE A 16 -27.15 16.15 -28.04
N GLN A 17 -28.27 15.83 -27.41
CA GLN A 17 -28.68 16.45 -26.14
C GLN A 17 -28.33 15.45 -25.06
N ARG A 18 -27.52 15.83 -24.09
CA ARG A 18 -26.97 14.86 -23.10
C ARG A 18 -27.52 15.13 -21.71
N GLN A 19 -27.44 14.14 -20.83
CA GLN A 19 -28.05 14.28 -19.50
C GLN A 19 -27.04 14.05 -18.40
N VAL A 20 -27.21 14.81 -17.33
CA VAL A 20 -26.50 14.58 -16.05
C VAL A 20 -27.47 13.89 -15.10
N THR A 21 -27.15 12.67 -14.69
CA THR A 21 -28.07 11.94 -13.79
C THR A 21 -27.69 12.24 -12.35
N ILE A 22 -28.64 12.77 -11.58
CA ILE A 22 -28.39 13.20 -10.19
C ILE A 22 -29.26 12.39 -9.24
N PHE A 23 -28.67 11.77 -8.23
CA PHE A 23 -29.43 11.01 -7.23
C PHE A 23 -29.44 11.77 -5.92
N ARG A 24 -30.59 11.80 -5.25
CA ARG A 24 -30.69 12.50 -3.95
C ARG A 24 -31.29 11.59 -2.89
N TYR A 25 -30.60 11.44 -1.77
CA TYR A 25 -30.93 10.40 -0.77
C TYR A 25 -31.53 10.95 0.50
N GLY A 26 -31.74 12.23 0.63
CA GLY A 26 -32.20 12.68 1.95
C GLY A 26 -33.38 13.61 1.91
N GLN A 27 -33.32 14.54 2.85
CA GLN A 27 -34.39 15.52 3.12
C GLN A 27 -34.08 16.78 2.31
N GLU A 28 -34.90 17.08 1.30
CA GLU A 28 -34.58 18.18 0.37
C GLU A 28 -34.42 19.49 1.15
N ASN A 29 -33.32 20.19 0.92
CA ASN A 29 -33.00 21.53 1.49
C ASN A 29 -32.92 21.45 3.02
N SER A 30 -32.55 20.31 3.60
CA SER A 30 -32.53 20.21 5.08
C SER A 30 -31.19 19.79 5.66
N ALA A 31 -31.10 19.99 6.98
CA ALA A 31 -30.14 19.36 7.92
C ALA A 31 -28.73 19.62 7.41
N PRO A 32 -27.78 18.66 7.53
CA PRO A 32 -26.49 18.81 6.83
C PRO A 32 -26.62 18.43 5.35
N LYS A 33 -25.85 19.07 4.47
CA LYS A 33 -25.89 18.70 3.03
C LYS A 33 -24.52 18.21 2.54
N ALA A 34 -24.53 17.05 1.89
CA ALA A 34 -23.34 16.43 1.29
C ALA A 34 -23.52 16.37 -0.21
N TYR A 35 -22.43 16.57 -0.92
CA TYR A 35 -22.39 16.48 -2.38
C TYR A 35 -21.18 15.66 -2.76
N LEU A 36 -21.41 14.61 -3.52
CA LEU A 36 -20.33 13.74 -4.02
C LEU A 36 -20.53 13.58 -5.52
N GLN A 37 -19.50 13.86 -6.30
CA GLN A 37 -19.58 13.64 -7.76
C GLN A 37 -18.34 12.91 -8.21
N ALA A 38 -18.46 12.22 -9.33
CA ALA A 38 -17.33 11.53 -9.96
C ALA A 38 -17.44 11.69 -11.47
N GLY A 39 -16.32 11.52 -12.13
CA GLY A 39 -16.25 11.46 -13.60
C GLY A 39 -16.35 12.83 -14.25
N LEU A 40 -15.91 13.88 -13.57
CA LEU A 40 -15.85 15.23 -14.19
C LEU A 40 -14.83 15.12 -15.32
N HIS A 41 -13.72 14.44 -15.08
CA HIS A 41 -12.83 14.03 -16.20
C HIS A 41 -13.44 12.67 -16.56
N ALA A 42 -14.00 12.50 -17.76
CA ALA A 42 -14.80 11.30 -18.08
C ALA A 42 -13.91 10.08 -18.27
N ASP A 43 -12.60 10.23 -18.24
CA ASP A 43 -11.69 9.09 -18.42
C ASP A 43 -11.09 8.69 -17.07
N GLU A 44 -11.60 9.24 -15.97
CA GLU A 44 -11.15 8.92 -14.59
C GLU A 44 -12.24 8.07 -13.93
N PHE A 45 -12.03 6.76 -13.86
CA PHE A 45 -13.11 5.76 -13.59
C PHE A 45 -13.34 5.36 -12.13
N PRO A 46 -12.33 5.22 -11.24
CA PRO A 46 -12.53 4.64 -9.91
C PRO A 46 -13.69 5.24 -9.10
N GLY A 47 -13.89 6.55 -9.21
CA GLY A 47 -14.96 7.25 -8.49
C GLY A 47 -16.33 6.84 -9.00
N MET A 48 -16.41 6.50 -10.29
CA MET A 48 -17.69 6.14 -10.93
C MET A 48 -18.18 4.86 -10.27
N LEU A 49 -17.29 3.90 -10.10
CA LEU A 49 -17.66 2.58 -9.55
C LEU A 49 -17.89 2.75 -8.04
N ALA A 50 -17.08 3.58 -7.38
CA ALA A 50 -17.22 3.79 -5.92
C ALA A 50 -18.60 4.40 -5.64
N LEU A 51 -19.06 5.35 -6.44
CA LEU A 51 -20.38 5.98 -6.15
C LEU A 51 -21.49 5.00 -6.50
N LYS A 52 -21.30 4.10 -7.48
CA LYS A 52 -22.33 3.05 -7.74
C LYS A 52 -22.52 2.27 -6.44
N TYR A 53 -21.43 1.88 -5.81
CA TYR A 53 -21.50 1.03 -4.59
C TYR A 53 -21.95 1.88 -3.41
N LEU A 54 -21.61 3.17 -3.37
CA LEU A 54 -22.06 4.02 -2.25
C LEU A 54 -23.58 4.11 -2.34
N ARG A 55 -24.12 4.20 -3.54
CA ARG A 55 -25.59 4.21 -3.73
C ARG A 55 -26.18 2.93 -3.14
N ASP A 56 -25.59 1.78 -3.40
CA ASP A 56 -26.15 0.53 -2.83
C ASP A 56 -26.22 0.68 -1.29
N LEU A 57 -25.17 1.23 -0.68
CA LEU A 57 -25.12 1.38 0.80
C LEU A 57 -26.18 2.39 1.24
N LEU A 58 -26.36 3.46 0.48
CA LEU A 58 -27.34 4.51 0.84
C LEU A 58 -28.77 4.02 0.60
N ASP A 59 -28.99 3.14 -0.38
CA ASP A 59 -30.35 2.57 -0.60
C ASP A 59 -30.73 1.84 0.68
N GLU A 60 -29.80 1.09 1.24
CA GLU A 60 -30.04 0.32 2.49
C GLU A 60 -30.23 1.30 3.64
N ALA A 61 -29.43 2.36 3.73
CA ALA A 61 -29.57 3.34 4.82
C ALA A 61 -30.94 4.00 4.73
N ALA A 62 -31.41 4.24 3.50
CA ALA A 62 -32.73 4.87 3.25
C ALA A 62 -33.83 3.90 3.69
N ARG A 63 -33.70 2.62 3.34
CA ARG A 63 -34.72 1.59 3.65
C ARG A 63 -34.84 1.50 5.17
N ARG A 64 -33.72 1.61 5.87
CA ARG A 64 -33.65 1.48 7.34
C ARG A 64 -34.02 2.83 7.98
N ASN A 65 -34.33 3.85 7.18
CA ASN A 65 -34.75 5.19 7.63
C ASN A 65 -33.65 5.85 8.46
N ARG A 66 -32.40 5.79 8.01
CA ARG A 66 -31.25 6.29 8.81
C ARG A 66 -30.62 7.55 8.18
N ILE A 67 -31.22 8.16 7.17
CA ILE A 67 -30.55 9.33 6.55
C ILE A 67 -30.98 10.61 7.26
N LYS A 68 -30.02 11.36 7.76
CA LYS A 68 -30.26 12.59 8.56
C LYS A 68 -30.22 13.85 7.70
N GLY A 69 -29.48 13.86 6.60
CA GLY A 69 -29.26 15.11 5.85
C GLY A 69 -29.88 15.06 4.48
N GLU A 70 -29.31 15.83 3.56
CA GLU A 70 -29.52 15.67 2.10
C GLU A 70 -28.18 15.23 1.50
N ILE A 71 -28.17 14.06 0.89
CA ILE A 71 -26.92 13.53 0.26
C ILE A 71 -27.10 13.50 -1.25
N VAL A 72 -26.25 14.22 -1.98
CA VAL A 72 -26.35 14.29 -3.46
C VAL A 72 -25.24 13.45 -4.08
N ILE A 73 -25.61 12.49 -4.93
CA ILE A 73 -24.65 11.56 -5.58
C ILE A 73 -24.71 11.72 -7.11
N ILE A 74 -23.58 12.01 -7.74
CA ILE A 74 -23.49 12.11 -9.22
C ILE A 74 -22.33 11.26 -9.71
N PRO A 75 -22.56 9.95 -10.00
CA PRO A 75 -21.50 9.04 -10.43
C PRO A 75 -20.82 9.42 -11.76
N GLN A 76 -21.56 10.10 -12.64
CA GLN A 76 -21.01 10.54 -13.94
C GLN A 76 -21.39 11.99 -14.18
N ALA A 77 -20.57 12.90 -13.69
CA ALA A 77 -20.85 14.35 -13.68
C ALA A 77 -20.64 14.93 -15.06
N ASN A 78 -20.07 14.17 -15.99
CA ASN A 78 -19.68 14.74 -17.29
C ASN A 78 -19.97 13.80 -18.45
N PRO A 79 -21.22 13.87 -18.95
CA PRO A 79 -21.68 13.06 -20.07
C PRO A 79 -21.13 13.56 -21.41
N ILE A 80 -20.49 14.73 -21.40
CA ILE A 80 -19.93 15.31 -22.67
C ILE A 80 -18.65 14.54 -22.95
N GLY A 81 -17.75 14.58 -21.97
CA GLY A 81 -16.44 13.92 -22.06
C GLY A 81 -16.61 12.44 -22.28
N LEU A 82 -17.66 11.86 -21.72
CA LEU A 82 -17.91 10.39 -21.73
C LEU A 82 -18.19 9.92 -23.15
N SER A 83 -18.53 10.82 -24.06
CA SER A 83 -18.88 10.47 -25.46
C SER A 83 -17.67 10.64 -26.36
N GLN A 84 -16.59 11.22 -25.86
CA GLN A 84 -15.47 11.67 -26.73
C GLN A 84 -14.49 10.51 -26.97
N TRP A 85 -14.88 9.59 -27.85
CA TRP A 85 -14.01 8.48 -28.27
C TRP A 85 -13.22 8.88 -29.51
N LYS A 86 -11.94 8.51 -29.55
CA LYS A 86 -11.12 8.61 -30.78
C LYS A 86 -10.26 7.35 -30.94
N ASP A 87 -10.41 6.68 -32.07
CA ASP A 87 -9.60 5.48 -32.40
C ASP A 87 -9.71 4.45 -31.27
N GLY A 88 -10.89 4.36 -30.64
CA GLY A 88 -11.20 3.35 -29.61
C GLY A 88 -10.72 3.75 -28.23
N PHE A 89 -10.24 4.99 -28.05
CA PHE A 89 -9.85 5.49 -26.71
C PHE A 89 -10.75 6.63 -26.28
N LEU A 90 -11.02 6.69 -24.98
CA LEU A 90 -11.86 7.75 -24.42
C LEU A 90 -10.97 8.87 -23.94
N LEU A 91 -11.13 10.05 -24.53
CA LEU A 91 -10.37 11.26 -24.15
C LEU A 91 -11.35 12.19 -23.45
N GLY A 92 -11.36 12.15 -22.13
CA GLY A 92 -12.42 12.77 -21.33
C GLY A 92 -11.94 14.00 -20.56
N ARG A 93 -10.73 14.49 -20.82
CA ARG A 93 -10.14 15.56 -19.98
C ARG A 93 -10.51 16.94 -20.52
N PHE A 94 -10.58 17.08 -21.83
CA PHE A 94 -10.88 18.37 -22.48
C PHE A 94 -12.15 18.25 -23.30
N ASP A 95 -12.87 19.36 -23.39
CA ASP A 95 -14.12 19.48 -24.17
C ASP A 95 -13.76 19.66 -25.65
N HIS A 96 -14.25 18.78 -26.50
CA HIS A 96 -13.98 18.85 -27.95
C HIS A 96 -14.41 20.21 -28.49
N GLN A 97 -15.59 20.69 -28.10
CA GLN A 97 -16.22 21.88 -28.71
C GLN A 97 -15.43 23.15 -28.34
N THR A 98 -14.98 23.30 -27.11
CA THR A 98 -14.35 24.56 -26.64
C THR A 98 -12.85 24.41 -26.50
N GLY A 99 -12.37 23.18 -26.33
CA GLY A 99 -10.95 22.88 -26.09
C GLY A 99 -10.59 23.07 -24.64
N THR A 100 -11.55 23.41 -23.81
CA THR A 100 -11.26 23.74 -22.40
C THR A 100 -11.24 22.48 -21.54
N ASN A 101 -10.57 22.60 -20.42
CA ASN A 101 -10.48 21.54 -19.41
C ASN A 101 -11.82 21.47 -18.67
N PHE A 102 -12.32 20.28 -18.43
CA PHE A 102 -13.65 20.12 -17.76
C PHE A 102 -13.58 20.60 -16.31
N ASN A 103 -12.41 20.59 -15.68
CA ASN A 103 -12.30 20.97 -14.26
C ASN A 103 -11.60 22.32 -14.15
N ARG A 104 -12.03 23.27 -14.96
CA ARG A 104 -11.50 24.65 -14.99
C ARG A 104 -12.65 25.59 -15.30
N ASP A 105 -12.41 26.88 -15.06
CA ASP A 105 -13.29 28.02 -15.39
C ASP A 105 -14.63 27.91 -14.66
N TYR A 106 -14.62 27.53 -13.40
CA TYR A 106 -15.83 27.58 -12.56
C TYR A 106 -16.03 29.00 -12.08
N PRO A 107 -17.31 29.40 -11.86
CA PRO A 107 -17.62 30.73 -11.35
C PRO A 107 -17.00 31.05 -9.98
N ASP A 108 -16.60 32.30 -9.80
CA ASP A 108 -16.07 32.81 -8.52
C ASP A 108 -17.24 33.37 -7.72
N LEU A 109 -17.69 32.63 -6.71
CA LEU A 109 -18.89 32.99 -5.93
C LEU A 109 -18.55 34.11 -4.93
N CYS A 110 -17.29 34.48 -4.78
CA CYS A 110 -16.96 35.66 -3.96
C CYS A 110 -17.26 36.86 -4.84
N GLN A 111 -16.67 36.87 -6.02
CA GLN A 111 -16.84 37.97 -7.00
C GLN A 111 -18.34 38.18 -7.25
N LEU A 112 -19.13 37.10 -7.26
CA LEU A 112 -20.56 37.19 -7.61
C LEU A 112 -21.42 37.61 -6.41
N THR A 113 -20.91 37.58 -5.18
CA THR A 113 -21.77 37.81 -3.99
C THR A 113 -21.32 39.01 -3.15
N VAL A 114 -20.07 39.47 -3.26
CA VAL A 114 -19.55 40.55 -2.36
C VAL A 114 -20.45 41.78 -2.41
N GLU A 115 -20.90 42.19 -3.60
CA GLU A 115 -21.73 43.42 -3.72
C GLU A 115 -23.05 43.19 -3.01
N LYS A 116 -23.69 42.05 -3.28
CA LYS A 116 -25.03 41.72 -2.76
C LYS A 116 -25.01 41.64 -1.23
N LEU A 117 -23.91 41.15 -0.65
CA LEU A 117 -23.79 40.85 0.80
C LEU A 117 -23.47 42.10 1.62
N ASP A 118 -23.18 43.24 1.01
CA ASP A 118 -22.54 44.36 1.75
C ASP A 118 -23.31 44.70 3.04
N GLY A 119 -24.63 44.75 2.96
CA GLY A 119 -25.47 45.18 4.11
C GLY A 119 -26.19 44.03 4.78
N GLN A 120 -25.81 42.77 4.57
CA GLN A 120 -26.67 41.64 5.05
C GLN A 120 -26.02 40.83 6.17
N LEU A 121 -24.77 41.10 6.52
CA LEU A 121 -24.04 40.24 7.48
C LEU A 121 -24.22 40.73 8.91
N THR A 122 -24.15 39.80 9.85
CA THR A 122 -24.27 40.10 11.30
C THR A 122 -23.17 39.41 12.10
N GLU A 123 -23.25 39.53 13.43
CA GLU A 123 -22.30 38.92 14.39
C GLU A 123 -22.61 37.42 14.54
N ASN A 124 -23.72 36.96 13.96
CA ASN A 124 -24.18 35.57 14.09
C ASN A 124 -23.66 34.76 12.91
N ALA A 125 -22.72 33.84 13.15
CA ALA A 125 -22.06 33.05 12.08
C ALA A 125 -23.11 32.22 11.33
N GLU A 126 -24.06 31.62 12.03
CA GLU A 126 -25.05 30.72 11.38
C GLU A 126 -25.90 31.55 10.44
N HIS A 127 -26.25 32.77 10.84
CA HIS A 127 -27.01 33.73 9.99
C HIS A 127 -26.18 33.96 8.74
N ASN A 128 -24.90 34.28 8.92
CA ASN A 128 -24.05 34.64 7.77
C ASN A 128 -24.01 33.46 6.81
N ILE A 129 -23.96 32.24 7.33
CA ILE A 129 -23.88 31.04 6.46
C ILE A 129 -25.15 30.98 5.59
N ASP A 130 -26.32 31.13 6.20
CA ASP A 130 -27.60 31.05 5.47
C ASP A 130 -27.69 32.19 4.45
N VAL A 131 -27.25 33.38 4.83
CA VAL A 131 -27.34 34.57 3.96
C VAL A 131 -26.44 34.36 2.75
N ILE A 132 -25.22 33.89 3.01
CA ILE A 132 -24.21 33.71 1.93
C ILE A 132 -24.72 32.61 1.00
N ARG A 133 -25.22 31.50 1.53
CA ARG A 133 -25.72 30.39 0.67
C ARG A 133 -26.88 30.87 -0.18
N LYS A 134 -27.80 31.64 0.39
CA LYS A 134 -28.98 32.13 -0.36
C LYS A 134 -28.48 33.07 -1.46
N THR A 135 -27.54 33.93 -1.11
CA THR A 135 -27.00 34.92 -2.06
C THR A 135 -26.30 34.19 -3.20
N MET A 136 -25.53 33.14 -2.90
CA MET A 136 -24.82 32.33 -3.93
C MET A 136 -25.85 31.77 -4.91
N ARG A 137 -26.93 31.18 -4.40
CA ARG A 137 -27.96 30.54 -5.25
C ARG A 137 -28.57 31.61 -6.16
N SER A 138 -28.87 32.79 -5.61
CA SER A 138 -29.49 33.90 -6.38
C SER A 138 -28.52 34.34 -7.48
N ALA A 139 -27.25 34.53 -7.13
CA ALA A 139 -26.22 35.04 -8.06
C ALA A 139 -26.11 34.08 -9.22
N LEU A 140 -26.16 32.77 -8.94
CA LEU A 140 -26.03 31.75 -10.00
C LEU A 140 -27.31 31.74 -10.84
N SER A 141 -28.48 31.95 -10.24
CA SER A 141 -29.78 31.93 -10.96
C SER A 141 -29.76 32.99 -12.06
N GLU A 142 -29.08 34.10 -11.79
CA GLU A 142 -28.99 35.26 -12.71
C GLU A 142 -28.07 34.97 -13.91
N LEU A 143 -27.22 33.95 -13.85
CA LEU A 143 -26.26 33.67 -14.96
C LEU A 143 -26.96 32.84 -16.04
N LYS A 144 -26.63 33.09 -17.30
CA LYS A 144 -27.30 32.40 -18.43
C LYS A 144 -26.27 31.82 -19.39
N PRO A 145 -25.66 30.66 -19.05
CA PRO A 145 -24.70 30.00 -19.94
C PRO A 145 -25.38 29.36 -21.15
N GLU A 146 -24.69 29.33 -22.29
CA GLU A 146 -25.26 28.86 -23.59
C GLU A 146 -24.58 27.57 -24.06
N GLN A 147 -23.27 27.41 -23.87
CA GLN A 147 -22.55 26.19 -24.33
C GLN A 147 -22.82 25.04 -23.35
N ALA A 148 -22.99 23.82 -23.86
CA ALA A 148 -23.33 22.66 -23.02
C ALA A 148 -22.37 22.55 -21.83
N VAL A 149 -21.09 22.80 -22.06
CA VAL A 149 -20.07 22.62 -20.99
C VAL A 149 -20.23 23.71 -19.94
N ASP A 150 -20.68 24.90 -20.33
CA ASP A 150 -20.83 26.03 -19.38
C ASP A 150 -22.09 25.77 -18.57
N VAL A 151 -23.09 25.20 -19.23
CA VAL A 151 -24.38 24.85 -18.59
C VAL A 151 -24.11 23.75 -17.57
N LEU A 152 -23.25 22.79 -17.95
CA LEU A 152 -22.87 21.67 -17.07
C LEU A 152 -22.14 22.21 -15.83
N ARG A 153 -21.14 23.07 -16.04
CA ARG A 153 -20.35 23.59 -14.90
C ARG A 153 -21.30 24.37 -13.97
N HIS A 154 -22.20 25.16 -14.56
CA HIS A 154 -23.18 25.99 -13.84
C HIS A 154 -24.07 25.10 -12.97
N LYS A 155 -24.59 24.03 -13.54
CA LYS A 155 -25.48 23.11 -12.79
C LYS A 155 -24.69 22.50 -11.63
N LEU A 156 -23.46 22.05 -11.86
CA LEU A 156 -22.72 21.30 -10.82
C LEU A 156 -22.43 22.26 -9.65
N ILE A 157 -22.08 23.52 -9.91
CA ILE A 157 -21.79 24.47 -8.79
C ILE A 157 -23.12 24.87 -8.14
N SER A 158 -24.19 25.03 -8.92
CA SER A 158 -25.52 25.40 -8.39
C SER A 158 -25.99 24.36 -7.38
N GLU A 159 -25.66 23.11 -7.60
CA GLU A 159 -26.12 22.00 -6.74
C GLU A 159 -25.13 21.70 -5.61
N SER A 160 -23.98 22.38 -5.54
CA SER A 160 -22.93 22.02 -4.55
C SER A 160 -22.51 23.22 -3.68
N CYS A 161 -22.72 24.45 -4.14
CA CYS A 161 -22.22 25.67 -3.46
C CYS A 161 -22.77 25.77 -2.03
N ASP A 162 -23.94 25.21 -1.77
CA ASP A 162 -24.60 25.38 -0.45
C ASP A 162 -24.43 24.12 0.39
N ALA A 163 -23.53 23.23 0.01
CA ALA A 163 -23.28 21.98 0.76
C ALA A 163 -22.33 22.27 1.92
N ASP A 164 -22.38 21.43 2.94
CA ASP A 164 -21.44 21.46 4.08
C ASP A 164 -20.22 20.62 3.73
N LEU A 165 -20.44 19.54 2.98
CA LEU A 165 -19.36 18.61 2.58
C LEU A 165 -19.39 18.38 1.07
N VAL A 166 -18.27 18.61 0.39
CA VAL A 166 -18.17 18.38 -1.07
C VAL A 166 -16.97 17.50 -1.41
N LEU A 167 -17.21 16.34 -1.98
CA LEU A 167 -16.10 15.48 -2.43
C LEU A 167 -16.16 15.30 -3.94
N ASP A 168 -15.14 15.83 -4.63
CA ASP A 168 -14.98 15.70 -6.09
C ASP A 168 -14.06 14.50 -6.35
N LEU A 169 -14.60 13.43 -6.90
CA LEU A 169 -13.83 12.18 -7.07
C LEU A 169 -13.19 12.16 -8.46
N HIS A 170 -11.87 12.04 -8.44
CA HIS A 170 -10.95 12.11 -9.60
C HIS A 170 -9.98 10.92 -9.57
N ALA A 171 -9.06 10.93 -10.52
CA ALA A 171 -7.94 9.98 -10.59
C ALA A 171 -6.77 10.64 -11.32
N ASP A 172 -5.58 10.05 -11.24
CA ASP A 172 -4.45 10.54 -12.08
C ASP A 172 -4.09 9.45 -13.07
N ASN A 173 -3.15 9.70 -13.98
CA ASN A 173 -2.91 8.70 -15.04
C ASN A 173 -2.31 7.44 -14.43
N GLN A 174 -1.39 7.60 -13.51
CA GLN A 174 -0.89 6.48 -12.71
C GLN A 174 -0.53 7.06 -11.35
N ALA A 175 -1.31 6.72 -10.33
CA ALA A 175 -1.08 7.38 -9.04
C ALA A 175 -1.62 6.59 -7.85
N GLN A 176 -1.07 6.93 -6.69
CA GLN A 176 -1.59 6.49 -5.39
C GLN A 176 -2.77 7.38 -5.04
N CYS A 177 -3.65 6.88 -4.19
CA CYS A 177 -4.76 7.70 -3.66
C CYS A 177 -4.15 8.95 -3.03
N HIS A 178 -4.64 10.12 -3.43
CA HIS A 178 -4.19 11.40 -2.85
C HIS A 178 -5.32 12.42 -2.82
N MET A 179 -5.11 13.49 -2.07
CA MET A 179 -6.17 14.47 -1.82
C MET A 179 -5.65 15.90 -2.04
N TYR A 180 -6.53 16.75 -2.52
CA TYR A 180 -6.29 18.21 -2.58
C TYR A 180 -7.36 18.93 -1.77
N THR A 181 -6.99 19.95 -1.02
CA THR A 181 -8.01 20.81 -0.38
C THR A 181 -7.46 22.22 -0.19
N LEU A 182 -8.34 23.09 0.30
CA LEU A 182 -8.00 24.49 0.59
C LEU A 182 -7.07 24.50 1.80
N THR A 183 -5.97 25.24 1.74
CA THR A 183 -4.97 25.24 2.84
C THR A 183 -5.62 25.37 4.23
N PRO A 184 -6.48 26.37 4.52
CA PRO A 184 -7.07 26.52 5.85
C PRO A 184 -8.09 25.43 6.28
N LEU A 185 -8.45 24.50 5.39
CA LEU A 185 -9.33 23.36 5.72
C LEU A 185 -8.49 22.18 6.18
N TRP A 186 -7.18 22.40 6.29
CA TRP A 186 -6.29 21.41 6.90
C TRP A 186 -5.90 21.95 8.26
N PRO A 187 -5.95 21.20 9.37
CA PRO A 187 -6.29 19.78 9.44
C PRO A 187 -7.78 19.43 9.61
N ALA A 188 -8.68 20.36 9.35
CA ALA A 188 -10.13 20.15 9.54
C ALA A 188 -10.54 18.88 8.78
N MET A 189 -9.94 18.61 7.62
CA MET A 189 -10.37 17.47 6.79
C MET A 189 -9.38 16.31 6.94
N HIS A 190 -8.71 16.22 8.08
CA HIS A 190 -7.83 15.09 8.46
C HIS A 190 -8.63 13.78 8.45
N ASP A 191 -9.85 13.80 8.96
CA ASP A 191 -10.63 12.55 9.12
C ASP A 191 -10.94 12.00 7.72
N VAL A 192 -11.25 12.89 6.80
CA VAL A 192 -11.63 12.54 5.41
C VAL A 192 -10.41 11.89 4.76
N ALA A 193 -9.24 12.51 4.94
CA ALA A 193 -7.97 12.03 4.33
C ALA A 193 -7.65 10.65 4.87
N ALA A 194 -7.86 10.45 6.17
CA ALA A 194 -7.51 9.20 6.85
C ALA A 194 -8.43 8.08 6.37
N GLU A 195 -9.73 8.35 6.25
CA GLU A 195 -10.71 7.28 5.88
C GLU A 195 -10.44 6.79 4.46
N ILE A 196 -10.02 7.67 3.55
CA ILE A 196 -9.83 7.29 2.11
C ILE A 196 -8.39 6.80 1.89
N ASP A 197 -7.54 6.85 2.92
CA ASP A 197 -6.11 6.41 2.89
C ASP A 197 -5.33 7.22 1.85
N ALA A 198 -5.40 8.54 1.91
CA ALA A 198 -4.59 9.44 1.07
C ALA A 198 -3.11 9.21 1.39
N ARG A 199 -2.26 9.20 0.38
CA ARG A 199 -0.81 9.04 0.57
C ARG A 199 -0.12 10.37 0.27
N ALA A 200 -0.90 11.39 -0.02
CA ALA A 200 -0.43 12.78 -0.17
C ALA A 200 -1.63 13.70 0.00
N VAL A 201 -1.43 14.78 0.73
CA VAL A 201 -2.47 15.83 0.84
C VAL A 201 -1.84 17.13 0.37
N LEU A 202 -2.39 17.70 -0.69
CA LEU A 202 -1.81 18.88 -1.35
C LEU A 202 -2.67 20.12 -1.10
N LEU A 203 -2.04 21.13 -0.51
CA LEU A 203 -2.77 22.32 -0.02
C LEU A 203 -2.50 23.54 -0.89
N ALA A 204 -3.55 24.31 -1.18
CA ALA A 204 -3.43 25.62 -1.86
C ALA A 204 -4.59 26.52 -1.47
N GLU A 205 -4.40 27.82 -1.53
CA GLU A 205 -5.51 28.78 -1.34
C GLU A 205 -6.11 29.08 -2.70
N GLU A 206 -5.26 29.12 -3.72
CA GLU A 206 -5.67 29.40 -5.11
C GLU A 206 -4.71 28.63 -5.98
N SER A 207 -5.23 27.82 -6.87
CA SER A 207 -4.42 26.93 -7.72
C SER A 207 -4.40 27.46 -9.15
N GLY A 208 -4.91 26.67 -10.09
CA GLY A 208 -4.97 27.04 -11.50
C GLY A 208 -6.27 27.75 -11.83
N GLY A 209 -6.74 27.60 -13.07
CA GLY A 209 -7.88 28.34 -13.60
C GLY A 209 -9.20 27.88 -13.01
N HIS A 210 -9.44 28.14 -11.72
CA HIS A 210 -10.76 27.98 -11.06
C HIS A 210 -11.33 26.57 -11.22
N PRO A 211 -10.70 25.57 -10.56
CA PRO A 211 -11.24 24.21 -10.47
C PRO A 211 -12.46 24.12 -9.54
N PHE A 212 -13.21 23.02 -9.65
CA PHE A 212 -14.49 22.80 -8.93
C PHE A 212 -14.34 22.83 -7.41
N ASP A 213 -13.36 22.15 -6.84
CA ASP A 213 -13.29 22.04 -5.36
C ASP A 213 -13.06 23.43 -4.77
N GLU A 214 -12.18 24.22 -5.39
CA GLU A 214 -11.87 25.58 -4.92
C GLU A 214 -13.10 26.45 -5.20
N ALA A 215 -13.83 26.20 -6.28
CA ALA A 215 -15.05 26.98 -6.56
C ALA A 215 -16.02 26.83 -5.39
N CYS A 216 -16.05 25.66 -4.76
CA CYS A 216 -16.94 25.37 -3.60
C CYS A 216 -16.39 25.94 -2.29
N SER A 217 -15.10 25.79 -1.99
CA SER A 217 -14.57 26.15 -0.65
C SER A 217 -13.91 27.53 -0.60
N ALA A 218 -13.34 28.02 -1.69
CA ALA A 218 -12.55 29.28 -1.69
C ALA A 218 -13.41 30.47 -1.30
N PRO A 219 -14.67 30.58 -1.79
CA PRO A 219 -15.52 31.75 -1.53
C PRO A 219 -15.66 32.08 -0.05
N TRP A 220 -15.63 31.08 0.81
CA TRP A 220 -15.80 31.33 2.26
C TRP A 220 -14.55 31.99 2.81
N MET A 221 -13.40 31.62 2.28
CA MET A 221 -12.09 32.17 2.69
C MET A 221 -12.00 33.60 2.14
N ASN A 222 -12.39 33.78 0.89
CA ASN A 222 -12.27 35.09 0.22
C ASN A 222 -13.31 36.05 0.79
N LEU A 223 -14.51 35.57 1.16
CA LEU A 223 -15.53 36.46 1.76
C LEU A 223 -15.08 36.82 3.17
N SER A 224 -14.47 35.89 3.91
CA SER A 224 -13.97 36.18 5.28
C SER A 224 -13.00 37.36 5.18
N ARG A 225 -12.15 37.35 4.17
CA ARG A 225 -11.16 38.42 3.94
C ARG A 225 -11.85 39.69 3.47
N ALA A 226 -12.88 39.59 2.63
CA ALA A 226 -13.65 40.75 2.09
C ALA A 226 -14.39 41.44 3.23
N PHE A 227 -14.87 40.66 4.21
CA PHE A 227 -15.70 41.15 5.33
C PHE A 227 -15.12 40.73 6.67
N PRO A 228 -13.94 41.26 7.05
CA PRO A 228 -13.23 40.83 8.25
C PRO A 228 -13.90 41.24 9.57
N ASP A 229 -14.91 42.09 9.48
CA ASP A 229 -15.69 42.56 10.67
C ASP A 229 -16.80 41.57 11.01
N TYR A 230 -16.97 40.51 10.25
CA TYR A 230 -18.05 39.53 10.47
C TYR A 230 -17.47 38.13 10.55
N PRO A 231 -18.05 37.26 11.39
CA PRO A 231 -17.68 35.85 11.43
C PRO A 231 -18.19 35.08 10.20
N ILE A 232 -17.26 34.71 9.33
CA ILE A 232 -17.54 33.88 8.12
C ILE A 232 -16.65 32.66 8.20
N PRO A 233 -17.20 31.55 8.71
CA PRO A 233 -16.49 30.29 8.80
C PRO A 233 -16.41 29.62 7.41
N LEU A 234 -15.52 28.66 7.30
CA LEU A 234 -15.37 27.92 6.03
C LEU A 234 -16.47 26.86 5.99
N ALA A 235 -17.68 27.33 5.74
CA ALA A 235 -18.94 26.58 5.82
C ALA A 235 -18.94 25.41 4.84
N CYS A 236 -18.31 25.55 3.68
CA CYS A 236 -18.28 24.44 2.69
C CYS A 236 -16.89 23.80 2.72
N GLN A 237 -16.82 22.57 3.21
CA GLN A 237 -15.54 21.82 3.29
C GLN A 237 -15.43 20.93 2.06
N SER A 238 -14.66 21.36 1.08
CA SER A 238 -14.50 20.63 -0.19
C SER A 238 -13.11 20.02 -0.27
N ALA A 239 -13.03 18.93 -1.02
CA ALA A 239 -11.74 18.32 -1.34
C ALA A 239 -11.86 17.57 -2.66
N THR A 240 -10.72 17.41 -3.30
CA THR A 240 -10.59 16.53 -4.48
C THR A 240 -9.93 15.24 -4.02
N PHE A 241 -10.54 14.12 -4.32
CA PHE A 241 -9.92 12.82 -4.07
C PHE A 241 -9.49 12.20 -5.37
N ALA A 242 -8.19 12.03 -5.55
CA ALA A 242 -7.69 11.20 -6.64
C ALA A 242 -7.65 9.78 -6.10
N LEU A 243 -8.58 8.95 -6.53
CA LEU A 243 -8.81 7.66 -5.84
C LEU A 243 -7.84 6.59 -6.32
N GLY A 244 -7.02 6.92 -7.31
CA GLY A 244 -6.04 5.98 -7.86
C GLY A 244 -5.73 6.35 -9.29
N SER A 245 -5.42 5.36 -10.09
CA SER A 245 -5.06 5.56 -11.51
C SER A 245 -6.36 5.70 -12.29
N ASN A 246 -6.32 6.39 -13.42
CA ASN A 246 -7.52 6.63 -14.26
C ASN A 246 -8.23 5.31 -14.57
N ASP A 247 -7.47 4.25 -14.81
CA ASP A 247 -8.04 2.97 -15.31
C ASP A 247 -8.16 1.96 -14.17
N GLU A 248 -8.01 2.40 -12.93
CA GLU A 248 -8.02 1.45 -11.80
C GLU A 248 -9.46 1.13 -11.42
N VAL A 249 -10.05 0.20 -12.16
CA VAL A 249 -11.44 -0.27 -11.93
C VAL A 249 -11.34 -1.65 -11.34
N ASP A 250 -11.67 -1.75 -10.06
CA ASP A 250 -11.52 -3.00 -9.29
C ASP A 250 -12.69 -3.08 -8.31
N LEU A 251 -13.30 -4.25 -8.23
CA LEU A 251 -14.50 -4.49 -7.40
C LEU A 251 -14.16 -4.23 -5.94
N ARG A 252 -13.05 -4.78 -5.48
CA ARG A 252 -12.72 -4.71 -4.04
C ARG A 252 -12.44 -3.27 -3.72
N LEU A 253 -11.67 -2.60 -4.55
CA LEU A 253 -11.24 -1.22 -4.26
C LEU A 253 -12.48 -0.32 -4.22
N ALA A 254 -13.37 -0.45 -5.20
CA ALA A 254 -14.54 0.43 -5.28
C ALA A 254 -15.44 0.18 -4.08
N GLN A 255 -15.58 -1.07 -3.65
CA GLN A 255 -16.41 -1.39 -2.46
C GLN A 255 -15.75 -0.76 -1.23
N ASP A 256 -14.43 -0.86 -1.11
CA ASP A 256 -13.69 -0.31 0.06
C ASP A 256 -13.84 1.21 0.07
N GLN A 257 -13.78 1.84 -1.10
CA GLN A 257 -13.87 3.31 -1.19
C GLN A 257 -15.29 3.74 -0.90
N ALA A 258 -16.29 2.98 -1.35
CA ALA A 258 -17.71 3.27 -1.06
C ALA A 258 -17.90 3.21 0.46
N GLU A 259 -17.33 2.20 1.11
CA GLU A 259 -17.50 2.04 2.56
C GLU A 259 -16.80 3.19 3.27
N ALA A 260 -15.63 3.63 2.79
CA ALA A 260 -14.91 4.77 3.41
C ALA A 260 -15.79 6.01 3.28
N LEU A 261 -16.39 6.22 2.11
CA LEU A 261 -17.23 7.43 1.89
C LEU A 261 -18.43 7.37 2.83
N PHE A 262 -18.98 6.18 3.04
CA PHE A 262 -20.12 5.93 3.95
C PHE A 262 -19.69 6.32 5.37
N ARG A 263 -18.50 5.87 5.78
CA ARG A 263 -17.96 6.17 7.13
C ARG A 263 -17.79 7.69 7.27
N ILE A 264 -17.35 8.36 6.22
CA ILE A 264 -17.17 9.84 6.27
C ILE A 264 -18.55 10.47 6.49
N LEU A 265 -19.55 10.00 5.76
CA LEU A 265 -20.95 10.52 5.91
C LEU A 265 -21.43 10.27 7.35
N ILE A 266 -21.12 9.12 7.92
CA ILE A 266 -21.57 8.84 9.31
C ILE A 266 -20.88 9.83 10.25
N ARG A 267 -19.57 9.98 10.14
CA ARG A 267 -18.76 10.83 11.05
C ARG A 267 -19.29 12.26 10.99
N ARG A 268 -19.78 12.69 9.85
CA ARG A 268 -20.18 14.10 9.67
C ARG A 268 -21.69 14.30 9.83
N GLY A 269 -22.41 13.31 10.38
CA GLY A 269 -23.80 13.44 10.85
C GLY A 269 -24.82 13.28 9.74
N PHE A 270 -24.56 12.44 8.75
CA PHE A 270 -25.56 12.18 7.69
C PHE A 270 -26.28 10.86 7.93
N ILE A 271 -25.75 9.99 8.77
CA ILE A 271 -26.34 8.62 8.93
C ILE A 271 -26.53 8.29 10.40
N GLU A 272 -27.74 7.86 10.75
CA GLU A 272 -28.17 7.50 12.12
C GLU A 272 -27.78 6.05 12.45
N ASP A 273 -27.63 5.77 13.75
CA ASP A 273 -27.65 4.41 14.35
C ASP A 273 -26.50 3.56 13.80
N VAL A 274 -25.37 4.15 13.42
CA VAL A 274 -24.24 3.30 12.97
C VAL A 274 -22.99 3.65 13.76
N HIS A 275 -22.41 2.65 14.38
CA HIS A 275 -21.13 2.82 15.10
C HIS A 275 -20.01 2.79 14.09
N VAL A 276 -19.08 3.73 14.17
CA VAL A 276 -17.97 3.75 13.18
C VAL A 276 -16.70 3.18 13.79
N GLY A 277 -16.32 3.68 14.97
CA GLY A 277 -15.10 3.25 15.66
C GLY A 277 -13.93 4.18 15.40
N GLU A 278 -12.73 3.68 15.70
CA GLU A 278 -11.50 4.51 15.74
C GLU A 278 -11.13 4.93 14.32
N LEU A 279 -10.70 6.17 14.16
CA LEU A 279 -10.22 6.71 12.87
C LEU A 279 -8.91 6.01 12.50
N PRO A 280 -8.74 5.57 11.24
CA PRO A 280 -7.46 5.07 10.75
C PRO A 280 -6.39 6.17 10.81
N GLN A 281 -5.16 5.81 11.08
CA GLN A 281 -4.13 6.87 11.16
C GLN A 281 -3.68 7.22 9.74
N LEU A 282 -3.61 8.52 9.43
CA LEU A 282 -3.21 9.03 8.10
C LEU A 282 -1.73 8.75 7.83
N ALA A 283 -1.45 8.25 6.62
CA ALA A 283 -0.13 7.77 6.16
C ALA A 283 0.75 8.91 5.66
N CYS A 284 0.31 10.16 5.68
CA CYS A 284 1.11 11.28 5.15
C CYS A 284 0.79 12.58 5.89
N GLU A 285 1.66 13.57 5.72
CA GLU A 285 1.41 14.93 6.24
C GLU A 285 0.87 15.78 5.10
N GLY A 286 0.13 16.83 5.43
CA GLY A 286 -0.26 17.86 4.47
C GLY A 286 0.96 18.60 3.98
N THR A 287 1.09 18.78 2.67
CA THR A 287 2.18 19.59 2.08
C THR A 287 1.58 20.63 1.14
N LEU A 288 2.34 21.66 0.82
CA LEU A 288 1.83 22.68 -0.11
C LEU A 288 1.93 22.19 -1.55
N LEU A 289 0.95 22.56 -2.35
CA LEU A 289 0.93 22.23 -3.78
C LEU A 289 2.13 22.92 -4.44
N GLU A 290 2.49 24.12 -3.96
CA GLU A 290 3.59 24.92 -4.52
C GLU A 290 4.93 24.22 -4.26
N ALA A 291 4.97 23.25 -3.34
CA ALA A 291 6.19 22.50 -2.98
C ALA A 291 6.26 21.21 -3.81
N MET A 292 5.25 20.96 -4.64
CA MET A 292 5.20 19.73 -5.44
C MET A 292 6.07 19.90 -6.68
N GLN A 293 6.87 18.89 -7.00
CA GLN A 293 7.67 18.92 -8.24
C GLN A 293 6.92 18.19 -9.33
N GLN A 294 6.74 18.84 -10.46
CA GLN A 294 6.29 18.14 -11.69
C GLN A 294 7.54 17.67 -12.41
N LEU A 295 7.64 16.39 -12.68
CA LEU A 295 8.76 15.85 -13.48
C LEU A 295 8.37 16.02 -14.93
N LYS A 296 9.19 16.69 -15.70
CA LYS A 296 8.85 16.88 -17.12
C LYS A 296 9.89 16.23 -18.01
N ALA A 297 9.41 15.68 -19.10
CA ALA A 297 10.26 15.12 -20.16
C ALA A 297 10.82 16.29 -20.94
N PRO A 298 12.16 16.43 -21.03
CA PRO A 298 12.78 17.51 -21.80
C PRO A 298 12.80 17.17 -23.29
N CYS A 299 12.44 15.94 -23.64
CA CYS A 299 12.48 15.48 -25.04
C CYS A 299 11.51 14.33 -25.25
N GLN A 300 11.29 13.95 -26.50
CA GLN A 300 10.40 12.84 -26.87
C GLN A 300 11.15 11.52 -26.62
N GLY A 301 10.42 10.45 -26.32
CA GLY A 301 11.01 9.11 -26.19
C GLY A 301 10.29 8.23 -25.18
N LEU A 302 10.84 7.03 -24.97
CA LEU A 302 10.26 6.04 -24.03
C LEU A 302 10.42 6.57 -22.61
N ILE A 303 9.41 6.38 -21.77
CA ILE A 303 9.55 6.78 -20.36
C ILE A 303 9.96 5.55 -19.57
N VAL A 304 11.16 5.59 -19.04
CA VAL A 304 11.70 4.47 -18.24
C VAL A 304 11.79 4.93 -16.80
N TYR A 305 11.00 4.34 -15.93
CA TYR A 305 11.00 4.76 -14.51
C TYR A 305 12.02 3.94 -13.73
N HIS A 306 12.71 4.60 -12.82
CA HIS A 306 13.70 3.92 -11.94
C HIS A 306 13.13 3.79 -10.55
N ASN A 307 12.11 4.58 -10.26
CA ASN A 307 11.42 4.51 -8.95
C ASN A 307 10.02 3.94 -9.16
N ARG A 308 9.57 3.19 -8.16
CA ARG A 308 8.21 2.64 -8.22
C ARG A 308 7.26 3.66 -7.64
N LEU A 309 6.00 3.52 -7.99
CA LEU A 309 4.95 4.42 -7.53
C LEU A 309 4.90 4.31 -6.02
N GLY A 310 4.98 5.45 -5.34
CA GLY A 310 4.89 5.50 -3.87
C GLY A 310 6.23 5.57 -3.19
N ASP A 311 7.34 5.43 -3.93
CA ASP A 311 8.70 5.54 -3.34
C ASP A 311 8.89 6.91 -2.73
N PHE A 312 9.59 6.95 -1.61
CA PHE A 312 10.13 8.20 -1.06
C PHE A 312 11.43 8.45 -1.78
N VAL A 313 11.59 9.64 -2.35
CA VAL A 313 12.79 9.95 -3.18
C VAL A 313 13.46 11.18 -2.59
N ARG A 314 14.74 11.32 -2.88
CA ARG A 314 15.54 12.43 -2.32
C ARG A 314 16.08 13.29 -3.45
N SER A 315 16.28 14.56 -3.15
CA SER A 315 16.85 15.52 -4.13
C SER A 315 18.14 14.91 -4.69
N GLY A 316 18.24 14.88 -6.02
CA GLY A 316 19.43 14.36 -6.72
C GLY A 316 19.21 12.95 -7.23
N ASP A 317 18.20 12.23 -6.74
CA ASP A 317 17.93 10.84 -7.18
C ASP A 317 17.49 10.80 -8.64
N LYS A 318 17.96 9.80 -9.36
CA LYS A 318 17.48 9.56 -10.74
C LYS A 318 16.13 8.87 -10.63
N VAL A 319 15.08 9.50 -11.12
CA VAL A 319 13.72 8.96 -10.91
C VAL A 319 13.22 8.33 -12.20
N VAL A 320 13.50 8.97 -13.31
CA VAL A 320 12.96 8.53 -14.61
C VAL A 320 13.94 8.97 -15.70
N SER A 321 14.00 8.22 -16.79
CA SER A 321 14.85 8.54 -17.96
C SER A 321 13.98 8.59 -19.20
N ILE A 322 14.34 9.43 -20.15
CA ILE A 322 13.68 9.41 -21.48
C ILE A 322 14.64 8.74 -22.43
N VAL A 323 14.18 7.67 -23.06
CA VAL A 323 15.05 6.86 -23.93
C VAL A 323 14.55 6.93 -25.36
N ASP A 324 15.39 7.48 -26.24
CA ASP A 324 15.09 7.50 -27.67
C ASP A 324 15.64 6.21 -28.24
N PRO A 325 14.78 5.28 -28.69
CA PRO A 325 15.22 3.96 -29.14
C PRO A 325 16.17 4.04 -30.35
N ILE A 326 16.19 5.17 -31.04
CA ILE A 326 17.11 5.37 -32.20
C ILE A 326 17.98 6.59 -31.93
N GLY A 327 18.12 6.96 -30.67
CA GLY A 327 18.91 8.14 -30.27
C GLY A 327 19.52 8.01 -28.88
N GLU A 328 19.42 9.09 -28.11
CA GLU A 328 20.13 9.27 -26.82
C GLU A 328 19.19 9.03 -25.62
N THR A 329 19.79 8.87 -24.44
CA THR A 329 19.06 8.75 -23.16
C THR A 329 19.30 10.00 -22.32
N VAL A 330 18.23 10.54 -21.73
CA VAL A 330 18.33 11.71 -20.83
C VAL A 330 17.78 11.35 -19.45
N ASP A 331 18.57 11.56 -18.42
CA ASP A 331 18.20 11.24 -17.02
C ASP A 331 17.48 12.43 -16.38
N ILE A 332 16.39 12.15 -15.66
CA ILE A 332 15.59 13.19 -14.96
C ILE A 332 15.66 12.97 -13.46
N LEU A 333 16.04 14.02 -12.73
CA LEU A 333 16.31 13.92 -11.27
C LEU A 333 15.22 14.56 -10.45
N ALA A 334 15.05 14.06 -9.23
CA ALA A 334 14.24 14.71 -8.18
C ALA A 334 14.99 15.97 -7.75
N HIS A 335 14.27 17.06 -7.55
CA HIS A 335 14.86 18.33 -7.06
C HIS A 335 14.35 18.63 -5.65
N THR A 336 13.67 17.68 -5.05
CA THR A 336 13.11 17.86 -3.70
C THR A 336 12.92 16.50 -3.07
N ASP A 337 12.94 16.46 -1.75
CA ASP A 337 12.63 15.23 -1.00
C ASP A 337 11.12 15.08 -0.95
N GLY A 338 10.60 13.88 -1.13
CA GLY A 338 9.15 13.66 -1.01
C GLY A 338 8.67 12.35 -1.58
N VAL A 339 7.35 12.22 -1.72
CA VAL A 339 6.77 10.92 -2.16
C VAL A 339 6.39 11.02 -3.63
N LEU A 340 6.84 10.05 -4.42
CA LEU A 340 6.50 9.92 -5.84
C LEU A 340 5.09 9.34 -5.92
N PHE A 341 4.09 10.16 -5.62
CA PHE A 341 2.69 9.72 -5.53
C PHE A 341 2.11 9.55 -6.93
N ALA A 342 2.71 10.12 -7.97
CA ALA A 342 2.20 9.94 -9.35
C ALA A 342 3.32 9.75 -10.37
N ARG A 343 3.02 8.94 -11.38
CA ARG A 343 3.87 8.70 -12.56
C ARG A 343 3.01 8.97 -13.79
N HIS A 344 2.94 8.04 -14.75
CA HIS A 344 2.02 8.16 -15.91
C HIS A 344 1.75 6.79 -16.51
N SER A 345 0.57 6.62 -17.09
CA SER A 345 0.11 5.34 -17.67
C SER A 345 0.67 5.14 -19.06
N GLN A 346 0.87 6.21 -19.84
CA GLN A 346 1.37 6.03 -21.23
C GLN A 346 2.87 6.32 -21.24
N THR A 347 3.67 5.30 -21.44
CA THR A 347 5.13 5.35 -21.22
C THR A 347 5.87 5.83 -22.47
N TYR A 348 5.46 6.96 -23.03
CA TYR A 348 6.17 7.67 -24.11
C TYR A 348 5.92 9.15 -23.93
N ALA A 349 6.95 9.96 -24.15
CA ALA A 349 6.90 11.40 -23.86
C ALA A 349 6.91 12.22 -25.15
N TYR A 350 6.35 13.41 -25.00
CA TYR A 350 6.57 14.58 -25.85
C TYR A 350 7.23 15.61 -24.95
N PRO A 351 7.99 16.57 -25.51
CA PRO A 351 8.66 17.57 -24.69
C PRO A 351 7.67 18.35 -23.82
N ASN A 352 8.04 18.51 -22.55
CA ASN A 352 7.29 19.21 -21.47
C ASN A 352 6.11 18.38 -20.99
N LYS A 353 6.06 17.10 -21.34
CA LYS A 353 5.03 16.21 -20.78
C LYS A 353 5.29 16.04 -19.29
N VAL A 354 4.27 16.16 -18.48
CA VAL A 354 4.42 15.82 -17.04
C VAL A 354 4.36 14.31 -16.92
N ILE A 355 5.40 13.73 -16.37
CA ILE A 355 5.57 12.25 -16.34
C ILE A 355 5.66 11.79 -14.89
N GLY A 356 5.36 12.67 -13.94
CA GLY A 356 5.39 12.25 -12.53
C GLY A 356 5.31 13.43 -11.57
N LYS A 357 5.01 13.13 -10.32
CA LYS A 357 4.83 14.16 -9.29
C LYS A 357 5.43 13.70 -7.96
N ILE A 358 6.19 14.60 -7.34
CA ILE A 358 6.80 14.40 -6.00
C ILE A 358 6.23 15.43 -5.04
N ALA A 359 5.62 14.97 -3.96
CA ALA A 359 5.05 15.83 -2.91
C ALA A 359 6.14 16.18 -1.90
N GLY A 360 6.67 17.41 -1.99
CA GLY A 360 7.77 17.89 -1.14
C GLY A 360 7.31 18.90 -0.11
N LYS A 361 8.23 19.46 0.67
CA LYS A 361 7.85 20.41 1.74
C LYS A 361 8.42 21.80 1.50
N GLU A 362 9.20 22.02 0.44
CA GLU A 362 9.85 23.33 0.14
C GLU A 362 10.68 23.82 1.33
N PRO A 363 11.67 23.02 1.79
CA PRO A 363 12.57 23.43 2.87
C PRO A 363 13.61 24.48 2.47
N LEU A 364 14.30 25.08 3.44
CA LEU A 364 15.40 26.04 3.20
C LEU A 364 16.36 26.05 4.39
N THR B 1 30.36 -1.03 -38.32
CA THR B 1 29.43 -1.79 -37.45
C THR B 1 28.10 -2.05 -38.16
N SER B 2 27.41 -0.97 -38.52
CA SER B 2 26.08 -1.05 -39.16
C SER B 2 25.88 0.11 -40.11
N ALA B 3 25.10 -0.18 -41.14
CA ALA B 3 24.62 0.82 -42.11
C ALA B 3 23.38 1.49 -41.52
N CYS B 4 23.17 2.75 -41.86
CA CYS B 4 21.96 3.46 -41.40
C CYS B 4 21.38 4.24 -42.57
N GLU B 5 20.10 3.99 -42.87
CA GLU B 5 19.38 4.80 -43.88
C GLU B 5 18.23 5.51 -43.21
N ASN B 6 17.93 6.67 -43.72
CA ASN B 6 16.72 7.41 -43.31
C ASN B 6 15.83 7.56 -44.52
N PHE B 7 14.81 6.74 -44.60
CA PHE B 7 13.89 6.76 -45.74
C PHE B 7 12.85 7.84 -45.51
N LEU B 8 12.70 8.73 -46.48
CA LEU B 8 11.79 9.89 -46.33
C LEU B 8 10.46 9.59 -46.98
N LEU B 9 9.42 9.78 -46.20
CA LEU B 9 8.01 9.69 -46.64
C LEU B 9 7.65 11.05 -47.25
N PRO B 10 6.64 11.10 -48.12
CA PRO B 10 6.14 12.35 -48.65
C PRO B 10 5.49 13.17 -47.53
N ALA B 11 5.46 14.49 -47.69
CA ALA B 11 4.97 15.42 -46.65
C ALA B 11 3.48 15.17 -46.37
N ASP B 12 3.11 15.28 -45.10
CA ASP B 12 1.73 15.06 -44.59
C ASP B 12 0.91 16.34 -44.78
N GLN B 13 -0.28 16.38 -44.18
CA GLN B 13 -1.25 17.49 -44.32
C GLN B 13 -0.69 18.80 -43.73
N ASP B 14 0.34 18.73 -42.89
CA ASP B 14 0.93 19.94 -42.25
C ASP B 14 2.20 20.32 -43.00
N GLY B 15 2.50 19.62 -44.10
CA GLY B 15 3.74 19.83 -44.88
C GLY B 15 4.95 19.27 -44.17
N ILE B 16 4.78 18.24 -43.33
CA ILE B 16 5.93 17.67 -42.58
C ILE B 16 6.33 16.34 -43.20
N GLN B 17 7.62 16.23 -43.46
CA GLN B 17 8.22 15.02 -44.04
C GLN B 17 8.77 14.16 -42.89
N ARG B 18 8.27 12.94 -42.75
CA ARG B 18 8.71 12.02 -41.67
C ARG B 18 9.70 10.99 -42.22
N GLN B 19 10.58 10.45 -41.39
CA GLN B 19 11.56 9.47 -41.89
C GLN B 19 11.54 8.19 -41.07
N VAL B 20 11.83 7.09 -41.75
CA VAL B 20 11.96 5.75 -41.14
C VAL B 20 13.44 5.44 -41.04
N THR B 21 13.94 5.27 -39.82
CA THR B 21 15.36 4.96 -39.62
C THR B 21 15.55 3.44 -39.68
N ILE B 22 16.41 2.99 -40.58
CA ILE B 22 16.64 1.54 -40.80
C ILE B 22 18.10 1.22 -40.52
N PHE B 23 18.36 0.22 -39.69
CA PHE B 23 19.75 -0.20 -39.42
C PHE B 23 20.02 -1.55 -40.06
N ARG B 24 21.21 -1.74 -40.60
CA ARG B 24 21.58 -3.05 -41.19
C ARG B 24 22.92 -3.52 -40.65
N TYR B 25 22.98 -4.75 -40.15
CA TYR B 25 24.19 -5.22 -39.43
C TYR B 25 25.03 -6.19 -40.22
N GLY B 26 24.57 -6.63 -41.38
CA GLY B 26 25.31 -7.68 -42.09
C GLY B 26 26.01 -7.18 -43.32
N GLN B 27 26.01 -8.01 -44.35
CA GLN B 27 26.54 -7.69 -45.69
C GLN B 27 25.37 -7.08 -46.46
N GLU B 28 25.17 -7.36 -47.73
CA GLU B 28 23.95 -6.85 -48.42
C GLU B 28 23.46 -7.90 -49.38
N ASN B 29 22.16 -8.22 -49.33
CA ASN B 29 21.54 -9.28 -50.18
C ASN B 29 22.29 -10.59 -49.95
N SER B 30 22.62 -10.86 -48.69
CA SER B 30 23.60 -11.91 -48.31
C SER B 30 22.97 -13.04 -47.49
N ALA B 31 23.51 -14.24 -47.71
CA ALA B 31 23.40 -15.46 -46.88
C ALA B 31 21.96 -15.65 -46.41
N PRO B 32 21.68 -15.94 -45.12
CA PRO B 32 20.32 -15.77 -44.59
C PRO B 32 19.98 -14.30 -44.32
N LYS B 33 18.71 -13.93 -44.51
CA LYS B 33 18.27 -12.54 -44.21
C LYS B 33 17.21 -12.53 -43.11
N ALA B 34 17.42 -11.68 -42.10
CA ALA B 34 16.49 -11.47 -40.98
C ALA B 34 15.97 -10.04 -41.05
N TYR B 35 14.71 -9.88 -40.71
CA TYR B 35 14.07 -8.56 -40.61
C TYR B 35 13.31 -8.51 -39.30
N LEU B 36 13.61 -7.50 -38.51
CA LEU B 36 12.93 -7.26 -37.22
C LEU B 36 12.48 -5.82 -37.19
N GLN B 37 11.20 -5.60 -36.95
CA GLN B 37 10.68 -4.22 -36.82
C GLN B 37 9.83 -4.13 -35.57
N ALA B 38 9.72 -2.92 -35.07
CA ALA B 38 8.85 -2.63 -33.91
C ALA B 38 8.20 -1.27 -34.12
N GLY B 39 7.08 -1.05 -33.43
CA GLY B 39 6.41 0.25 -33.40
C GLY B 39 5.59 0.53 -34.65
N LEU B 40 5.10 -0.49 -35.34
CA LEU B 40 4.20 -0.29 -36.49
C LEU B 40 2.94 0.36 -35.95
N HIS B 41 2.49 -0.10 -34.79
CA HIS B 41 1.45 0.63 -34.06
C HIS B 41 2.33 1.52 -33.16
N ALA B 42 2.28 2.83 -33.33
CA ALA B 42 3.27 3.70 -32.68
C ALA B 42 2.99 3.81 -31.19
N ASP B 43 1.90 3.25 -30.69
CA ASP B 43 1.58 3.35 -29.25
C ASP B 43 1.89 2.01 -28.57
N GLU B 44 2.57 1.11 -29.26
CA GLU B 44 3.01 -0.21 -28.73
C GLU B 44 4.52 -0.16 -28.48
N PHE B 45 4.95 0.00 -27.24
CA PHE B 45 6.34 0.41 -26.87
C PHE B 45 7.36 -0.71 -26.62
N PRO B 46 7.03 -1.86 -25.99
CA PRO B 46 8.03 -2.85 -25.56
C PRO B 46 9.05 -3.26 -26.63
N GLY B 47 8.60 -3.39 -27.88
CA GLY B 47 9.46 -3.79 -29.01
C GLY B 47 10.48 -2.71 -29.32
N MET B 48 10.12 -1.46 -29.09
CA MET B 48 10.99 -0.30 -29.42
C MET B 48 12.23 -0.42 -28.53
N LEU B 49 12.00 -0.68 -27.25
CA LEU B 49 13.11 -0.73 -26.28
C LEU B 49 13.88 -2.02 -26.49
N ALA B 50 13.19 -3.12 -26.80
CA ALA B 50 13.85 -4.43 -27.01
C ALA B 50 14.80 -4.30 -28.21
N LEU B 51 14.41 -3.64 -29.29
CA LEU B 51 15.31 -3.57 -30.47
C LEU B 51 16.45 -2.59 -30.16
N LYS B 52 16.25 -1.58 -29.30
CA LYS B 52 17.40 -0.72 -28.88
C LYS B 52 18.46 -1.62 -28.25
N TYR B 53 18.05 -2.50 -27.36
CA TYR B 53 19.02 -3.38 -26.65
C TYR B 53 19.53 -4.46 -27.59
N LEU B 54 18.72 -4.93 -28.55
CA LEU B 54 19.21 -5.96 -29.48
C LEU B 54 20.33 -5.32 -30.31
N ARG B 55 20.18 -4.06 -30.67
CA ARG B 55 21.24 -3.34 -31.41
C ARG B 55 22.51 -3.32 -30.57
N ASP B 56 22.43 -3.07 -29.28
CA ASP B 56 23.67 -3.06 -28.44
C ASP B 56 24.35 -4.43 -28.60
N LEU B 57 23.58 -5.52 -28.56
CA LEU B 57 24.14 -6.89 -28.66
C LEU B 57 24.74 -7.08 -30.05
N LEU B 58 24.07 -6.60 -31.09
CA LEU B 58 24.51 -6.76 -32.49
C LEU B 58 25.72 -5.87 -32.76
N ASP B 59 25.84 -4.71 -32.12
CA ASP B 59 27.03 -3.84 -32.32
C ASP B 59 28.25 -4.65 -31.87
N GLU B 60 28.13 -5.35 -30.75
CA GLU B 60 29.23 -6.18 -30.21
C GLU B 60 29.46 -7.37 -31.16
N ALA B 61 28.41 -8.01 -31.65
CA ALA B 61 28.58 -9.15 -32.57
C ALA B 61 29.29 -8.67 -33.83
N ALA B 62 28.98 -7.46 -34.28
CA ALA B 62 29.57 -6.88 -35.50
C ALA B 62 31.05 -6.59 -35.24
N ARG B 63 31.37 -6.04 -34.08
CA ARG B 63 32.75 -5.68 -33.70
C ARG B 63 33.60 -6.95 -33.71
N ARG B 64 33.02 -8.05 -33.24
CA ARG B 64 33.70 -9.36 -33.12
C ARG B 64 33.65 -10.10 -34.48
N ASN B 65 33.08 -9.49 -35.51
CA ASN B 65 32.99 -10.04 -36.89
C ASN B 65 32.18 -11.35 -36.89
N ARG B 66 31.05 -11.39 -36.19
CA ARG B 66 30.25 -12.64 -36.03
C ARG B 66 28.91 -12.57 -36.77
N ILE B 67 28.65 -11.55 -37.57
CA ILE B 67 27.35 -11.50 -38.30
C ILE B 67 27.47 -12.33 -39.58
N LYS B 68 26.60 -13.32 -39.75
CA LYS B 68 26.73 -14.30 -40.84
C LYS B 68 25.88 -13.93 -42.06
N GLY B 69 24.79 -13.19 -41.88
CA GLY B 69 23.91 -12.86 -43.02
C GLY B 69 23.62 -11.39 -43.08
N GLU B 70 22.38 -11.03 -43.41
CA GLU B 70 21.93 -9.62 -43.35
C GLU B 70 20.85 -9.50 -42.29
N ILE B 71 21.07 -8.70 -41.27
CA ILE B 71 20.05 -8.48 -40.21
C ILE B 71 19.54 -7.05 -40.30
N VAL B 72 18.24 -6.90 -40.52
CA VAL B 72 17.62 -5.56 -40.66
C VAL B 72 16.83 -5.22 -39.39
N ILE B 73 17.17 -4.10 -38.75
CA ILE B 73 16.53 -3.67 -37.48
C ILE B 73 15.82 -2.32 -37.66
N ILE B 74 14.52 -2.28 -37.38
CA ILE B 74 13.74 -1.01 -37.43
C ILE B 74 12.98 -0.84 -36.12
N PRO B 75 13.59 -0.19 -35.11
CA PRO B 75 12.96 0.03 -33.80
C PRO B 75 11.66 0.84 -33.82
N GLN B 76 11.53 1.75 -34.78
CA GLN B 76 10.31 2.58 -34.93
C GLN B 76 9.93 2.58 -36.41
N ALA B 77 9.11 1.61 -36.79
CA ALA B 77 8.70 1.35 -38.19
C ALA B 77 7.66 2.37 -38.61
N ASN B 78 7.15 3.17 -37.68
CA ASN B 78 6.02 4.06 -38.02
C ASN B 78 6.14 5.43 -37.35
N PRO B 79 6.87 6.32 -38.03
CA PRO B 79 7.09 7.68 -37.56
C PRO B 79 5.85 8.57 -37.79
N ILE B 80 4.85 8.05 -38.50
CA ILE B 80 3.62 8.83 -38.77
C ILE B 80 2.80 8.78 -37.48
N GLY B 81 2.50 7.55 -37.07
CA GLY B 81 1.69 7.28 -35.88
C GLY B 81 2.35 7.88 -34.65
N LEU B 82 3.69 7.92 -34.64
CA LEU B 82 4.47 8.36 -33.45
C LEU B 82 4.24 9.84 -33.18
N SER B 83 3.76 10.59 -34.17
CA SER B 83 3.56 12.06 -34.06
C SER B 83 2.10 12.36 -33.68
N GLN B 84 1.23 11.36 -33.68
CA GLN B 84 -0.23 11.61 -33.60
C GLN B 84 -0.67 11.74 -32.13
N TRP B 85 -0.39 12.89 -31.52
CA TRP B 85 -0.83 13.18 -30.13
C TRP B 85 -2.17 13.89 -30.13
N LYS B 86 -3.06 13.52 -29.22
CA LYS B 86 -4.34 14.25 -28.99
C LYS B 86 -4.60 14.34 -27.49
N ASP B 87 -4.72 15.56 -26.97
CA ASP B 87 -5.07 15.81 -25.56
C ASP B 87 -4.09 15.07 -24.65
N GLY B 88 -2.82 15.02 -25.06
CA GLY B 88 -1.71 14.45 -24.27
C GLY B 88 -1.59 12.95 -24.41
N PHE B 89 -2.37 12.32 -25.29
N PHE B 89 -2.34 12.37 -25.34
CA PHE B 89 -2.29 10.86 -25.50
CA PHE B 89 -2.32 10.89 -25.50
C PHE B 89 -1.85 10.56 -26.92
C PHE B 89 -1.90 10.53 -26.93
N LEU B 90 -1.09 9.46 -27.05
CA LEU B 90 -0.58 9.06 -28.37
C LEU B 90 -1.56 8.06 -28.95
N LEU B 91 -2.12 8.39 -30.10
CA LEU B 91 -3.03 7.47 -30.82
C LEU B 91 -2.27 6.97 -32.04
N GLY B 92 -1.66 5.79 -31.93
CA GLY B 92 -0.68 5.32 -32.93
C GLY B 92 -1.22 4.17 -33.76
N ARG B 93 -2.49 3.81 -33.62
CA ARG B 93 -3.03 2.59 -34.27
C ARG B 93 -3.56 2.92 -35.67
N PHE B 94 -4.15 4.09 -35.86
CA PHE B 94 -4.74 4.47 -37.16
C PHE B 94 -4.07 5.71 -37.69
N ASP B 95 -4.00 5.79 -39.02
CA ASP B 95 -3.40 6.91 -39.76
C ASP B 95 -4.37 8.07 -39.84
N HIS B 96 -3.97 9.23 -39.36
CA HIS B 96 -4.88 10.40 -39.32
C HIS B 96 -5.39 10.72 -40.73
N GLN B 97 -4.50 10.71 -41.72
CA GLN B 97 -4.82 11.21 -43.08
C GLN B 97 -5.81 10.26 -43.77
N THR B 98 -5.63 8.96 -43.66
CA THR B 98 -6.46 7.99 -44.43
C THR B 98 -7.50 7.31 -43.55
N GLY B 99 -7.27 7.29 -42.24
CA GLY B 99 -8.14 6.59 -41.28
C GLY B 99 -7.85 5.11 -41.26
N THR B 100 -6.85 4.67 -41.99
CA THR B 100 -6.56 3.23 -42.10
C THR B 100 -5.69 2.74 -40.94
N ASN B 101 -5.78 1.46 -40.69
CA ASN B 101 -4.98 0.79 -39.66
C ASN B 101 -3.57 0.61 -40.20
N PHE B 102 -2.57 0.93 -39.39
CA PHE B 102 -1.16 0.87 -39.84
C PHE B 102 -0.73 -0.58 -40.10
N ASN B 103 -1.41 -1.57 -39.51
CA ASN B 103 -1.07 -2.99 -39.74
C ASN B 103 -2.17 -3.66 -40.55
N ARG B 104 -2.71 -2.97 -41.53
CA ARG B 104 -3.68 -3.55 -42.49
C ARG B 104 -3.35 -3.03 -43.88
N ASP B 105 -3.99 -3.65 -44.88
CA ASP B 105 -3.96 -3.26 -46.31
C ASP B 105 -2.55 -3.35 -46.88
N TYR B 106 -1.79 -4.40 -46.53
CA TYR B 106 -0.51 -4.66 -47.19
C TYR B 106 -0.77 -5.37 -48.52
N PRO B 107 0.14 -5.20 -49.49
CA PRO B 107 0.03 -5.88 -50.78
C PRO B 107 0.02 -7.41 -50.70
N ASP B 108 -0.76 -8.04 -51.58
CA ASP B 108 -0.76 -9.51 -51.74
C ASP B 108 0.27 -9.86 -52.81
N LEU B 109 1.43 -10.37 -52.39
CA LEU B 109 2.55 -10.66 -53.32
C LEU B 109 2.27 -11.93 -54.11
N CYS B 110 1.24 -12.68 -53.79
CA CYS B 110 0.86 -13.84 -54.63
C CYS B 110 0.14 -13.24 -55.83
N GLN B 111 -0.87 -12.43 -55.56
CA GLN B 111 -1.68 -11.83 -56.65
C GLN B 111 -0.77 -11.02 -57.56
N LEU B 112 0.29 -10.41 -57.03
CA LEU B 112 1.20 -9.57 -57.82
C LEU B 112 2.23 -10.39 -58.62
N THR B 113 2.42 -11.68 -58.33
CA THR B 113 3.55 -12.45 -58.95
C THR B 113 3.07 -13.67 -59.73
N VAL B 114 1.85 -14.16 -59.53
CA VAL B 114 1.38 -15.42 -60.19
C VAL B 114 1.53 -15.32 -61.70
N GLU B 115 1.16 -14.21 -62.32
CA GLU B 115 1.23 -14.12 -63.80
C GLU B 115 2.69 -14.17 -64.24
N LYS B 116 3.53 -13.39 -63.56
CA LYS B 116 4.96 -13.22 -63.91
C LYS B 116 5.69 -14.56 -63.80
N LEU B 117 5.31 -15.39 -62.82
CA LEU B 117 5.99 -16.67 -62.50
C LEU B 117 5.54 -17.82 -63.41
N ASP B 118 4.55 -17.60 -64.29
CA ASP B 118 3.89 -18.71 -65.03
C ASP B 118 4.93 -19.64 -65.66
N GLY B 119 5.97 -19.09 -66.29
CA GLY B 119 6.94 -19.91 -67.04
C GLY B 119 8.28 -20.02 -66.33
N GLN B 120 8.40 -19.65 -65.05
CA GLN B 120 9.76 -19.41 -64.47
C GLN B 120 10.11 -20.45 -63.40
N LEU B 121 9.22 -21.37 -63.08
CA LEU B 121 9.47 -22.32 -61.97
C LEU B 121 10.02 -23.63 -62.51
N THR B 122 10.84 -24.29 -61.70
CA THR B 122 11.46 -25.58 -62.05
C THR B 122 11.41 -26.55 -60.86
N GLU B 123 12.12 -27.68 -60.99
CA GLU B 123 12.11 -28.79 -60.02
C GLU B 123 12.93 -28.43 -58.78
N ASN B 124 13.75 -27.39 -58.88
CA ASN B 124 14.75 -27.04 -57.85
C ASN B 124 14.14 -25.98 -56.92
N ALA B 125 13.85 -26.36 -55.67
CA ALA B 125 13.17 -25.47 -54.69
C ALA B 125 14.01 -24.20 -54.48
N GLU B 126 15.32 -24.32 -54.36
CA GLU B 126 16.20 -23.16 -54.03
C GLU B 126 16.10 -22.17 -55.20
N HIS B 127 16.08 -22.69 -56.42
CA HIS B 127 15.93 -21.85 -57.64
C HIS B 127 14.60 -21.11 -57.55
N ASN B 128 13.54 -21.85 -57.24
CA ASN B 128 12.19 -21.25 -57.18
C ASN B 128 12.20 -20.14 -56.14
N ILE B 129 12.89 -20.33 -55.01
CA ILE B 129 12.91 -19.31 -53.94
C ILE B 129 13.53 -18.03 -54.49
N ASP B 130 14.67 -18.15 -55.15
CA ASP B 130 15.40 -16.96 -55.69
C ASP B 130 14.55 -16.30 -56.78
N VAL B 131 13.88 -17.10 -57.61
CA VAL B 131 13.04 -16.56 -58.73
C VAL B 131 11.87 -15.80 -58.13
N ILE B 132 11.22 -16.40 -57.14
CA ILE B 132 10.02 -15.80 -56.52
C ILE B 132 10.44 -14.51 -55.81
N ARG B 133 11.55 -14.51 -55.07
CA ARG B 133 12.01 -13.30 -54.36
C ARG B 133 12.33 -12.19 -55.36
N LYS B 134 12.99 -12.53 -56.47
CA LYS B 134 13.35 -11.51 -57.50
C LYS B 134 12.05 -10.96 -58.08
N THR B 135 11.11 -11.85 -58.37
CA THR B 135 9.81 -11.45 -58.98
C THR B 135 9.06 -10.54 -58.01
N MET B 136 9.06 -10.86 -56.71
CA MET B 136 8.38 -10.04 -55.66
C MET B 136 8.96 -8.63 -55.69
N ARG B 137 10.29 -8.52 -55.71
CA ARG B 137 10.96 -7.19 -55.70
C ARG B 137 10.55 -6.41 -56.95
N SER B 138 10.52 -7.05 -58.10
CA SER B 138 10.13 -6.40 -59.39
C SER B 138 8.69 -5.93 -59.29
N ALA B 139 7.79 -6.79 -58.81
CA ALA B 139 6.34 -6.50 -58.74
C ALA B 139 6.14 -5.26 -57.87
N LEU B 140 6.88 -5.16 -56.78
CA LEU B 140 6.75 -4.02 -55.86
C LEU B 140 7.35 -2.78 -56.54
N SER B 141 8.44 -2.91 -57.29
CA SER B 141 9.12 -1.79 -57.98
C SER B 141 8.13 -1.08 -58.91
N GLU B 142 7.22 -1.86 -59.49
CA GLU B 142 6.22 -1.36 -60.46
C GLU B 142 5.12 -0.55 -59.78
N LEU B 143 4.93 -0.65 -58.46
CA LEU B 143 3.83 0.08 -57.75
C LEU B 143 4.29 1.49 -57.42
N LYS B 144 3.38 2.45 -57.50
CA LYS B 144 3.68 3.87 -57.18
C LYS B 144 2.65 4.41 -56.19
N PRO B 145 2.81 4.13 -54.88
CA PRO B 145 1.96 4.72 -53.85
C PRO B 145 2.25 6.22 -53.65
N GLU B 146 1.22 7.00 -53.29
CA GLU B 146 1.33 8.49 -53.16
C GLU B 146 1.20 8.93 -51.69
N GLN B 147 0.29 8.32 -50.93
CA GLN B 147 0.01 8.75 -49.53
C GLN B 147 1.12 8.23 -48.62
N ALA B 148 1.53 9.03 -47.64
CA ALA B 148 2.68 8.70 -46.77
C ALA B 148 2.52 7.28 -46.20
N VAL B 149 1.32 6.92 -45.79
CA VAL B 149 1.11 5.61 -45.12
C VAL B 149 1.22 4.49 -46.15
N ASP B 150 0.87 4.73 -47.40
CA ASP B 150 0.91 3.67 -48.44
C ASP B 150 2.39 3.49 -48.82
N VAL B 151 3.12 4.60 -48.83
CA VAL B 151 4.56 4.61 -49.16
C VAL B 151 5.29 3.88 -48.04
N LEU B 152 4.87 4.11 -46.80
CA LEU B 152 5.46 3.44 -45.63
C LEU B 152 5.21 1.93 -45.70
N ARG B 153 3.98 1.52 -45.94
CA ARG B 153 3.66 0.07 -46.01
C ARG B 153 4.49 -0.57 -47.13
N HIS B 154 4.59 0.13 -48.27
CA HIS B 154 5.33 -0.32 -49.47
C HIS B 154 6.79 -0.54 -49.11
N LYS B 155 7.40 0.42 -48.44
CA LYS B 155 8.83 0.33 -48.08
C LYS B 155 9.01 -0.87 -47.15
N LEU B 156 8.15 -1.03 -46.14
CA LEU B 156 8.37 -2.07 -45.12
C LEU B 156 8.26 -3.45 -45.78
N ILE B 157 7.32 -3.66 -46.71
CA ILE B 157 7.20 -4.99 -47.36
C ILE B 157 8.35 -5.14 -48.37
N SER B 158 8.75 -4.07 -49.04
CA SER B 158 9.87 -4.12 -50.03
C SER B 158 11.15 -4.59 -49.34
N GLU B 159 11.35 -4.22 -48.08
CA GLU B 159 12.59 -4.54 -47.34
C GLU B 159 12.45 -5.86 -46.58
N SER B 160 11.30 -6.54 -46.59
CA SER B 160 11.09 -7.74 -45.74
C SER B 160 10.63 -8.96 -46.54
N CYS B 161 10.06 -8.77 -47.72
CA CYS B 161 9.44 -9.87 -48.50
C CYS B 161 10.46 -10.94 -48.83
N ASP B 162 11.74 -10.60 -48.94
CA ASP B 162 12.77 -11.54 -49.40
C ASP B 162 13.58 -12.06 -48.21
N ALA B 163 13.11 -11.84 -46.99
CA ALA B 163 13.81 -12.32 -45.77
C ALA B 163 13.45 -13.79 -45.53
N ASP B 164 14.31 -14.48 -44.80
CA ASP B 164 14.07 -15.87 -44.37
C ASP B 164 13.33 -15.82 -43.03
N LEU B 165 13.65 -14.83 -42.21
CA LEU B 165 13.05 -14.67 -40.86
C LEU B 165 12.48 -13.25 -40.72
N VAL B 166 11.21 -13.13 -40.37
CA VAL B 166 10.56 -11.82 -40.15
C VAL B 166 9.85 -11.80 -38.80
N LEU B 167 10.29 -10.91 -37.91
CA LEU B 167 9.61 -10.77 -36.61
C LEU B 167 9.04 -9.35 -36.51
N ASP B 168 7.72 -9.26 -36.48
CA ASP B 168 6.98 -7.99 -36.31
C ASP B 168 6.66 -7.82 -34.83
N LEU B 169 7.31 -6.87 -34.18
CA LEU B 169 7.16 -6.71 -32.71
C LEU B 169 6.04 -5.71 -32.41
N HIS B 170 5.06 -6.20 -31.67
CA HIS B 170 3.80 -5.53 -31.29
C HIS B 170 3.57 -5.63 -29.79
N ALA B 171 2.43 -5.12 -29.36
CA ALA B 171 1.91 -5.26 -27.99
C ALA B 171 0.39 -5.25 -28.03
N ASP B 172 -0.26 -5.65 -26.95
CA ASP B 172 -1.72 -5.49 -26.85
C ASP B 172 -2.02 -4.50 -25.73
N ASN B 173 -3.26 -4.14 -25.54
CA ASN B 173 -3.55 -3.05 -24.59
C ASN B 173 -3.21 -3.50 -23.17
N GLN B 174 -3.57 -4.72 -22.83
CA GLN B 174 -3.14 -5.33 -21.57
C GLN B 174 -3.03 -6.81 -21.84
N ALA B 175 -1.81 -7.33 -21.90
CA ALA B 175 -1.66 -8.73 -22.31
C ALA B 175 -0.36 -9.36 -21.85
N GLN B 176 -0.37 -10.68 -21.81
CA GLN B 176 0.82 -11.53 -21.68
C GLN B 176 1.48 -11.62 -23.06
N CYS B 177 2.77 -11.89 -23.06
CA CYS B 177 3.50 -12.17 -24.31
C CYS B 177 2.77 -13.27 -25.08
N HIS B 178 2.47 -13.01 -26.35
CA HIS B 178 1.83 -14.02 -27.22
C HIS B 178 2.28 -13.83 -28.68
N MET B 179 1.98 -14.83 -29.50
CA MET B 179 2.51 -14.88 -30.87
C MET B 179 1.41 -15.24 -31.87
N TYR B 180 1.51 -14.68 -33.06
CA TYR B 180 0.67 -15.09 -34.21
C TYR B 180 1.58 -15.59 -35.34
N THR B 181 1.19 -16.66 -36.02
CA THR B 181 1.90 -17.02 -37.26
C THR B 181 0.96 -17.72 -38.24
N LEU B 182 1.49 -18.02 -39.41
CA LEU B 182 0.74 -18.71 -40.48
C LEU B 182 0.53 -20.15 -40.03
N THR B 183 -0.67 -20.69 -40.14
CA THR B 183 -0.96 -22.07 -39.66
C THR B 183 0.13 -23.08 -40.06
N PRO B 184 0.51 -23.24 -41.35
CA PRO B 184 1.51 -24.24 -41.74
C PRO B 184 2.95 -23.97 -41.27
N LEU B 185 3.22 -22.81 -40.66
CA LEU B 185 4.55 -22.50 -40.07
C LEU B 185 4.57 -22.95 -38.62
N TRP B 186 3.57 -23.70 -38.20
CA TRP B 186 3.64 -24.32 -36.87
C TRP B 186 3.70 -25.86 -36.83
N PRO B 187 4.10 -26.53 -35.74
CA PRO B 187 5.48 -26.64 -35.25
C PRO B 187 6.88 -26.12 -35.63
N ALA B 188 7.06 -25.34 -36.69
CA ALA B 188 8.40 -24.93 -37.16
C ALA B 188 8.95 -23.71 -36.44
N MET B 189 8.10 -22.76 -36.06
CA MET B 189 8.48 -21.57 -35.29
C MET B 189 8.28 -21.84 -33.80
N HIS B 190 8.35 -23.11 -33.39
CA HIS B 190 8.31 -23.55 -31.97
C HIS B 190 9.49 -22.93 -31.25
N ASP B 191 10.66 -22.91 -31.86
CA ASP B 191 11.89 -22.46 -31.16
C ASP B 191 11.73 -20.97 -30.84
N VAL B 192 11.17 -20.24 -31.77
CA VAL B 192 10.96 -18.77 -31.67
C VAL B 192 9.96 -18.53 -30.53
N ALA B 193 8.87 -19.28 -30.51
CA ALA B 193 7.80 -19.14 -29.50
C ALA B 193 8.37 -19.42 -28.11
N ALA B 194 9.22 -20.44 -28.02
CA ALA B 194 9.80 -20.87 -26.74
C ALA B 194 10.77 -19.80 -26.24
N GLU B 195 11.62 -19.26 -27.11
CA GLU B 195 12.66 -18.29 -26.70
C GLU B 195 12.01 -17.02 -26.14
N ILE B 196 10.88 -16.58 -26.72
CA ILE B 196 10.24 -15.30 -26.33
C ILE B 196 9.23 -15.54 -25.21
N ASP B 197 9.00 -16.79 -24.82
CA ASP B 197 8.05 -17.22 -23.74
C ASP B 197 6.62 -16.76 -24.09
N ALA B 198 6.14 -17.10 -25.28
CA ALA B 198 4.74 -16.86 -25.68
C ALA B 198 3.81 -17.67 -24.77
N ARG B 199 2.69 -17.09 -24.38
CA ARG B 199 1.69 -17.76 -23.52
C ARG B 199 0.47 -18.13 -24.36
N ALA B 200 0.52 -17.81 -25.64
CA ALA B 200 -0.49 -18.20 -26.63
C ALA B 200 0.15 -18.12 -28.01
N VAL B 201 -0.12 -19.10 -28.85
CA VAL B 201 0.36 -19.08 -30.26
C VAL B 201 -0.86 -19.26 -31.14
N LEU B 202 -1.17 -18.24 -31.92
CA LEU B 202 -2.48 -18.16 -32.61
C LEU B 202 -2.26 -18.32 -34.12
N LEU B 203 -2.93 -19.30 -34.68
CA LEU B 203 -2.66 -19.73 -36.08
C LEU B 203 -3.81 -19.33 -37.01
N ALA B 204 -3.46 -18.84 -38.19
CA ALA B 204 -4.45 -18.59 -39.27
C ALA B 204 -3.75 -18.68 -40.62
N GLU B 205 -4.50 -18.98 -41.67
CA GLU B 205 -3.96 -18.92 -43.04
C GLU B 205 -4.24 -17.52 -43.58
N GLU B 206 -5.39 -16.98 -43.22
CA GLU B 206 -5.82 -15.64 -43.65
C GLU B 206 -6.61 -15.07 -42.50
N SER B 207 -6.23 -13.88 -42.05
CA SER B 207 -6.83 -13.26 -40.85
C SER B 207 -7.76 -12.13 -41.27
N GLY B 208 -7.43 -10.91 -40.87
CA GLY B 208 -8.18 -9.71 -41.27
C GLY B 208 -7.64 -9.12 -42.55
N GLY B 209 -7.78 -7.81 -42.69
CA GLY B 209 -7.45 -7.07 -43.91
C GLY B 209 -5.96 -6.98 -44.15
N HIS B 210 -5.29 -8.09 -44.47
CA HIS B 210 -3.89 -8.10 -44.99
C HIS B 210 -2.91 -7.40 -44.05
N PRO B 211 -2.66 -7.99 -42.86
CA PRO B 211 -1.61 -7.53 -41.95
C PRO B 211 -0.20 -7.88 -42.46
N PHE B 212 0.80 -7.22 -41.91
CA PHE B 212 2.23 -7.31 -42.33
C PHE B 212 2.79 -8.73 -42.25
N ASP B 213 2.57 -9.47 -41.16
CA ASP B 213 3.24 -10.78 -41.01
C ASP B 213 2.72 -11.73 -42.10
N GLU B 214 1.42 -11.70 -42.34
CA GLU B 214 0.79 -12.57 -43.38
C GLU B 214 1.26 -12.05 -44.75
N ALA B 215 1.44 -10.75 -44.90
CA ALA B 215 1.92 -10.20 -46.19
C ALA B 215 3.27 -10.84 -46.52
N CYS B 216 4.09 -11.11 -45.52
CA CYS B 216 5.43 -11.72 -45.67
C CYS B 216 5.35 -13.24 -45.89
N SER B 217 4.54 -13.97 -45.13
CA SER B 217 4.59 -15.46 -45.16
C SER B 217 3.51 -16.08 -46.05
N ALA B 218 2.35 -15.46 -46.20
CA ALA B 218 1.20 -16.06 -46.90
C ALA B 218 1.53 -16.34 -48.38
N PRO B 219 2.24 -15.44 -49.10
CA PRO B 219 2.48 -15.60 -50.53
C PRO B 219 3.11 -16.95 -50.88
N TRP B 220 3.93 -17.49 -50.00
CA TRP B 220 4.62 -18.75 -50.28
C TRP B 220 3.61 -19.90 -50.23
N MET B 221 2.65 -19.81 -49.34
CA MET B 221 1.58 -20.80 -49.16
C MET B 221 0.64 -20.70 -50.37
N ASN B 222 0.30 -19.48 -50.73
CA ASN B 222 -0.68 -19.27 -51.81
C ASN B 222 -0.03 -19.59 -53.17
N LEU B 223 1.27 -19.33 -53.33
CA LEU B 223 1.95 -19.66 -54.60
C LEU B 223 2.10 -21.18 -54.69
N SER B 224 2.37 -21.86 -53.58
CA SER B 224 2.48 -23.34 -53.55
C SER B 224 1.18 -23.93 -54.11
N ARG B 225 0.07 -23.35 -53.70
CA ARG B 225 -1.28 -23.80 -54.13
C ARG B 225 -1.52 -23.41 -55.59
N ALA B 226 -1.06 -22.23 -56.01
CA ALA B 226 -1.20 -21.72 -57.41
C ALA B 226 -0.40 -22.60 -58.37
N PHE B 227 0.75 -23.10 -57.91
CA PHE B 227 1.68 -23.90 -58.73
C PHE B 227 2.02 -25.21 -58.04
N PRO B 228 1.03 -26.14 -57.93
CA PRO B 228 1.18 -27.38 -57.16
C PRO B 228 2.15 -28.39 -57.78
N ASP B 229 2.55 -28.14 -59.02
CA ASP B 229 3.46 -29.04 -59.77
C ASP B 229 4.91 -28.67 -59.48
N TYR B 230 5.16 -27.66 -58.67
CA TYR B 230 6.54 -27.19 -58.38
C TYR B 230 6.74 -27.12 -56.89
N PRO B 231 7.98 -27.38 -56.43
CA PRO B 231 8.34 -27.19 -55.02
C PRO B 231 8.48 -25.71 -54.65
N ILE B 232 7.54 -25.23 -53.86
CA ILE B 232 7.54 -23.86 -53.30
C ILE B 232 7.42 -23.99 -51.80
N PRO B 233 8.56 -23.96 -51.09
CA PRO B 233 8.59 -24.04 -49.63
C PRO B 233 8.16 -22.70 -49.02
N LEU B 234 7.84 -22.73 -47.74
CA LEU B 234 7.45 -21.50 -47.01
C LEU B 234 8.74 -20.78 -46.63
N ALA B 235 9.36 -20.18 -47.63
CA ALA B 235 10.71 -19.59 -47.58
C ALA B 235 10.75 -18.44 -46.56
N CYS B 236 9.68 -17.69 -46.40
CA CYS B 236 9.68 -16.59 -45.41
C CYS B 236 8.90 -17.01 -44.17
N GLN B 237 9.61 -17.18 -43.06
CA GLN B 237 8.98 -17.56 -41.78
C GLN B 237 8.74 -16.29 -40.97
N SER B 238 7.50 -15.81 -40.97
CA SER B 238 7.12 -14.57 -40.28
C SER B 238 6.28 -14.91 -39.05
N ALA B 239 6.35 -14.04 -38.08
CA ALA B 239 5.48 -14.12 -36.89
C ALA B 239 5.31 -12.72 -36.31
N THR B 240 4.18 -12.55 -35.64
CA THR B 240 3.91 -11.33 -34.85
C THR B 240 4.13 -11.68 -33.40
N PHE B 241 4.95 -10.89 -32.73
CA PHE B 241 5.14 -11.05 -31.28
C PHE B 241 4.48 -9.89 -30.57
N ALA B 242 3.45 -10.19 -29.80
CA ALA B 242 2.92 -9.21 -28.85
C ALA B 242 3.73 -9.37 -27.59
N LEU B 243 4.63 -8.45 -27.32
CA LEU B 243 5.67 -8.66 -26.30
C LEU B 243 5.14 -8.35 -24.91
N GLY B 244 3.92 -7.86 -24.80
CA GLY B 244 3.35 -7.46 -23.51
C GLY B 244 2.30 -6.41 -23.72
N SER B 245 2.09 -5.58 -22.70
CA SER B 245 1.08 -4.51 -22.75
C SER B 245 1.68 -3.34 -23.52
N ASN B 246 0.83 -2.52 -24.15
CA ASN B 246 1.28 -1.37 -24.95
C ASN B 246 2.25 -0.48 -24.17
N ASP B 247 1.99 -0.30 -22.88
CA ASP B 247 2.75 0.68 -22.05
C ASP B 247 3.78 -0.04 -21.19
N GLU B 248 4.06 -1.30 -21.46
CA GLU B 248 4.99 -2.08 -20.62
C GLU B 248 6.43 -1.75 -21.03
N VAL B 249 6.95 -0.66 -20.50
CA VAL B 249 8.34 -0.21 -20.74
C VAL B 249 9.15 -0.50 -19.48
N ASP B 250 10.03 -1.50 -19.57
CA ASP B 250 10.82 -1.98 -18.40
C ASP B 250 12.20 -2.39 -18.90
N LEU B 251 13.23 -1.96 -18.18
CA LEU B 251 14.64 -2.22 -18.57
C LEU B 251 14.90 -3.71 -18.57
N ARG B 252 14.45 -4.40 -17.51
CA ARG B 252 14.81 -5.82 -17.36
C ARG B 252 14.13 -6.57 -18.48
N LEU B 253 12.85 -6.26 -18.72
CA LEU B 253 12.07 -7.01 -19.71
C LEU B 253 12.67 -6.78 -21.09
N ALA B 254 12.99 -5.54 -21.43
CA ALA B 254 13.50 -5.21 -22.78
C ALA B 254 14.84 -5.92 -22.99
N GLN B 255 15.67 -5.98 -21.94
CA GLN B 255 16.99 -6.65 -22.04
C GLN B 255 16.75 -8.15 -22.23
N ASP B 256 15.80 -8.72 -21.50
CA ASP B 256 15.51 -10.19 -21.59
C ASP B 256 14.98 -10.50 -22.99
N GLN B 257 14.15 -9.62 -23.54
CA GLN B 257 13.55 -9.84 -24.88
C GLN B 257 14.63 -9.68 -25.92
N ALA B 258 15.53 -8.72 -25.75
CA ALA B 258 16.65 -8.51 -26.69
C ALA B 258 17.52 -9.76 -26.70
N GLU B 259 17.77 -10.32 -25.51
CA GLU B 259 18.63 -11.52 -25.42
C GLU B 259 17.91 -12.69 -26.09
N ALA B 260 16.60 -12.81 -25.93
CA ALA B 260 15.84 -13.90 -26.56
C ALA B 260 15.92 -13.74 -28.08
N LEU B 261 15.77 -12.51 -28.57
CA LEU B 261 15.80 -12.27 -30.04
C LEU B 261 17.20 -12.62 -30.56
N PHE B 262 18.22 -12.32 -29.77
CA PHE B 262 19.64 -12.64 -30.12
C PHE B 262 19.77 -14.16 -30.22
N ARG B 263 19.24 -14.88 -29.24
CA ARG B 263 19.29 -16.37 -29.23
C ARG B 263 18.56 -16.92 -30.45
N ILE B 264 17.45 -16.29 -30.85
CA ILE B 264 16.69 -16.73 -32.06
C ILE B 264 17.59 -16.55 -33.27
N LEU B 265 18.27 -15.41 -33.35
CA LEU B 265 19.18 -15.11 -34.49
C LEU B 265 20.31 -16.13 -34.49
N ILE B 266 20.83 -16.51 -33.33
CA ILE B 266 21.92 -17.52 -33.29
C ILE B 266 21.38 -18.84 -33.84
N ARG B 267 20.23 -19.29 -33.32
CA ARG B 267 19.64 -20.61 -33.69
C ARG B 267 19.41 -20.66 -35.19
N ARG B 268 19.11 -19.54 -35.81
CA ARG B 268 18.74 -19.54 -37.23
C ARG B 268 19.90 -19.12 -38.14
N GLY B 269 21.12 -19.11 -37.61
CA GLY B 269 22.35 -18.99 -38.41
C GLY B 269 22.72 -17.55 -38.77
N PHE B 270 22.42 -16.59 -37.92
CA PHE B 270 22.82 -15.20 -38.18
C PHE B 270 24.04 -14.80 -37.37
N ILE B 271 24.34 -15.53 -36.32
CA ILE B 271 25.44 -15.14 -35.40
C ILE B 271 26.40 -16.30 -35.26
N GLU B 272 27.67 -16.02 -35.52
CA GLU B 272 28.78 -17.00 -35.57
C GLU B 272 29.42 -17.10 -34.18
N ASP B 273 30.05 -18.25 -33.93
CA ASP B 273 30.90 -18.51 -32.72
C ASP B 273 30.11 -18.32 -31.43
N VAL B 274 28.81 -18.54 -31.41
CA VAL B 274 28.04 -18.46 -30.15
C VAL B 274 27.15 -19.70 -30.10
N HIS B 275 27.17 -20.38 -28.96
CA HIS B 275 26.28 -21.54 -28.76
C HIS B 275 25.13 -21.10 -27.87
N VAL B 276 23.91 -21.43 -28.23
CA VAL B 276 22.73 -21.12 -27.39
C VAL B 276 22.48 -22.19 -26.32
N GLY B 277 22.41 -23.45 -26.72
CA GLY B 277 22.13 -24.56 -25.81
C GLY B 277 20.68 -24.98 -25.84
N GLU B 278 20.19 -25.53 -24.73
CA GLU B 278 18.89 -26.23 -24.65
C GLU B 278 17.75 -25.23 -24.84
N LEU B 279 16.75 -25.62 -25.61
CA LEU B 279 15.56 -24.79 -25.88
C LEU B 279 14.74 -24.67 -24.61
N PRO B 280 14.26 -23.46 -24.26
CA PRO B 280 13.37 -23.28 -23.12
C PRO B 280 12.04 -23.99 -23.35
N GLN B 281 11.33 -24.17 -22.25
CA GLN B 281 10.01 -24.81 -22.20
C GLN B 281 8.98 -23.96 -22.93
N LEU B 282 8.21 -24.58 -23.81
CA LEU B 282 7.08 -23.87 -24.43
C LEU B 282 5.89 -23.98 -23.49
N ALA B 283 5.27 -22.83 -23.19
CA ALA B 283 4.25 -22.71 -22.13
C ALA B 283 2.86 -23.09 -22.65
N CYS B 284 2.71 -23.30 -23.95
CA CYS B 284 1.35 -23.45 -24.54
C CYS B 284 1.41 -24.24 -25.82
N GLU B 285 0.25 -24.66 -26.31
CA GLU B 285 0.06 -25.38 -27.58
C GLU B 285 -0.26 -24.34 -28.66
N GLY B 286 0.04 -24.62 -29.90
CA GLY B 286 -0.40 -23.76 -31.02
C GLY B 286 -1.90 -23.96 -31.18
N THR B 287 -2.69 -22.90 -31.24
CA THR B 287 -4.16 -23.01 -31.34
C THR B 287 -4.64 -22.16 -32.51
N LEU B 288 -5.82 -22.45 -33.02
CA LEU B 288 -6.35 -21.64 -34.15
C LEU B 288 -6.88 -20.31 -33.63
N LEU B 289 -6.73 -19.29 -34.46
CA LEU B 289 -7.24 -17.95 -34.16
C LEU B 289 -8.76 -18.03 -34.06
N GLU B 290 -9.39 -18.87 -34.88
CA GLU B 290 -10.87 -18.99 -34.88
C GLU B 290 -11.34 -19.73 -33.61
N ALA B 291 -10.44 -20.30 -32.83
CA ALA B 291 -10.75 -20.96 -31.55
C ALA B 291 -10.59 -19.95 -30.42
N MET B 292 -10.09 -18.76 -30.73
CA MET B 292 -9.88 -17.71 -29.71
C MET B 292 -11.22 -17.00 -29.49
N GLN B 293 -11.56 -16.76 -28.24
CA GLN B 293 -12.80 -16.00 -27.96
C GLN B 293 -12.42 -14.54 -27.76
N GLN B 294 -13.08 -13.66 -28.48
CA GLN B 294 -13.02 -12.22 -28.16
C GLN B 294 -14.16 -11.96 -27.19
N LEU B 295 -13.83 -11.38 -26.05
CA LEU B 295 -14.88 -10.95 -25.10
C LEU B 295 -15.31 -9.58 -25.55
N LYS B 296 -16.59 -9.40 -25.80
CA LYS B 296 -17.06 -8.07 -26.24
C LYS B 296 -18.02 -7.51 -25.22
N ALA B 297 -17.92 -6.21 -25.02
CA ALA B 297 -18.89 -5.45 -24.24
C ALA B 297 -20.15 -5.31 -25.09
N PRO B 298 -21.31 -5.78 -24.60
CA PRO B 298 -22.57 -5.63 -25.32
C PRO B 298 -23.15 -4.22 -25.11
N CYS B 299 -22.54 -3.45 -24.21
CA CYS B 299 -23.04 -2.11 -23.87
C CYS B 299 -21.90 -1.24 -23.33
N GLN B 300 -22.17 0.04 -23.19
CA GLN B 300 -21.19 1.01 -22.63
C GLN B 300 -21.16 0.86 -21.11
N GLY B 301 -20.03 1.17 -20.50
CA GLY B 301 -19.93 1.17 -19.03
C GLY B 301 -18.54 0.79 -18.51
N LEU B 302 -18.40 0.72 -17.18
CA LEU B 302 -17.13 0.38 -16.53
C LEU B 302 -16.78 -1.06 -16.83
N ILE B 303 -15.53 -1.36 -17.09
CA ILE B 303 -15.13 -2.78 -17.28
C ILE B 303 -14.59 -3.31 -15.97
N VAL B 304 -15.31 -4.23 -15.40
CA VAL B 304 -14.97 -4.81 -14.08
C VAL B 304 -14.56 -6.25 -14.31
N TYR B 305 -13.29 -6.56 -14.11
CA TYR B 305 -12.79 -7.93 -14.38
C TYR B 305 -12.95 -8.77 -13.11
N HIS B 306 -13.30 -10.02 -13.29
CA HIS B 306 -13.41 -11.00 -12.18
C HIS B 306 -12.24 -11.96 -12.27
N ASN B 307 -11.48 -11.91 -13.34
CA ASN B 307 -10.28 -12.76 -13.55
C ASN B 307 -9.06 -11.89 -13.76
N ARG B 308 -7.94 -12.39 -13.31
CA ARG B 308 -6.63 -11.72 -13.50
C ARG B 308 -6.11 -12.06 -14.89
N LEU B 309 -5.20 -11.21 -15.35
CA LEU B 309 -4.48 -11.47 -16.60
C LEU B 309 -3.71 -12.78 -16.40
N GLY B 310 -3.91 -13.74 -17.30
CA GLY B 310 -3.17 -15.01 -17.27
C GLY B 310 -3.92 -16.12 -16.57
N ASP B 311 -5.08 -15.85 -15.96
CA ASP B 311 -5.91 -16.90 -15.31
C ASP B 311 -6.39 -17.88 -16.37
N PHE B 312 -6.46 -19.13 -15.99
CA PHE B 312 -7.13 -20.16 -16.82
C PHE B 312 -8.61 -20.08 -16.49
N VAL B 313 -9.46 -19.98 -17.50
CA VAL B 313 -10.91 -19.85 -17.28
C VAL B 313 -11.63 -20.98 -18.01
N ARG B 314 -12.82 -21.28 -17.55
CA ARG B 314 -13.61 -22.40 -18.10
C ARG B 314 -14.91 -21.88 -18.67
N SER B 315 -15.41 -22.60 -19.67
CA SER B 315 -16.68 -22.26 -20.31
C SER B 315 -17.74 -22.12 -19.21
N GLY B 316 -18.46 -21.00 -19.22
CA GLY B 316 -19.52 -20.71 -18.24
C GLY B 316 -19.05 -19.76 -17.15
N ASP B 317 -17.75 -19.57 -16.98
CA ASP B 317 -17.21 -18.68 -15.92
C ASP B 317 -17.55 -17.23 -16.21
N LYS B 318 -17.89 -16.48 -15.17
CA LYS B 318 -18.08 -15.03 -15.30
C LYS B 318 -16.70 -14.38 -15.29
N VAL B 319 -16.32 -13.75 -16.38
CA VAL B 319 -14.93 -13.26 -16.53
C VAL B 319 -14.91 -11.77 -16.31
N VAL B 320 -15.90 -11.08 -16.83
CA VAL B 320 -15.90 -9.60 -16.80
C VAL B 320 -17.35 -9.13 -16.80
N SER B 321 -17.60 -8.00 -16.15
CA SER B 321 -18.94 -7.37 -16.13
C SER B 321 -18.84 -5.94 -16.67
N ILE B 322 -19.88 -5.49 -17.34
CA ILE B 322 -19.95 -4.06 -17.73
C ILE B 322 -20.92 -3.39 -16.77
N VAL B 323 -20.44 -2.38 -16.07
CA VAL B 323 -21.25 -1.74 -15.01
C VAL B 323 -21.54 -0.30 -15.40
N ASP B 324 -22.82 -0.01 -15.55
CA ASP B 324 -23.28 1.37 -15.78
C ASP B 324 -23.49 1.96 -14.40
N PRO B 325 -22.66 2.95 -14.00
CA PRO B 325 -22.70 3.46 -12.63
C PRO B 325 -24.04 4.14 -12.30
N ILE B 326 -24.83 4.46 -13.32
CA ILE B 326 -26.18 5.06 -13.11
C ILE B 326 -27.23 4.17 -13.76
N GLY B 327 -26.88 2.90 -14.00
CA GLY B 327 -27.78 1.97 -14.68
C GLY B 327 -27.56 0.54 -14.25
N GLU B 328 -27.56 -0.36 -15.24
CA GLU B 328 -27.60 -1.82 -15.03
C GLU B 328 -26.19 -2.43 -15.19
N THR B 329 -26.06 -3.66 -14.70
CA THR B 329 -24.83 -4.47 -14.83
C THR B 329 -25.08 -5.64 -15.78
N VAL B 330 -24.15 -5.87 -16.69
CA VAL B 330 -24.24 -7.02 -17.63
C VAL B 330 -23.03 -7.92 -17.44
N ASP B 331 -23.28 -9.20 -17.18
CA ASP B 331 -22.21 -10.20 -16.96
C ASP B 331 -21.79 -10.82 -18.30
N ILE B 332 -20.48 -10.96 -18.51
CA ILE B 332 -19.89 -11.58 -19.74
C ILE B 332 -19.16 -12.86 -19.37
N LEU B 333 -19.50 -13.94 -20.06
CA LEU B 333 -18.99 -15.28 -19.71
C LEU B 333 -17.95 -15.77 -20.71
N ALA B 334 -17.06 -16.63 -20.24
CA ALA B 334 -16.18 -17.45 -21.11
C ALA B 334 -17.06 -18.49 -21.80
N HIS B 335 -16.86 -18.69 -23.10
CA HIS B 335 -17.61 -19.72 -23.85
C HIS B 335 -16.66 -20.80 -24.32
N THR B 336 -15.46 -20.81 -23.78
CA THR B 336 -14.43 -21.82 -24.11
C THR B 336 -13.44 -21.91 -22.97
N ASP B 337 -12.78 -23.05 -22.85
CA ASP B 337 -11.72 -23.26 -21.83
C ASP B 337 -10.41 -22.71 -22.39
N GLY B 338 -9.68 -21.94 -21.58
CA GLY B 338 -8.40 -21.42 -22.06
C GLY B 338 -7.81 -20.35 -21.16
N VAL B 339 -6.71 -19.76 -21.59
CA VAL B 339 -6.02 -18.71 -20.82
C VAL B 339 -6.47 -17.33 -21.25
N LEU B 340 -6.80 -16.51 -20.25
CA LEU B 340 -7.16 -15.09 -20.46
C LEU B 340 -5.85 -14.33 -20.67
N PHE B 341 -5.27 -14.48 -21.85
CA PHE B 341 -3.93 -13.92 -22.16
C PHE B 341 -4.05 -12.42 -22.43
N ALA B 342 -5.24 -11.90 -22.69
CA ALA B 342 -5.41 -10.43 -22.86
C ALA B 342 -6.68 -9.91 -22.20
N ARG B 343 -6.58 -8.68 -21.68
CA ARG B 343 -7.73 -7.91 -21.14
C ARG B 343 -7.76 -6.57 -21.87
N HIS B 344 -7.76 -5.46 -21.13
CA HIS B 344 -7.64 -4.10 -21.74
C HIS B 344 -7.12 -3.10 -20.71
N SER B 345 -6.38 -2.09 -21.17
CA SER B 345 -5.79 -1.06 -20.29
C SER B 345 -6.82 0.01 -19.93
N GLN B 346 -7.76 0.33 -20.82
CA GLN B 346 -8.73 1.41 -20.50
C GLN B 346 -10.04 0.76 -20.07
N THR B 347 -10.38 0.88 -18.80
CA THR B 347 -11.45 0.08 -18.17
C THR B 347 -12.81 0.78 -18.29
N TYR B 348 -13.19 1.12 -19.52
CA TYR B 348 -14.55 1.61 -19.86
C TYR B 348 -14.85 1.15 -21.28
N ALA B 349 -16.08 0.72 -21.52
CA ALA B 349 -16.47 0.12 -22.80
C ALA B 349 -17.40 1.03 -23.60
N TYR B 350 -17.35 0.79 -24.89
CA TYR B 350 -18.39 1.16 -25.88
C TYR B 350 -18.88 -0.16 -26.44
N PRO B 351 -20.11 -0.20 -27.00
CA PRO B 351 -20.64 -1.46 -27.50
C PRO B 351 -19.74 -2.07 -28.57
N ASN B 352 -19.52 -3.38 -28.44
CA ASN B 352 -18.70 -4.25 -29.33
C ASN B 352 -17.21 -3.98 -29.13
N LYS B 353 -16.84 -3.30 -28.06
CA LYS B 353 -15.42 -3.17 -27.69
C LYS B 353 -14.90 -4.55 -27.32
N VAL B 354 -13.74 -4.92 -27.85
CA VAL B 354 -13.08 -6.17 -27.39
C VAL B 354 -12.38 -5.82 -26.08
N ILE B 355 -12.72 -6.55 -25.05
CA ILE B 355 -12.25 -6.25 -23.67
C ILE B 355 -11.48 -7.44 -23.14
N GLY B 356 -11.14 -8.39 -23.98
CA GLY B 356 -10.31 -9.53 -23.53
C GLY B 356 -10.28 -10.65 -24.53
N LYS B 357 -9.33 -11.56 -24.32
CA LYS B 357 -9.11 -12.68 -25.25
C LYS B 357 -8.79 -13.96 -24.48
N ILE B 358 -9.44 -15.05 -24.87
CA ILE B 358 -9.22 -16.40 -24.30
C ILE B 358 -8.74 -17.33 -25.40
N ALA B 359 -7.56 -17.94 -25.20
CA ALA B 359 -7.01 -18.85 -26.23
C ALA B 359 -7.51 -20.27 -25.98
N GLY B 360 -8.50 -20.70 -26.75
CA GLY B 360 -9.09 -22.05 -26.66
C GLY B 360 -8.64 -22.92 -27.80
N LYS B 361 -9.11 -24.16 -27.83
CA LYS B 361 -8.65 -25.16 -28.79
C LYS B 361 -9.75 -25.51 -29.80
N GLU B 362 -11.01 -25.44 -29.37
CA GLU B 362 -12.15 -25.78 -30.25
C GLU B 362 -12.56 -24.54 -31.00
N PRO B 363 -12.68 -24.60 -32.35
CA PRO B 363 -13.15 -23.48 -33.16
C PRO B 363 -14.51 -22.98 -32.68
N LEU B 364 -14.70 -21.68 -32.63
CA LEU B 364 -15.97 -21.09 -32.13
C LEU B 364 -16.81 -20.66 -33.32
N PRO B 365 -18.14 -20.92 -33.26
CA PRO B 365 -19.07 -20.58 -34.34
C PRO B 365 -19.01 -19.15 -34.89
N GLU B 366 -18.76 -18.17 -34.02
CA GLU B 366 -18.85 -16.73 -34.39
C GLU B 366 -17.52 -16.26 -35.03
N ARG B 367 -16.44 -17.01 -34.93
CA ARG B 367 -15.12 -16.48 -35.34
C ARG B 367 -14.86 -16.79 -36.81
N LYS B 368 -15.61 -16.16 -37.71
CA LYS B 368 -15.47 -16.39 -39.18
C LYS B 368 -15.30 -15.06 -39.92
N GLY B 369 -14.31 -15.00 -40.81
CA GLY B 369 -14.02 -13.84 -41.67
C GLY B 369 -13.32 -12.73 -40.91
N PHE B 370 -13.02 -12.96 -39.63
CA PHE B 370 -12.29 -12.00 -38.76
C PHE B 370 -12.59 -10.58 -39.22
N THR C 1 -29.75 -22.25 27.63
CA THR C 1 -29.34 -21.64 26.34
C THR C 1 -27.85 -21.90 26.06
N SER C 2 -27.00 -21.86 27.09
CA SER C 2 -25.53 -21.96 26.95
C SER C 2 -24.92 -22.66 28.16
N ALA C 3 -24.22 -23.76 27.92
CA ALA C 3 -23.54 -24.52 29.00
C ALA C 3 -22.18 -23.88 29.25
N CYS C 4 -21.68 -24.00 30.46
CA CYS C 4 -20.36 -23.46 30.78
C CYS C 4 -19.55 -24.46 31.58
N GLU C 5 -18.36 -24.79 31.09
CA GLU C 5 -17.40 -25.67 31.79
C GLU C 5 -16.16 -24.85 32.16
N ASN C 6 -15.63 -25.08 33.34
CA ASN C 6 -14.35 -24.45 33.71
C ASN C 6 -13.35 -25.56 33.94
N PHE C 7 -12.52 -25.81 32.95
CA PHE C 7 -11.59 -26.94 33.01
C PHE C 7 -10.34 -26.51 33.74
N LEU C 8 -10.00 -27.25 34.78
CA LEU C 8 -8.93 -26.85 35.72
C LEU C 8 -7.63 -27.55 35.34
N LEU C 9 -6.59 -26.74 35.15
CA LEU C 9 -5.24 -27.19 34.82
C LEU C 9 -4.52 -27.47 36.13
N PRO C 10 -3.51 -28.35 36.10
CA PRO C 10 -2.68 -28.62 37.26
C PRO C 10 -1.85 -27.38 37.61
N ALA C 11 -1.42 -27.32 38.86
CA ALA C 11 -0.67 -26.18 39.42
C ALA C 11 0.66 -26.00 38.70
N ASP C 12 1.03 -24.75 38.45
CA ASP C 12 2.31 -24.32 37.83
C ASP C 12 3.40 -24.27 38.91
N GLN C 13 4.53 -23.66 38.57
CA GLN C 13 5.74 -23.62 39.44
C GLN C 13 5.47 -22.78 40.70
N ASP C 14 4.43 -21.95 40.69
CA ASP C 14 4.11 -21.05 41.83
C ASP C 14 2.96 -21.65 42.61
N GLY C 15 2.53 -22.87 42.25
CA GLY C 15 1.40 -23.56 42.90
C GLY C 15 0.07 -22.96 42.47
N ILE C 16 -0.02 -22.39 41.28
CA ILE C 16 -1.27 -21.74 40.83
C ILE C 16 -1.95 -22.62 39.78
N GLN C 17 -3.22 -22.88 40.02
CA GLN C 17 -4.07 -23.59 39.04
C GLN C 17 -4.82 -22.57 38.20
N ARG C 18 -4.90 -22.82 36.91
CA ARG C 18 -5.60 -21.91 35.98
C ARG C 18 -6.79 -22.62 35.37
N GLN C 19 -7.78 -21.89 34.85
CA GLN C 19 -8.94 -22.54 34.23
C GLN C 19 -9.15 -22.08 32.80
N VAL C 20 -9.65 -22.99 31.99
CA VAL C 20 -10.10 -22.70 30.60
C VAL C 20 -11.62 -22.66 30.62
N THR C 21 -12.20 -21.52 30.32
CA THR C 21 -13.67 -21.41 30.33
C THR C 21 -14.19 -21.77 28.94
N ILE C 22 -15.07 -22.75 28.89
CA ILE C 22 -15.61 -23.27 27.60
C ILE C 22 -17.12 -23.08 27.56
N PHE C 23 -17.62 -22.47 26.50
CA PHE C 23 -19.08 -22.28 26.36
C PHE C 23 -19.62 -23.19 25.27
N ARG C 24 -20.78 -23.79 25.50
CA ARG C 24 -21.39 -24.65 24.47
C ARG C 24 -22.83 -24.22 24.19
N TYR C 25 -23.16 -24.00 22.93
CA TYR C 25 -24.44 -23.38 22.55
C TYR C 25 -25.46 -24.33 21.98
N GLY C 26 -25.12 -25.60 21.79
CA GLY C 26 -26.09 -26.49 21.11
C GLY C 26 -26.52 -27.68 21.92
N GLN C 27 -26.93 -28.71 21.20
CA GLN C 27 -27.27 -30.03 21.80
C GLN C 27 -25.99 -30.87 21.83
N GLU C 28 -25.60 -31.34 23.01
CA GLU C 28 -24.31 -32.04 23.17
C GLU C 28 -24.22 -33.23 22.21
N ASN C 29 -23.13 -33.31 21.47
CA ASN C 29 -22.77 -34.41 20.53
C ASN C 29 -23.77 -34.44 19.38
N SER C 30 -24.39 -33.32 19.03
CA SER C 30 -25.45 -33.32 17.98
C SER C 30 -24.98 -32.85 16.61
N ALA C 31 -25.66 -33.37 15.58
CA ALA C 31 -25.80 -32.82 14.21
C ALA C 31 -24.43 -32.40 13.69
N PRO C 32 -24.25 -31.23 13.04
CA PRO C 32 -22.91 -30.69 12.81
C PRO C 32 -22.28 -30.12 14.09
N LYS C 33 -20.95 -30.23 14.20
CA LYS C 33 -20.23 -29.63 15.35
C LYS C 33 -19.23 -28.58 14.88
N ALA C 34 -19.28 -27.41 15.53
CA ALA C 34 -18.36 -26.29 15.29
C ALA C 34 -17.54 -26.05 16.53
N TYR C 35 -16.30 -25.67 16.33
CA TYR C 35 -15.38 -25.30 17.41
C TYR C 35 -14.70 -24.01 17.02
N LEU C 36 -14.78 -23.01 17.88
CA LEU C 36 -14.12 -21.71 17.67
C LEU C 36 -13.35 -21.37 18.95
N GLN C 37 -12.07 -21.08 18.81
CA GLN C 37 -11.28 -20.66 19.99
C GLN C 37 -10.47 -19.43 19.62
N ALA C 38 -10.11 -18.66 20.63
CA ALA C 38 -9.27 -17.47 20.46
C ALA C 38 -8.33 -17.36 21.65
N GLY C 39 -7.24 -16.64 21.44
CA GLY C 39 -6.29 -16.30 22.52
C GLY C 39 -5.39 -17.46 22.89
N LEU C 40 -5.11 -18.37 21.96
CA LEU C 40 -4.13 -19.45 22.20
C LEU C 40 -2.78 -18.78 22.40
N HIS C 41 -2.52 -17.76 21.61
CA HIS C 41 -1.38 -16.86 21.91
C HIS C 41 -2.08 -15.80 22.77
N ALA C 42 -1.73 -15.67 24.05
CA ALA C 42 -2.53 -14.84 24.97
C ALA C 42 -2.31 -13.35 24.70
N ASP C 43 -1.41 -13.00 23.81
CA ASP C 43 -1.13 -11.57 23.52
C ASP C 43 -1.76 -11.20 22.17
N GLU C 44 -2.60 -12.08 21.61
CA GLU C 44 -3.31 -11.84 20.33
C GLU C 44 -4.78 -11.61 20.65
N PHE C 45 -5.22 -10.35 20.62
CA PHE C 45 -6.50 -9.90 21.25
C PHE C 45 -7.75 -9.90 20.35
N PRO C 46 -7.70 -9.54 19.05
CA PRO C 46 -8.91 -9.36 18.24
C PRO C 46 -9.94 -10.50 18.30
N GLY C 47 -9.46 -11.74 18.36
CA GLY C 47 -10.32 -12.93 18.41
C GLY C 47 -11.05 -13.02 19.73
N MET C 48 -10.44 -12.50 20.80
CA MET C 48 -11.03 -12.57 22.15
C MET C 48 -12.30 -11.73 22.13
N LEU C 49 -12.19 -10.54 21.56
CA LEU C 49 -13.32 -9.60 21.56
C LEU C 49 -14.35 -10.09 20.54
N ALA C 50 -13.92 -10.63 19.41
CA ALA C 50 -14.84 -11.13 18.36
C ALA C 50 -15.69 -12.26 18.96
N LEU C 51 -15.10 -13.17 19.74
CA LEU C 51 -15.90 -14.29 20.28
C LEU C 51 -16.81 -13.77 21.40
N LYS C 52 -16.43 -12.72 22.12
CA LYS C 52 -17.36 -12.12 23.11
C LYS C 52 -18.63 -11.70 22.37
N TYR C 53 -18.48 -11.03 21.24
CA TYR C 53 -19.64 -10.52 20.48
C TYR C 53 -20.34 -11.67 19.77
N LEU C 54 -19.62 -12.71 19.35
CA LEU C 54 -20.29 -13.85 18.69
C LEU C 54 -21.20 -14.51 19.72
N ARG C 55 -20.75 -14.58 20.98
CA ARG C 55 -21.60 -15.13 22.04
C ARG C 55 -22.86 -14.30 22.17
N ASP C 56 -22.78 -12.97 22.12
CA ASP C 56 -24.02 -12.16 22.23
C ASP C 56 -24.99 -12.60 21.12
N LEU C 57 -24.48 -12.79 19.89
CA LEU C 57 -25.33 -13.18 18.74
C LEU C 57 -25.91 -14.58 18.98
N LEU C 58 -25.11 -15.48 19.51
CA LEU C 58 -25.53 -16.89 19.76
C LEU C 58 -26.51 -16.94 20.93
N ASP C 59 -26.37 -16.06 21.93
CA ASP C 59 -27.33 -16.05 23.08
C ASP C 59 -28.72 -15.76 22.49
N GLU C 60 -28.78 -14.83 21.55
CA GLU C 60 -30.05 -14.45 20.90
C GLU C 60 -30.52 -15.62 20.03
N ALA C 61 -29.63 -16.28 19.29
CA ALA C 61 -30.03 -17.41 18.44
C ALA C 61 -30.57 -18.53 19.33
N ALA C 62 -29.99 -18.70 20.51
CA ALA C 62 -30.41 -19.74 21.48
C ALA C 62 -31.80 -19.39 22.00
N ARG C 63 -32.02 -18.12 22.34
CA ARG C 63 -33.31 -17.65 22.90
C ARG C 63 -34.40 -17.92 21.87
N ARG C 64 -34.09 -17.71 20.60
CA ARG C 64 -35.04 -17.86 19.47
C ARG C 64 -35.13 -19.34 19.06
N ASN C 65 -34.38 -20.22 19.75
CA ASN C 65 -34.39 -21.69 19.52
C ASN C 65 -33.92 -22.01 18.09
N ARG C 66 -32.85 -21.37 17.62
CA ARG C 66 -32.39 -21.50 16.21
C ARG C 66 -31.04 -22.21 16.08
N ILE C 67 -30.50 -22.74 17.17
CA ILE C 67 -29.21 -23.48 17.10
C ILE C 67 -29.49 -24.91 16.62
N LYS C 68 -28.81 -25.35 15.57
CA LYS C 68 -29.08 -26.68 14.97
C LYS C 68 -28.15 -27.75 15.53
N GLY C 69 -26.87 -27.44 15.69
CA GLY C 69 -25.86 -28.47 16.03
C GLY C 69 -25.26 -28.22 17.38
N GLU C 70 -23.96 -28.46 17.53
CA GLU C 70 -23.20 -28.10 18.74
C GLU C 70 -22.15 -27.06 18.38
N ILE C 71 -22.22 -25.88 18.98
CA ILE C 71 -21.21 -24.82 18.73
C ILE C 71 -20.37 -24.61 19.99
N VAL C 72 -19.07 -24.80 19.89
CA VAL C 72 -18.18 -24.66 21.07
C VAL C 72 -17.37 -23.38 20.95
N ILE C 73 -17.48 -22.49 21.94
CA ILE C 73 -16.80 -21.16 21.92
C ILE C 73 -15.81 -21.05 23.09
N ILE C 74 -14.54 -20.75 22.79
CA ILE C 74 -13.52 -20.53 23.85
C ILE C 74 -12.80 -19.21 23.57
N PRO C 75 -13.30 -18.08 24.11
CA PRO C 75 -12.71 -16.76 23.87
C PRO C 75 -11.27 -16.59 24.37
N GLN C 76 -10.90 -17.32 25.41
CA GLN C 76 -9.52 -17.28 25.96
C GLN C 76 -9.06 -18.72 26.19
N ALA C 77 -8.45 -19.31 25.17
CA ALA C 77 -8.04 -20.73 25.13
C ALA C 77 -6.77 -20.91 25.96
N ASN C 78 -6.15 -19.82 26.40
CA ASN C 78 -4.83 -19.96 27.06
C ASN C 78 -4.67 -19.02 28.25
N PRO C 79 -5.14 -19.50 29.41
CA PRO C 79 -5.06 -18.75 30.66
C PRO C 79 -3.65 -18.78 31.26
N ILE C 80 -2.75 -19.57 30.68
CA ILE C 80 -1.36 -19.67 31.20
C ILE C 80 -0.64 -18.44 30.69
N GLY C 81 -0.65 -18.28 29.37
CA GLY C 81 0.01 -17.17 28.68
C GLY C 81 -0.55 -15.85 29.15
N LEU C 82 -1.84 -15.83 29.49
CA LEU C 82 -2.56 -14.59 29.84
C LEU C 82 -2.01 -14.01 31.15
N SER C 83 -1.33 -14.82 31.96
CA SER C 83 -0.80 -14.40 33.28
C SER C 83 0.66 -13.96 33.15
N GLN C 84 1.28 -14.15 31.98
CA GLN C 84 2.75 -14.01 31.87
C GLN C 84 3.12 -12.56 31.59
N TRP C 85 3.10 -11.72 32.62
CA TRP C 85 3.52 -10.30 32.52
C TRP C 85 5.00 -10.18 32.87
N LYS C 86 5.74 -9.37 32.11
CA LYS C 86 7.15 -9.03 32.41
C LYS C 86 7.38 -7.54 32.16
N ASP C 87 7.79 -6.83 33.18
CA ASP C 87 8.07 -5.36 33.11
C ASP C 87 6.87 -4.64 32.52
N GLY C 88 5.65 -5.09 32.83
CA GLY C 88 4.40 -4.43 32.42
C GLY C 88 3.94 -4.80 31.03
N PHE C 89 4.61 -5.76 30.39
N PHE C 89 4.58 -5.80 30.41
CA PHE C 89 4.18 -6.26 29.04
CA PHE C 89 4.20 -6.25 29.06
C PHE C 89 3.74 -7.71 29.12
C PHE C 89 3.73 -7.71 29.12
N LEU C 90 2.75 -8.06 28.29
CA LEU C 90 2.23 -9.44 28.29
C LEU C 90 2.96 -10.21 27.21
N LEU C 91 3.65 -11.27 27.63
CA LEU C 91 4.34 -12.18 26.68
C LEU C 91 3.57 -13.47 26.65
N GLY C 92 2.69 -13.62 25.67
CA GLY C 92 1.71 -14.72 25.66
C GLY C 92 2.01 -15.77 24.61
N ARG C 93 3.16 -15.71 23.95
CA ARG C 93 3.45 -16.60 22.80
C ARG C 93 4.10 -17.90 23.27
N PHE C 94 4.95 -17.83 24.29
CA PHE C 94 5.69 -19.01 24.78
C PHE C 94 5.34 -19.27 26.23
N ASP C 95 5.36 -20.55 26.59
CA ASP C 95 5.06 -21.06 27.95
C ASP C 95 6.27 -20.87 28.84
N HIS C 96 6.11 -20.16 29.94
CA HIS C 96 7.26 -19.84 30.83
C HIS C 96 7.90 -21.14 31.30
N GLN C 97 7.08 -22.10 31.74
CA GLN C 97 7.59 -23.31 32.43
C GLN C 97 8.32 -24.23 31.45
N THR C 98 7.86 -24.39 30.22
CA THR C 98 8.49 -25.35 29.28
C THR C 98 9.32 -24.64 28.22
N GLY C 99 9.02 -23.37 27.95
CA GLY C 99 9.68 -22.56 26.93
C GLY C 99 9.08 -22.84 25.56
N THR C 100 8.04 -23.67 25.50
CA THR C 100 7.48 -24.08 24.21
C THR C 100 6.46 -23.05 23.72
N ASN C 101 6.24 -23.08 22.43
CA ASN C 101 5.23 -22.24 21.76
C ASN C 101 3.86 -22.82 22.08
N PHE C 102 2.89 -21.96 22.40
CA PHE C 102 1.54 -22.45 22.77
C PHE C 102 0.83 -23.07 21.57
N ASN C 103 1.20 -22.72 20.34
CA ASN C 103 0.53 -23.27 19.14
C ASN C 103 1.46 -24.25 18.44
N ARG C 104 2.09 -25.12 19.20
CA ARG C 104 3.01 -26.15 18.67
C ARG C 104 2.87 -27.39 19.56
N ASP C 105 3.40 -28.51 19.05
CA ASP C 105 3.52 -29.81 19.73
C ASP C 105 2.13 -30.36 20.10
N TYR C 106 1.19 -30.26 19.19
CA TYR C 106 -0.12 -30.95 19.36
C TYR C 106 0.05 -32.40 18.93
N PRO C 107 -0.75 -33.31 19.51
CA PRO C 107 -0.76 -34.73 19.13
C PRO C 107 -1.04 -35.00 17.65
N ASP C 108 -0.37 -36.01 17.10
CA ASP C 108 -0.64 -36.49 15.73
C ASP C 108 -1.67 -37.61 15.81
N LEU C 109 -2.91 -37.30 15.45
CA LEU C 109 -4.04 -38.25 15.59
C LEU C 109 -4.00 -39.30 14.50
N CYS C 110 -3.14 -39.17 13.51
CA CYS C 110 -2.99 -40.24 12.51
C CYS C 110 -2.12 -41.30 13.19
N GLN C 111 -0.97 -40.87 13.69
CA GLN C 111 -0.02 -41.77 14.36
C GLN C 111 -0.73 -42.51 15.49
N LEU C 112 -1.66 -41.85 16.17
CA LEU C 112 -2.34 -42.43 17.34
C LEU C 112 -3.49 -43.36 16.96
N THR C 113 -3.97 -43.36 15.70
CA THR C 113 -5.20 -44.11 15.35
C THR C 113 -4.98 -45.17 14.26
N VAL C 114 -3.88 -45.08 13.49
CA VAL C 114 -3.66 -46.01 12.33
C VAL C 114 -3.74 -47.46 12.79
N GLU C 115 -3.14 -47.82 13.91
CA GLU C 115 -3.13 -49.24 14.33
C GLU C 115 -4.55 -49.68 14.67
N LYS C 116 -5.26 -48.85 15.43
CA LYS C 116 -6.61 -49.17 15.96
C LYS C 116 -7.60 -49.35 14.79
N LEU C 117 -7.43 -48.57 13.73
CA LEU C 117 -8.38 -48.51 12.58
C LEU C 117 -8.16 -49.68 11.60
N ASP C 118 -7.09 -50.46 11.76
CA ASP C 118 -6.70 -51.49 10.76
C ASP C 118 -7.92 -52.33 10.34
N GLY C 119 -8.75 -52.78 11.29
CA GLY C 119 -9.84 -53.71 10.96
C GLY C 119 -11.20 -53.05 10.96
N GLN C 120 -11.31 -51.72 11.02
CA GLN C 120 -12.62 -51.08 11.31
CA GLN C 120 -12.62 -51.06 11.31
C GLN C 120 -13.16 -50.28 10.12
N LEU C 121 -12.37 -50.10 9.06
CA LEU C 121 -12.86 -49.22 7.96
C LEU C 121 -13.65 -50.03 6.94
N THR C 122 -14.64 -49.39 6.34
CA THR C 122 -15.52 -50.00 5.33
C THR C 122 -15.68 -49.08 4.11
N GLU C 123 -16.59 -49.43 3.22
CA GLU C 123 -16.79 -48.72 1.94
C GLU C 123 -17.70 -47.52 2.16
N ASN C 124 -18.28 -47.39 3.34
CA ASN C 124 -19.23 -46.30 3.68
C ASN C 124 -18.46 -45.16 4.34
N ALA C 125 -18.33 -44.02 3.64
CA ALA C 125 -17.54 -42.86 4.11
C ALA C 125 -18.08 -42.35 5.44
N GLU C 126 -19.40 -42.27 5.58
CA GLU C 126 -20.02 -41.64 6.78
C GLU C 126 -19.67 -42.55 7.97
N HIS C 127 -19.69 -43.86 7.75
CA HIS C 127 -19.34 -44.84 8.80
C HIS C 127 -17.88 -44.61 9.19
N ASN C 128 -17.02 -44.49 8.20
CA ASN C 128 -15.58 -44.30 8.48
C ASN C 128 -15.40 -43.03 9.31
N ILE C 129 -16.17 -41.98 9.02
CA ILE C 129 -16.02 -40.70 9.77
C ILE C 129 -16.34 -40.96 11.24
N ASP C 130 -17.44 -41.64 11.54
CA ASP C 130 -17.84 -41.91 12.94
C ASP C 130 -16.80 -42.81 13.61
N VAL C 131 -16.28 -43.79 12.88
CA VAL C 131 -15.29 -44.76 13.43
C VAL C 131 -14.01 -44.00 13.77
N ILE C 132 -13.57 -43.16 12.84
CA ILE C 132 -12.28 -42.43 13.02
C ILE C 132 -12.45 -41.45 14.18
N ARG C 133 -13.57 -40.73 14.24
CA ARG C 133 -13.79 -39.76 15.35
C ARG C 133 -13.81 -40.49 16.69
N LYS C 134 -14.47 -41.65 16.76
CA LYS C 134 -14.56 -42.40 18.03
C LYS C 134 -13.16 -42.87 18.41
N THR C 135 -12.42 -43.36 17.43
CA THR C 135 -11.05 -43.87 17.65
C THR C 135 -10.16 -42.72 18.14
N MET C 136 -10.28 -41.52 17.54
CA MET C 136 -9.49 -40.33 17.94
C MET C 136 -9.76 -40.02 19.41
N ARG C 137 -11.03 -40.02 19.82
CA ARG C 137 -11.41 -39.68 21.22
C ARG C 137 -10.78 -40.72 22.16
N SER C 138 -10.85 -42.00 21.80
CA SER C 138 -10.28 -43.09 22.62
C SER C 138 -8.77 -42.92 22.74
N ALA C 139 -8.11 -42.64 21.62
CA ALA C 139 -6.64 -42.53 21.55
C ALA C 139 -6.20 -41.38 22.48
N LEU C 140 -6.96 -40.29 22.49
CA LEU C 140 -6.60 -39.13 23.34
C LEU C 140 -6.88 -39.49 24.81
N SER C 141 -7.93 -40.26 25.10
CA SER C 141 -8.26 -40.66 26.49
C SER C 141 -7.08 -41.42 27.10
N GLU C 142 -6.36 -42.16 26.27
CA GLU C 142 -5.22 -43.01 26.68
C GLU C 142 -4.00 -42.17 27.06
N LEU C 143 -3.91 -40.90 26.64
CA LEU C 143 -2.71 -40.07 26.92
C LEU C 143 -2.83 -39.47 28.32
N LYS C 144 -1.71 -39.33 29.01
CA LYS C 144 -1.68 -38.74 30.38
C LYS C 144 -0.60 -37.65 30.46
N PRO C 145 -0.90 -36.44 29.96
CA PRO C 145 -0.01 -35.29 30.13
C PRO C 145 0.02 -34.80 31.58
N GLU C 146 1.15 -34.26 32.03
CA GLU C 146 1.37 -33.83 33.43
C GLU C 146 1.52 -32.30 33.53
N GLN C 147 2.21 -31.66 32.58
CA GLN C 147 2.47 -30.20 32.67
C GLN C 147 1.24 -29.43 32.22
N ALA C 148 0.94 -28.32 32.88
CA ALA C 148 -0.31 -27.56 32.62
C ALA C 148 -0.46 -27.28 31.12
N VAL C 149 0.63 -26.95 30.43
CA VAL C 149 0.54 -26.57 28.99
C VAL C 149 0.21 -27.81 28.16
N ASP C 150 0.67 -28.98 28.57
CA ASP C 150 0.46 -30.22 27.78
C ASP C 150 -0.99 -30.64 28.03
N VAL C 151 -1.46 -30.42 29.25
CA VAL C 151 -2.85 -30.76 29.65
C VAL C 151 -3.79 -29.83 28.89
N LEU C 152 -3.40 -28.57 28.77
CA LEU C 152 -4.18 -27.56 28.01
C LEU C 152 -4.26 -27.97 26.54
N ARG C 153 -3.14 -28.29 25.93
CA ARG C 153 -3.13 -28.66 24.49
C ARG C 153 -4.01 -29.89 24.30
N HIS C 154 -3.90 -30.85 25.22
CA HIS C 154 -4.64 -32.13 25.19
C HIS C 154 -6.15 -31.84 25.25
N LYS C 155 -6.56 -30.98 26.17
CA LYS C 155 -8.00 -30.64 26.32
C LYS C 155 -8.49 -29.99 25.03
N LEU C 156 -7.74 -29.04 24.47
CA LEU C 156 -8.23 -28.27 23.31
C LEU C 156 -8.40 -29.21 22.12
N ILE C 157 -7.49 -30.17 21.90
CA ILE C 157 -7.62 -31.09 20.73
C ILE C 157 -8.73 -32.11 21.06
N SER C 158 -8.85 -32.54 22.31
CA SER C 158 -9.90 -33.52 22.72
C SER C 158 -11.27 -32.95 22.41
N GLU C 159 -11.44 -31.64 22.56
CA GLU C 159 -12.75 -30.98 22.36
C GLU C 159 -12.95 -30.51 20.92
N SER C 160 -11.99 -30.68 20.03
CA SER C 160 -12.08 -30.12 18.65
C SER C 160 -11.89 -31.18 17.57
N CYS C 161 -11.22 -32.29 17.86
CA CYS C 161 -10.82 -33.29 16.84
C CYS C 161 -12.04 -33.86 16.13
N ASP C 162 -13.21 -33.89 16.76
CA ASP C 162 -14.40 -34.56 16.17
C ASP C 162 -15.36 -33.52 15.61
N ALA C 163 -14.92 -32.27 15.45
CA ALA C 163 -15.75 -31.20 14.89
C ALA C 163 -15.74 -31.28 13.37
N ASP C 164 -16.77 -30.71 12.75
CA ASP C 164 -16.86 -30.59 11.28
C ASP C 164 -16.17 -29.28 10.87
N LEU C 165 -16.29 -28.26 11.72
CA LEU C 165 -15.72 -26.92 11.45
C LEU C 165 -14.86 -26.47 12.64
N VAL C 166 -13.61 -26.10 12.38
CA VAL C 166 -12.70 -25.59 13.45
C VAL C 166 -12.06 -24.28 13.03
N LEU C 167 -12.32 -23.21 13.77
CA LEU C 167 -11.68 -21.92 13.49
C LEU C 167 -10.82 -21.51 14.68
N ASP C 168 -9.51 -21.45 14.46
CA ASP C 168 -8.52 -21.02 15.46
C ASP C 168 -8.23 -19.54 15.23
N LEU C 169 -8.67 -18.68 16.15
CA LEU C 169 -8.55 -17.22 15.94
C LEU C 169 -7.27 -16.71 16.57
N HIS C 170 -6.46 -16.09 15.73
CA HIS C 170 -5.09 -15.58 16.00
C HIS C 170 -4.96 -14.13 15.53
N ALA C 171 -3.75 -13.59 15.66
CA ALA C 171 -3.37 -12.27 15.13
C ALA C 171 -1.87 -12.28 14.82
N ASP C 172 -1.38 -11.29 14.08
CA ASP C 172 0.07 -11.16 13.88
C ASP C 172 0.52 -9.85 14.52
N ASN C 173 1.81 -9.58 14.54
CA ASN C 173 2.26 -8.40 15.31
C ASN C 173 1.77 -7.13 14.64
N GLN C 174 1.82 -7.08 13.33
CA GLN C 174 1.21 -5.98 12.56
C GLN C 174 0.79 -6.58 11.23
N ALA C 175 -0.51 -6.76 11.02
CA ALA C 175 -0.93 -7.48 9.80
C ALA C 175 -2.36 -7.19 9.41
N GLN C 176 -2.63 -7.46 8.14
CA GLN C 176 -3.99 -7.53 7.58
C GLN C 176 -4.57 -8.89 7.95
N CYS C 177 -5.89 -8.96 7.97
CA CYS C 177 -6.60 -10.24 8.16
C CYS C 177 -6.08 -11.23 7.11
N HIS C 178 -5.67 -12.40 7.56
CA HIS C 178 -5.22 -13.49 6.66
C HIS C 178 -5.56 -14.86 7.24
N MET C 179 -5.48 -15.87 6.40
CA MET C 179 -5.94 -17.22 6.76
C MET C 179 -4.90 -18.27 6.39
N TYR C 180 -4.81 -19.32 7.19
CA TYR C 180 -4.03 -20.53 6.88
C TYR C 180 -4.96 -21.75 6.87
N THR C 181 -4.78 -22.66 5.91
CA THR C 181 -5.50 -23.95 5.98
C THR C 181 -4.69 -25.04 5.30
N LEU C 182 -5.24 -26.25 5.37
CA LEU C 182 -4.62 -27.44 4.76
C LEU C 182 -4.77 -27.30 3.25
N THR C 183 -3.72 -27.55 2.48
CA THR C 183 -3.77 -27.38 1.00
C THR C 183 -5.03 -27.99 0.39
N PRO C 184 -5.38 -29.28 0.60
CA PRO C 184 -6.56 -29.88 -0.02
C PRO C 184 -7.92 -29.37 0.48
N LEU C 185 -7.95 -28.49 1.48
CA LEU C 185 -9.22 -27.85 1.95
C LEU C 185 -9.45 -26.56 1.20
N TRP C 186 -8.59 -26.28 0.22
CA TRP C 186 -8.82 -25.12 -0.67
C TRP C 186 -9.23 -25.68 -2.01
N PRO C 187 -10.29 -25.24 -2.69
CA PRO C 187 -11.14 -24.10 -2.32
C PRO C 187 -12.34 -24.38 -1.42
N ALA C 188 -12.38 -25.54 -0.76
CA ALA C 188 -13.53 -25.93 0.08
C ALA C 188 -13.81 -24.80 1.08
N MET C 189 -12.78 -24.13 1.58
CA MET C 189 -12.99 -23.11 2.63
C MET C 189 -12.91 -21.70 2.04
N HIS C 190 -13.23 -21.57 0.76
CA HIS C 190 -13.35 -20.28 0.04
C HIS C 190 -14.38 -19.39 0.75
N ASP C 191 -15.49 -19.98 1.19
CA ASP C 191 -16.62 -19.19 1.74
C ASP C 191 -16.14 -18.55 3.03
N VAL C 192 -15.41 -19.30 3.84
CA VAL C 192 -15.00 -18.76 5.17
C VAL C 192 -13.97 -17.66 4.94
N ALA C 193 -13.07 -17.84 3.97
CA ALA C 193 -12.04 -16.83 3.63
C ALA C 193 -12.72 -15.55 3.17
N ALA C 194 -13.77 -15.68 2.36
CA ALA C 194 -14.47 -14.52 1.79
C ALA C 194 -15.21 -13.78 2.92
N GLU C 195 -15.89 -14.50 3.80
CA GLU C 195 -16.71 -13.87 4.86
C GLU C 195 -15.83 -13.07 5.82
N ILE C 196 -14.63 -13.54 6.12
CA ILE C 196 -13.74 -12.88 7.12
C ILE C 196 -12.85 -11.83 6.43
N ASP C 197 -12.93 -11.72 5.09
CA ASP C 197 -12.15 -10.77 4.27
C ASP C 197 -10.64 -11.01 4.45
N ALA C 198 -10.19 -12.25 4.26
CA ALA C 198 -8.76 -12.59 4.25
C ALA C 198 -8.08 -11.86 3.07
N ARG C 199 -6.89 -11.35 3.30
CA ARG C 199 -6.11 -10.67 2.24
C ARG C 199 -4.94 -11.55 1.82
N ALA C 200 -4.87 -12.74 2.41
CA ALA C 200 -3.93 -13.80 2.02
C ALA C 200 -4.48 -15.12 2.54
N VAL C 201 -4.41 -16.15 1.72
CA VAL C 201 -4.76 -17.52 2.17
C VAL C 201 -3.54 -18.39 1.91
N LEU C 202 -2.98 -18.94 2.98
CA LEU C 202 -1.68 -19.64 2.92
C LEU C 202 -1.90 -21.15 3.10
N LEU C 203 -1.45 -21.91 2.13
CA LEU C 203 -1.73 -23.36 2.07
C LEU C 203 -0.49 -24.20 2.38
N ALA C 204 -0.67 -25.25 3.18
CA ALA C 204 0.39 -26.24 3.46
C ALA C 204 -0.24 -27.59 3.82
N GLU C 205 0.48 -28.67 3.59
CA GLU C 205 0.01 -30.00 4.04
C GLU C 205 0.61 -30.25 5.43
N GLU C 206 1.83 -29.80 5.63
CA GLU C 206 2.54 -30.01 6.90
C GLU C 206 3.46 -28.82 7.07
N SER C 207 3.34 -28.12 8.18
CA SER C 207 4.06 -26.84 8.39
C SER C 207 5.20 -27.05 9.37
N GLY C 208 5.16 -26.36 10.50
CA GLY C 208 6.17 -26.49 11.56
C GLY C 208 5.79 -27.56 12.55
N GLY C 209 6.19 -27.36 13.81
CA GLY C 209 6.05 -28.37 14.87
C GLY C 209 4.62 -28.56 15.32
N HIS C 210 3.77 -29.15 14.48
CA HIS C 210 2.41 -29.64 14.86
C HIS C 210 1.54 -28.56 15.51
N PRO C 211 1.14 -27.52 14.74
CA PRO C 211 0.19 -26.51 15.20
C PRO C 211 -1.24 -27.04 15.29
N PHE C 212 -2.10 -26.34 16.01
CA PHE C 212 -3.49 -26.75 16.33
C PHE C 212 -4.36 -26.98 15.08
N ASP C 213 -4.33 -26.08 14.11
CA ASP C 213 -5.26 -26.21 12.96
C ASP C 213 -4.92 -27.48 12.18
N GLU C 214 -3.64 -27.73 11.97
CA GLU C 214 -3.18 -28.94 11.24
C GLU C 214 -3.48 -30.15 12.12
N ALA C 215 -3.37 -30.03 13.43
CA ALA C 215 -3.67 -31.15 14.34
C ALA C 215 -5.11 -31.61 14.10
N CYS C 216 -6.01 -30.68 13.80
CA CYS C 216 -7.44 -30.96 13.55
C CYS C 216 -7.69 -31.51 12.14
N SER C 217 -7.10 -30.92 11.10
CA SER C 217 -7.46 -31.29 9.71
C SER C 217 -6.50 -32.30 9.06
N ALA C 218 -5.23 -32.29 9.43
CA ALA C 218 -4.19 -33.12 8.76
C ALA C 218 -4.50 -34.61 8.89
N PRO C 219 -4.96 -35.12 10.06
CA PRO C 219 -5.19 -36.55 10.27
C PRO C 219 -6.08 -37.19 9.20
N TRP C 220 -7.02 -36.43 8.67
CA TRP C 220 -7.96 -37.00 7.68
C TRP C 220 -7.22 -37.21 6.36
N MET C 221 -6.29 -36.32 6.05
CA MET C 221 -5.47 -36.38 4.83
C MET C 221 -4.48 -37.53 4.99
N ASN C 222 -3.87 -37.61 6.16
CA ASN C 222 -2.82 -38.63 6.40
C ASN C 222 -3.46 -40.01 6.52
N LEU C 223 -4.68 -40.11 7.08
CA LEU C 223 -5.35 -41.42 7.19
C LEU C 223 -5.81 -41.85 5.79
N SER C 224 -6.27 -40.91 4.96
CA SER C 224 -6.70 -41.23 3.58
C SER C 224 -5.54 -41.89 2.85
N ARG C 225 -4.34 -41.36 3.06
CA ARG C 225 -3.10 -41.87 2.43
C ARG C 225 -2.71 -43.23 3.06
N ALA C 226 -2.88 -43.36 4.38
CA ALA C 226 -2.54 -44.61 5.13
C ALA C 226 -3.47 -45.74 4.68
N PHE C 227 -4.72 -45.42 4.37
CA PHE C 227 -5.76 -46.42 4.01
C PHE C 227 -6.42 -46.07 2.69
N PRO C 228 -5.67 -46.17 1.56
CA PRO C 228 -6.13 -45.71 0.25
C PRO C 228 -7.25 -46.57 -0.35
N ASP C 229 -7.53 -47.71 0.27
CA ASP C 229 -8.61 -48.63 -0.20
C ASP C 229 -9.95 -48.24 0.41
N TYR C 230 -10.00 -47.22 1.25
CA TYR C 230 -11.24 -46.82 1.94
C TYR C 230 -11.50 -45.34 1.71
N PRO C 231 -12.78 -44.95 1.60
CA PRO C 231 -13.16 -43.54 1.52
C PRO C 231 -13.03 -42.82 2.88
N ILE C 232 -12.04 -41.95 2.97
CA ILE C 232 -11.77 -41.09 4.16
C ILE C 232 -11.75 -39.65 3.66
N PRO C 233 -12.89 -38.96 3.80
CA PRO C 233 -13.00 -37.55 3.44
C PRO C 233 -12.33 -36.66 4.49
N LEU C 234 -12.06 -35.42 4.11
CA LEU C 234 -11.46 -34.44 5.04
C LEU C 234 -12.59 -33.89 5.91
N ALA C 235 -13.03 -34.74 6.83
CA ALA C 235 -14.22 -34.55 7.68
C ALA C 235 -14.07 -33.30 8.56
N CYS C 236 -12.87 -32.99 9.01
CA CYS C 236 -12.68 -31.79 9.86
C CYS C 236 -12.05 -30.69 9.05
N GLN C 237 -12.82 -29.62 8.80
CA GLN C 237 -12.35 -28.47 8.00
C GLN C 237 -11.87 -27.40 8.98
N SER C 238 -10.55 -27.30 9.15
CA SER C 238 -9.95 -26.33 10.08
C SER C 238 -9.26 -25.23 9.31
N ALA C 239 -9.17 -24.07 9.95
CA ALA C 239 -8.38 -22.94 9.45
C ALA C 239 -7.91 -22.10 10.61
N THR C 240 -6.81 -21.40 10.40
CA THR C 240 -6.35 -20.34 11.30
C THR C 240 -6.72 -19.00 10.70
N PHE C 241 -7.38 -18.17 11.49
CA PHE C 241 -7.66 -16.79 11.07
C PHE C 241 -6.79 -15.84 11.87
N ALA C 242 -5.87 -15.17 11.20
CA ALA C 242 -5.17 -14.02 11.81
C ALA C 242 -6.05 -12.81 11.56
N LEU C 243 -6.72 -12.34 12.59
CA LEU C 243 -7.85 -11.39 12.38
C LEU C 243 -7.34 -9.95 12.26
N GLY C 244 -6.05 -9.74 12.45
CA GLY C 244 -5.47 -8.39 12.41
C GLY C 244 -4.21 -8.34 13.22
N SER C 245 -3.89 -7.17 13.74
CA SER C 245 -2.66 -6.97 14.54
C SER C 245 -2.95 -7.46 15.95
N ASN C 246 -1.91 -7.87 16.67
CA ASN C 246 -2.05 -8.41 18.05
C ASN C 246 -2.85 -7.45 18.92
N ASP C 247 -2.63 -6.14 18.76
CA ASP C 247 -3.19 -5.13 19.68
C ASP C 247 -4.42 -4.47 19.07
N GLU C 248 -4.96 -5.02 17.99
CA GLU C 248 -6.07 -4.37 17.28
C GLU C 248 -7.39 -4.66 18.01
N VAL C 249 -7.66 -3.89 19.04
CA VAL C 249 -8.89 -4.03 19.86
C VAL C 249 -9.82 -2.87 19.51
N ASP C 250 -10.87 -3.18 18.78
CA ASP C 250 -11.79 -2.16 18.21
C ASP C 250 -13.19 -2.74 18.21
N LEU C 251 -14.15 -1.96 18.70
CA LEU C 251 -15.55 -2.43 18.86
C LEU C 251 -16.14 -2.73 17.49
N ARG C 252 -15.90 -1.85 16.52
CA ARG C 252 -16.54 -1.99 15.19
C ARG C 252 -15.99 -3.28 14.59
N LEU C 253 -14.69 -3.45 14.65
CA LEU C 253 -14.03 -4.59 13.98
C LEU C 253 -14.52 -5.88 14.64
N ALA C 254 -14.52 -5.94 15.96
CA ALA C 254 -14.88 -7.18 16.67
C ALA C 254 -16.34 -7.53 16.34
N GLN C 255 -17.21 -6.54 16.25
CA GLN C 255 -18.63 -6.78 15.95
C GLN C 255 -18.73 -7.27 14.51
N ASP C 256 -17.97 -6.68 13.58
CA ASP C 256 -18.01 -7.09 12.15
C ASP C 256 -17.50 -8.54 12.04
N GLN C 257 -16.47 -8.89 12.80
CA GLN C 257 -15.87 -10.24 12.73
C GLN C 257 -16.85 -11.23 13.35
N ALA C 258 -17.51 -10.84 14.44
CA ALA C 258 -18.53 -11.71 15.08
C ALA C 258 -19.66 -11.97 14.08
N GLU C 259 -20.08 -10.95 13.35
CA GLU C 259 -21.17 -11.11 12.37
C GLU C 259 -20.70 -12.03 11.25
N ALA C 260 -19.45 -11.90 10.81
CA ALA C 260 -18.90 -12.76 9.74
C ALA C 260 -18.90 -14.20 10.24
N LEU C 261 -18.48 -14.42 11.48
CA LEU C 261 -18.38 -15.79 12.04
C LEU C 261 -19.80 -16.37 12.12
N PHE C 262 -20.77 -15.54 12.47
CA PHE C 262 -22.19 -15.94 12.56
C PHE C 262 -22.65 -16.37 11.17
N ARG C 263 -22.33 -15.58 10.14
CA ARG C 263 -22.72 -15.90 8.75
C ARG C 263 -22.06 -17.22 8.33
N ILE C 264 -20.84 -17.48 8.76
CA ILE C 264 -20.14 -18.75 8.42
C ILE C 264 -20.94 -19.88 9.06
N LEU C 265 -21.33 -19.72 10.32
CA LEU C 265 -22.10 -20.75 11.05
C LEU C 265 -23.44 -20.97 10.32
N ILE C 266 -24.08 -19.91 9.84
CA ILE C 266 -25.38 -20.08 9.13
C ILE C 266 -25.12 -20.89 7.86
N ARG C 267 -24.13 -20.49 7.06
CA ARG C 267 -23.87 -21.12 5.74
C ARG C 267 -23.59 -22.61 5.94
N ARG C 268 -22.98 -22.97 7.06
CA ARG C 268 -22.57 -24.37 7.27
C ARG C 268 -23.55 -25.14 8.14
N GLY C 269 -24.77 -24.62 8.34
CA GLY C 269 -25.92 -25.38 8.89
C GLY C 269 -25.96 -25.41 10.41
N PHE C 270 -25.49 -24.38 11.09
CA PHE C 270 -25.55 -24.35 12.57
C PHE C 270 -26.69 -23.48 13.06
N ILE C 271 -27.24 -22.64 12.19
CA ILE C 271 -28.28 -21.65 12.57
C ILE C 271 -29.43 -21.80 11.57
N GLU C 272 -30.70 -21.79 12.04
CA GLU C 272 -31.84 -21.85 11.07
C GLU C 272 -32.71 -20.60 11.12
N ASP C 273 -33.50 -20.42 10.07
CA ASP C 273 -34.42 -19.27 9.86
C ASP C 273 -33.61 -17.97 9.78
N VAL C 274 -32.42 -17.99 9.22
CA VAL C 274 -31.65 -16.74 8.98
C VAL C 274 -31.13 -16.79 7.56
N HIS C 275 -31.23 -15.68 6.85
CA HIS C 275 -30.81 -15.58 5.43
C HIS C 275 -29.38 -15.05 5.37
N VAL C 276 -28.57 -15.61 4.49
CA VAL C 276 -27.14 -15.18 4.36
C VAL C 276 -26.96 -14.29 3.15
N GLY C 277 -27.59 -14.63 2.02
CA GLY C 277 -27.44 -13.88 0.75
C GLY C 277 -26.13 -14.19 0.05
N GLU C 278 -25.69 -13.28 -0.81
CA GLU C 278 -24.53 -13.49 -1.71
C GLU C 278 -23.26 -13.52 -0.88
N LEU C 279 -22.37 -14.45 -1.21
CA LEU C 279 -21.01 -14.50 -0.62
C LEU C 279 -20.23 -13.26 -1.07
N PRO C 280 -19.49 -12.61 -0.17
CA PRO C 280 -18.63 -11.48 -0.53
C PRO C 280 -17.51 -11.96 -1.46
N GLN C 281 -16.96 -11.03 -2.22
CA GLN C 281 -15.81 -11.30 -3.11
C GLN C 281 -14.57 -11.51 -2.25
N LEU C 282 -13.82 -12.58 -2.48
CA LEU C 282 -12.51 -12.79 -1.81
C LEU C 282 -11.49 -11.89 -2.52
N ALA C 283 -10.70 -11.18 -1.73
CA ALA C 283 -9.76 -10.13 -2.19
C ALA C 283 -8.42 -10.72 -2.61
N CYS C 284 -8.24 -12.03 -2.52
CA CYS C 284 -6.93 -12.66 -2.81
C CYS C 284 -7.10 -14.07 -3.36
N GLU C 285 -6.02 -14.63 -3.91
CA GLU C 285 -5.99 -16.05 -4.32
C GLU C 285 -5.34 -16.84 -3.19
N GLY C 286 -5.66 -18.13 -3.10
CA GLY C 286 -4.90 -19.07 -2.27
C GLY C 286 -3.51 -19.23 -2.82
N THR C 287 -2.50 -19.12 -1.97
CA THR C 287 -1.09 -19.31 -2.37
C THR C 287 -0.46 -20.33 -1.44
N LEU C 288 0.65 -20.91 -1.84
CA LEU C 288 1.37 -21.85 -0.95
C LEU C 288 2.14 -21.09 0.11
N LEU C 289 2.21 -21.66 1.30
CA LEU C 289 2.97 -21.08 2.41
C LEU C 289 4.44 -21.05 2.01
N GLU C 290 4.90 -22.04 1.26
CA GLU C 290 6.32 -22.12 0.85
C GLU C 290 6.62 -21.04 -0.19
N ALA C 291 5.61 -20.38 -0.75
CA ALA C 291 5.78 -19.28 -1.73
C ALA C 291 5.79 -17.95 -0.99
N MET C 292 5.53 -17.98 0.31
CA MET C 292 5.49 -16.75 1.12
C MET C 292 6.93 -16.39 1.50
N GLN C 293 7.28 -15.12 1.37
CA GLN C 293 8.62 -14.68 1.76
C GLN C 293 8.55 -14.14 3.18
N GLN C 294 9.41 -14.62 4.04
CA GLN C 294 9.65 -13.98 5.35
C GLN C 294 10.76 -12.96 5.12
N LEU C 295 10.52 -11.72 5.50
CA LEU C 295 11.58 -10.70 5.45
C LEU C 295 12.34 -10.81 6.75
N LYS C 296 13.64 -11.00 6.67
CA LYS C 296 14.41 -11.13 7.91
C LYS C 296 15.44 -10.03 8.01
N ALA C 297 15.64 -9.56 9.22
CA ALA C 297 16.71 -8.63 9.55
C ALA C 297 18.01 -9.42 9.57
N PRO C 298 19.01 -9.03 8.76
CA PRO C 298 20.32 -9.66 8.76
C PRO C 298 21.18 -9.17 9.93
N CYS C 299 20.71 -8.13 10.61
CA CYS C 299 21.48 -7.52 11.72
C CYS C 299 20.54 -6.80 12.69
N GLN C 300 21.07 -6.36 13.82
CA GLN C 300 20.30 -5.59 14.82
C GLN C 300 20.16 -4.15 14.32
N GLY C 301 19.09 -3.47 14.73
CA GLY C 301 18.91 -2.02 14.45
C GLY C 301 17.46 -1.61 14.27
N LEU C 302 17.25 -0.35 13.91
CA LEU C 302 15.89 0.23 13.75
C LEU C 302 15.26 -0.38 12.52
N ILE C 303 13.97 -0.71 12.58
CA ILE C 303 13.28 -1.22 11.38
C ILE C 303 12.58 -0.06 10.70
N VAL C 304 13.04 0.26 9.51
CA VAL C 304 12.49 1.39 8.74
C VAL C 304 11.79 0.81 7.53
N TYR C 305 10.48 0.92 7.47
CA TYR C 305 9.71 0.34 6.34
C TYR C 305 9.59 1.37 5.24
N HIS C 306 9.69 0.91 4.00
CA HIS C 306 9.51 1.76 2.80
C HIS C 306 8.17 1.42 2.14
N ASN C 307 7.48 0.41 2.66
CA ASN C 307 6.14 0.02 2.14
C ASN C 307 5.13 0.02 3.27
N ARG C 308 3.89 0.34 2.92
CA ARG C 308 2.78 0.33 3.88
C ARG C 308 2.25 -1.09 3.97
N LEU C 309 1.57 -1.36 5.07
CA LEU C 309 0.87 -2.64 5.24
C LEU C 309 -0.17 -2.74 4.13
N GLY C 310 -0.14 -3.83 3.39
CA GLY C 310 -1.12 -4.12 2.31
C GLY C 310 -0.63 -3.70 0.93
N ASP C 311 0.53 -3.04 0.82
CA ASP C 311 1.07 -2.63 -0.50
C ASP C 311 1.42 -3.88 -1.31
N PHE C 312 1.22 -3.81 -2.61
CA PHE C 312 1.73 -4.83 -3.53
C PHE C 312 3.19 -4.48 -3.82
N VAL C 313 4.09 -5.44 -3.70
CA VAL C 313 5.53 -5.21 -3.96
C VAL C 313 6.02 -6.17 -5.03
N ARG C 314 7.10 -5.81 -5.72
CA ARG C 314 7.68 -6.66 -6.77
C ARG C 314 9.09 -7.09 -6.40
N SER C 315 9.49 -8.24 -6.95
CA SER C 315 10.84 -8.79 -6.72
C SER C 315 11.86 -7.70 -7.05
N GLY C 316 12.78 -7.46 -6.13
CA GLY C 316 13.85 -6.46 -6.30
C GLY C 316 13.55 -5.16 -5.59
N ASP C 317 12.30 -4.92 -5.20
CA ASP C 317 11.90 -3.66 -4.51
C ASP C 317 12.55 -3.60 -3.12
N LYS C 318 12.99 -2.42 -2.74
CA LYS C 318 13.44 -2.17 -1.36
C LYS C 318 12.21 -2.03 -0.48
N VAL C 319 12.03 -2.93 0.47
CA VAL C 319 10.77 -2.94 1.25
C VAL C 319 11.04 -2.40 2.64
N VAL C 320 12.17 -2.76 3.20
CA VAL C 320 12.50 -2.36 4.60
C VAL C 320 14.01 -2.24 4.72
N SER C 321 14.47 -1.37 5.61
CA SER C 321 15.91 -1.20 5.90
C SER C 321 16.16 -1.39 7.39
N ILE C 322 17.32 -1.90 7.74
CA ILE C 322 17.74 -1.93 9.16
C ILE C 322 18.77 -0.82 9.36
N VAL C 323 18.49 0.07 10.28
CA VAL C 323 19.35 1.26 10.49
C VAL C 323 19.98 1.20 11.87
N ASP C 324 21.30 1.16 11.89
CA ASP C 324 22.08 1.25 13.13
C ASP C 324 22.30 2.74 13.39
N PRO C 325 21.71 3.30 14.45
CA PRO C 325 21.78 4.73 14.73
C PRO C 325 23.23 5.23 14.93
N ILE C 326 24.14 4.31 15.22
CA ILE C 326 25.57 4.65 15.44
C ILE C 326 26.42 3.85 14.46
N GLY C 327 25.80 3.36 13.39
CA GLY C 327 26.50 2.53 12.40
C GLY C 327 25.93 2.66 11.01
N GLU C 328 25.79 1.51 10.34
CA GLU C 328 25.44 1.39 8.90
C GLU C 328 23.97 1.07 8.70
N THR C 329 23.51 1.28 7.48
CA THR C 329 22.15 0.93 7.03
C THR C 329 22.21 -0.25 6.06
N VAL C 330 21.34 -1.22 6.25
CA VAL C 330 21.27 -2.41 5.36
C VAL C 330 19.88 -2.50 4.75
N ASP C 331 19.82 -2.54 3.44
CA ASP C 331 18.55 -2.58 2.68
C ASP C 331 18.09 -4.04 2.50
N ILE C 332 16.80 -4.29 2.69
CA ILE C 332 16.19 -5.64 2.52
C ILE C 332 15.20 -5.60 1.35
N LEU C 333 15.38 -6.53 0.42
CA LEU C 333 14.60 -6.53 -0.84
C LEU C 333 13.56 -7.65 -0.84
N ALA C 334 12.48 -7.41 -1.57
CA ALA C 334 11.49 -8.44 -1.91
C ALA C 334 12.15 -9.43 -2.89
N HIS C 335 11.92 -10.71 -2.71
CA HIS C 335 12.43 -11.73 -3.66
C HIS C 335 11.27 -12.36 -4.42
N THR C 336 10.08 -11.80 -4.28
CA THR C 336 8.90 -12.33 -4.99
C THR C 336 7.86 -11.23 -5.13
N ASP C 337 7.03 -11.32 -6.14
CA ASP C 337 5.90 -10.39 -6.33
C ASP C 337 4.78 -10.84 -5.39
N GLY C 338 4.11 -9.89 -4.72
CA GLY C 338 2.99 -10.27 -3.84
C GLY C 338 2.56 -9.15 -2.91
N VAL C 339 1.70 -9.48 -1.97
CA VAL C 339 1.15 -8.45 -1.05
C VAL C 339 1.87 -8.50 0.30
N LEU C 340 2.30 -7.34 0.75
CA LEU C 340 2.95 -7.19 2.07
C LEU C 340 1.85 -7.20 3.13
N PHE C 341 1.31 -8.38 3.41
CA PHE C 341 0.15 -8.52 4.32
C PHE C 341 0.61 -8.44 5.78
N ALA C 342 1.91 -8.55 6.06
CA ALA C 342 2.38 -8.39 7.45
C ALA C 342 3.71 -7.63 7.54
N ARG C 343 3.85 -6.87 8.62
CA ARG C 343 5.10 -6.16 9.00
C ARG C 343 5.44 -6.58 10.43
N HIS C 344 5.66 -5.63 11.33
CA HIS C 344 5.84 -5.91 12.77
C HIS C 344 5.54 -4.67 13.59
N SER C 345 5.07 -4.87 14.82
CA SER C 345 4.69 -3.77 15.74
C SER C 345 5.92 -3.17 16.42
N GLN C 346 6.96 -3.95 16.71
CA GLN C 346 8.11 -3.40 17.46
C GLN C 346 9.25 -3.12 16.48
N THR C 347 9.54 -1.86 16.25
CA THR C 347 10.40 -1.41 15.12
C THR C 347 11.88 -1.41 15.50
N TYR C 348 12.38 -2.53 16.01
CA TYR C 348 13.82 -2.77 16.25
C TYR C 348 14.07 -4.25 16.05
N ALA C 349 15.20 -4.57 15.43
CA ALA C 349 15.51 -5.97 15.04
C ALA C 349 16.64 -6.55 15.88
N TYR C 350 16.61 -7.86 15.93
CA TYR C 350 17.76 -8.75 16.25
C TYR C 350 17.97 -9.58 14.99
N PRO C 351 19.19 -10.12 14.78
CA PRO C 351 19.46 -10.89 13.57
C PRO C 351 18.50 -12.09 13.45
N ASN C 352 17.98 -12.27 12.24
CA ASN C 352 17.04 -13.33 11.80
C ASN C 352 15.63 -13.08 12.35
N LYS C 353 15.37 -11.88 12.87
CA LYS C 353 13.99 -11.51 13.24
C LYS C 353 13.15 -11.44 11.97
N VAL C 354 11.98 -12.06 11.99
CA VAL C 354 11.03 -11.89 10.86
C VAL C 354 10.34 -10.55 11.07
N ILE C 355 10.45 -9.69 10.09
CA ILE C 355 9.99 -8.28 10.19
C ILE C 355 8.93 -8.02 9.12
N GLY C 356 8.43 -9.07 8.46
CA GLY C 356 7.40 -8.86 7.44
C GLY C 356 7.14 -10.09 6.62
N LYS C 357 6.03 -10.09 5.89
CA LYS C 357 5.62 -11.25 5.07
C LYS C 357 5.01 -10.79 3.75
N ILE C 358 5.45 -11.41 2.66
CA ILE C 358 4.90 -11.18 1.29
C ILE C 358 4.28 -12.47 0.78
N ALA C 359 3.00 -12.42 0.40
CA ALA C 359 2.30 -13.61 -0.15
C ALA C 359 2.52 -13.67 -1.66
N GLY C 360 3.42 -14.55 -2.10
CA GLY C 360 3.77 -14.73 -3.53
C GLY C 360 3.22 -16.02 -4.09
N LYS C 361 3.52 -16.34 -5.34
CA LYS C 361 2.94 -17.52 -6.01
C LYS C 361 4.02 -18.56 -6.31
N GLU C 362 5.24 -18.14 -6.57
CA GLU C 362 6.33 -19.09 -6.90
C GLU C 362 6.94 -19.59 -5.60
N PRO C 363 7.02 -20.92 -5.38
CA PRO C 363 7.66 -21.50 -4.20
C PRO C 363 9.10 -21.00 -3.98
N LEU C 364 9.49 -20.83 -2.72
CA LEU C 364 10.82 -20.31 -2.31
C LEU C 364 11.55 -21.36 -1.47
N SER D 2 34.27 15.20 14.02
CA SER D 2 33.50 14.57 15.11
C SER D 2 34.41 13.61 15.89
N ALA D 3 34.50 13.79 17.20
CA ALA D 3 35.24 12.87 18.08
C ALA D 3 34.32 11.70 18.43
N CYS D 4 34.88 10.53 18.67
CA CYS D 4 34.07 9.36 19.05
C CYS D 4 34.74 8.64 20.21
N GLU D 5 33.99 8.48 21.30
CA GLU D 5 34.43 7.75 22.51
C GLU D 5 33.56 6.50 22.65
N ASN D 6 34.16 5.39 23.04
CA ASN D 6 33.38 4.15 23.29
C ASN D 6 33.61 3.77 24.74
N PHE D 7 32.73 4.23 25.61
CA PHE D 7 32.91 4.05 27.06
C PHE D 7 32.48 2.63 27.43
N LEU D 8 33.38 1.93 28.11
CA LEU D 8 33.21 0.49 28.37
C LEU D 8 32.62 0.29 29.76
N LEU D 9 31.51 -0.43 29.80
CA LEU D 9 30.82 -0.82 31.04
C LEU D 9 31.45 -2.12 31.52
N PRO D 10 31.37 -2.39 32.83
CA PRO D 10 31.84 -3.66 33.38
C PRO D 10 30.99 -4.82 32.84
N ALA D 11 31.59 -6.00 32.80
CA ALA D 11 30.96 -7.22 32.23
C ALA D 11 29.74 -7.59 33.07
N ASP D 12 28.72 -8.08 32.38
CA ASP D 12 27.45 -8.55 32.99
C ASP D 12 27.62 -10.00 33.46
N GLN D 13 26.50 -10.62 33.80
CA GLN D 13 26.43 -12.00 34.36
C GLN D 13 26.90 -13.04 33.32
N ASP D 14 26.95 -12.69 32.04
CA ASP D 14 27.36 -13.63 30.97
C ASP D 14 28.81 -13.36 30.60
N GLY D 15 29.46 -12.44 31.32
CA GLY D 15 30.85 -12.01 31.04
C GLY D 15 30.91 -11.11 29.81
N ILE D 16 29.84 -10.41 29.48
CA ILE D 16 29.82 -9.57 28.26
C ILE D 16 29.90 -8.10 28.66
N GLN D 17 30.81 -7.38 28.05
CA GLN D 17 30.92 -5.92 28.26
C GLN D 17 30.17 -5.21 27.15
N ARG D 18 29.55 -4.09 27.49
CA ARG D 18 28.89 -3.23 26.49
C ARG D 18 29.61 -1.88 26.42
N GLN D 19 29.39 -1.19 25.31
CA GLN D 19 29.92 0.19 25.17
C GLN D 19 28.81 1.18 24.95
N VAL D 20 29.04 2.38 25.46
CA VAL D 20 28.22 3.58 25.17
C VAL D 20 28.98 4.41 24.15
N THR D 21 28.43 4.57 22.96
CA THR D 21 29.13 5.33 21.91
C THR D 21 28.73 6.80 22.05
N ILE D 22 29.72 7.67 22.22
CA ILE D 22 29.49 9.12 22.45
C ILE D 22 30.14 9.92 21.32
N PHE D 23 29.39 10.79 20.69
CA PHE D 23 29.96 11.65 19.63
C PHE D 23 30.07 13.08 20.11
N ARG D 24 31.16 13.75 19.75
CA ARG D 24 31.33 15.16 20.17
C ARG D 24 31.67 16.04 18.97
N TYR D 25 30.92 17.12 18.81
CA TYR D 25 31.10 18.10 17.72
C TYR D 25 31.63 19.38 18.35
N GLY D 26 32.59 20.05 17.71
CA GLY D 26 33.17 21.29 18.25
C GLY D 26 34.37 21.00 19.13
N GLN D 27 34.90 22.03 19.75
CA GLN D 27 36.11 21.92 20.60
C GLN D 27 35.71 21.62 22.04
N GLU D 28 36.45 20.72 22.67
CA GLU D 28 36.21 20.31 24.08
C GLU D 28 36.15 21.56 24.97
N ASN D 29 35.11 21.63 25.79
CA ASN D 29 34.87 22.72 26.78
C ASN D 29 34.67 24.06 26.09
N SER D 30 34.30 24.09 24.81
CA SER D 30 34.09 25.39 24.11
C SER D 30 32.74 26.01 24.46
N ALA D 31 32.75 27.34 24.57
CA ALA D 31 31.59 28.26 24.52
C ALA D 31 30.40 27.71 25.32
N PRO D 32 29.16 27.66 24.79
CA PRO D 32 28.10 26.89 25.42
C PRO D 32 28.22 25.38 25.20
N LYS D 33 27.70 24.58 26.14
CA LYS D 33 27.70 23.10 25.98
C LYS D 33 26.27 22.54 25.90
N ALA D 34 26.05 21.70 24.90
CA ALA D 34 24.77 20.99 24.68
C ALA D 34 25.00 19.51 24.83
N TYR D 35 24.01 18.85 25.38
CA TYR D 35 24.01 17.39 25.56
C TYR D 35 22.67 16.87 25.10
N LEU D 36 22.71 15.92 24.17
CA LEU D 36 21.49 15.28 23.65
C LEU D 36 21.72 13.78 23.71
N GLN D 37 20.79 13.06 24.35
CA GLN D 37 20.88 11.60 24.39
C GLN D 37 19.52 11.02 24.02
N ALA D 38 19.55 9.80 23.54
CA ALA D 38 18.33 9.04 23.21
C ALA D 38 18.55 7.59 23.59
N GLY D 39 17.43 6.90 23.80
CA GLY D 39 17.43 5.44 24.02
C GLY D 39 17.85 5.05 25.43
N LEU D 40 17.63 5.92 26.41
CA LEU D 40 17.88 5.56 27.84
C LEU D 40 16.92 4.43 28.16
N HIS D 41 15.69 4.54 27.68
CA HIS D 41 14.79 3.37 27.70
C HIS D 41 15.09 2.74 26.35
N ALA D 42 15.66 1.53 26.30
CA ALA D 42 16.18 0.98 25.03
C ALA D 42 15.05 0.54 24.11
N ASP D 43 13.80 0.62 24.54
CA ASP D 43 12.67 0.20 23.68
C ASP D 43 11.95 1.46 23.17
N GLU D 44 12.53 2.64 23.36
CA GLU D 44 11.96 3.92 22.89
C GLU D 44 12.81 4.41 21.71
N PHE D 45 12.32 4.25 20.48
CA PHE D 45 13.13 4.33 19.24
C PHE D 45 13.21 5.70 18.55
N PRO D 46 12.15 6.54 18.48
CA PRO D 46 12.16 7.76 17.65
C PRO D 46 13.38 8.68 17.82
N GLY D 47 13.87 8.80 19.06
CA GLY D 47 15.03 9.64 19.38
C GLY D 47 16.30 9.07 18.78
N MET D 48 16.37 7.75 18.64
CA MET D 48 17.58 7.07 18.14
C MET D 48 17.75 7.49 16.69
N LEU D 49 16.66 7.46 15.93
CA LEU D 49 16.72 7.76 14.48
C LEU D 49 16.89 9.27 14.33
N ALA D 50 16.26 10.08 15.17
CA ALA D 50 16.36 11.55 15.09
C ALA D 50 17.81 11.95 15.32
N LEU D 51 18.51 11.36 16.27
CA LEU D 51 19.91 11.78 16.54
C LEU D 51 20.81 11.26 15.40
N LYS D 52 20.49 10.13 14.77
CA LYS D 52 21.27 9.69 13.60
C LYS D 52 21.24 10.81 12.55
N TYR D 53 20.06 11.35 12.30
CA TYR D 53 19.90 12.39 11.25
C TYR D 53 20.44 13.71 11.76
N LEU D 54 20.39 13.99 13.06
CA LEU D 54 20.96 15.25 13.58
C LEU D 54 22.46 15.20 13.34
N ARG D 55 23.06 14.03 13.52
CA ARG D 55 24.51 13.87 13.25
C ARG D 55 24.79 14.19 11.79
N ASP D 56 23.97 13.71 10.86
CA ASP D 56 24.22 14.03 9.42
C ASP D 56 24.26 15.56 9.28
N LEU D 57 23.33 16.28 9.91
CA LEU D 57 23.24 17.75 9.79
C LEU D 57 24.49 18.38 10.43
N LEU D 58 24.92 17.85 11.57
CA LEU D 58 26.08 18.40 12.33
C LEU D 58 27.37 18.07 11.57
N ASP D 59 27.45 16.93 10.86
CA ASP D 59 28.67 16.59 10.09
C ASP D 59 28.86 17.69 9.05
N GLU D 60 27.78 18.12 8.42
CA GLU D 60 27.85 19.18 7.38
C GLU D 60 28.20 20.50 8.08
N ALA D 61 27.61 20.80 9.23
CA ALA D 61 27.91 22.06 9.95
C ALA D 61 29.39 22.05 10.34
N ALA D 62 29.93 20.88 10.70
CA ALA D 62 31.35 20.74 11.11
C ALA D 62 32.23 20.98 9.89
N ARG D 63 31.88 20.43 8.74
CA ARG D 63 32.67 20.57 7.50
C ARG D 63 32.73 22.05 7.13
N ARG D 64 31.64 22.77 7.35
CA ARG D 64 31.50 24.21 7.03
C ARG D 64 32.11 25.06 8.16
N ASN D 65 32.65 24.42 9.20
CA ASN D 65 33.32 25.08 10.35
C ASN D 65 32.33 25.99 11.09
N ARG D 66 31.12 25.52 11.36
CA ARG D 66 30.07 26.37 11.97
C ARG D 66 29.74 25.92 13.40
N ILE D 67 30.45 24.95 13.97
CA ILE D 67 30.12 24.53 15.37
C ILE D 67 30.81 25.47 16.34
N LYS D 68 30.07 26.10 17.25
CA LYS D 68 30.64 27.16 18.12
C LYS D 68 31.08 26.60 19.46
N GLY D 69 30.22 25.81 20.09
CA GLY D 69 30.47 25.29 21.45
C GLY D 69 30.80 23.82 21.40
N GLU D 70 30.37 23.09 22.42
CA GLU D 70 30.54 21.63 22.46
C GLU D 70 29.17 20.97 22.40
N ILE D 71 28.92 20.18 21.37
CA ILE D 71 27.63 19.46 21.25
C ILE D 71 27.88 17.97 21.44
N VAL D 72 27.25 17.38 22.45
CA VAL D 72 27.47 15.95 22.77
C VAL D 72 26.24 15.15 22.34
N ILE D 73 26.43 14.17 21.47
CA ILE D 73 25.31 13.36 20.91
C ILE D 73 25.46 11.89 21.30
N ILE D 74 24.45 11.32 21.94
CA ILE D 74 24.45 9.87 22.30
C ILE D 74 23.15 9.23 21.82
N PRO D 75 23.12 8.72 20.57
CA PRO D 75 21.91 8.11 19.99
C PRO D 75 21.37 6.89 20.74
N GLN D 76 22.26 6.13 21.38
CA GLN D 76 21.87 4.94 22.17
C GLN D 76 22.60 5.00 23.51
N ALA D 77 21.97 5.64 24.49
CA ALA D 77 22.55 5.93 25.81
C ALA D 77 22.51 4.67 26.67
N ASN D 78 21.83 3.61 26.21
CA ASN D 78 21.64 2.43 27.08
C ASN D 78 21.76 1.12 26.31
N PRO D 79 23.01 0.66 26.19
CA PRO D 79 23.32 -0.59 25.50
C PRO D 79 23.01 -1.82 26.36
N ILE D 80 22.64 -1.61 27.62
CA ILE D 80 22.28 -2.73 28.52
C ILE D 80 20.89 -3.16 28.12
N GLY D 81 19.96 -2.20 28.21
CA GLY D 81 18.54 -2.43 27.92
C GLY D 81 18.39 -2.92 26.48
N LEU D 82 19.26 -2.47 25.59
CA LEU D 82 19.15 -2.75 24.13
C LEU D 82 19.37 -4.23 23.87
N SER D 83 19.98 -4.96 24.81
CA SER D 83 20.30 -6.39 24.64
C SER D 83 19.22 -7.26 25.28
N GLN D 84 18.28 -6.65 26.01
CA GLN D 84 17.35 -7.42 26.87
C GLN D 84 16.15 -7.89 26.04
N TRP D 85 16.35 -8.92 25.24
CA TRP D 85 15.25 -9.57 24.48
C TRP D 85 14.65 -10.71 25.28
N LYS D 86 13.32 -10.82 25.28
CA LYS D 86 12.61 -11.95 25.91
C LYS D 86 11.47 -12.38 25.00
N ASP D 87 11.49 -13.65 24.59
CA ASP D 87 10.44 -14.24 23.73
C ASP D 87 10.24 -13.37 22.48
N GLY D 88 11.32 -12.79 21.96
CA GLY D 88 11.31 -12.02 20.70
C GLY D 88 10.92 -10.57 20.87
N PHE D 89 10.84 -10.11 22.11
N PHE D 89 10.70 -10.08 22.10
CA PHE D 89 10.41 -8.72 22.37
CA PHE D 89 10.34 -8.66 22.38
C PHE D 89 11.50 -7.99 23.17
C PHE D 89 11.46 -7.97 23.17
N LEU D 90 11.70 -6.71 22.87
CA LEU D 90 12.75 -5.95 23.56
C LEU D 90 12.13 -5.27 24.78
N LEU D 91 12.63 -5.61 25.96
CA LEU D 91 12.17 -4.99 27.21
C LEU D 91 13.30 -4.11 27.71
N GLY D 92 13.22 -2.81 27.40
CA GLY D 92 14.34 -1.89 27.60
C GLY D 92 14.10 -0.90 28.73
N ARG D 93 13.05 -1.08 29.51
CA ARG D 93 12.67 -0.06 30.53
C ARG D 93 13.36 -0.34 31.87
N PHE D 94 13.51 -1.61 32.22
CA PHE D 94 14.11 -1.98 33.52
C PHE D 94 15.37 -2.80 33.27
N ASP D 95 16.30 -2.63 34.20
CA ASP D 95 17.59 -3.35 34.21
C ASP D 95 17.38 -4.75 34.78
N HIS D 96 17.76 -5.77 34.03
CA HIS D 96 17.49 -7.16 34.47
C HIS D 96 18.39 -7.61 35.63
N GLN D 97 19.50 -6.95 35.93
CA GLN D 97 20.32 -7.38 37.10
C GLN D 97 19.74 -6.78 38.37
N THR D 98 19.31 -5.52 38.33
CA THR D 98 18.94 -4.78 39.57
C THR D 98 17.43 -4.65 39.69
N GLY D 99 16.72 -4.72 38.56
CA GLY D 99 15.26 -4.53 38.51
C GLY D 99 14.91 -3.06 38.53
N THR D 100 15.91 -2.19 38.47
CA THR D 100 15.67 -0.74 38.56
C THR D 100 15.32 -0.19 37.20
N ASN D 101 14.65 0.95 37.24
CA ASN D 101 14.25 1.71 36.04
C ASN D 101 15.50 2.42 35.54
N PHE D 102 15.74 2.38 34.23
CA PHE D 102 16.95 3.01 33.65
C PHE D 102 16.92 4.53 33.81
N ASN D 103 15.74 5.12 33.98
CA ASN D 103 15.62 6.59 34.13
C ASN D 103 15.21 6.92 35.56
N ARG D 104 15.77 6.20 36.53
CA ARG D 104 15.57 6.53 37.96
C ARG D 104 16.90 6.37 38.70
N ASP D 105 16.92 6.88 39.93
CA ASP D 105 18.02 6.74 40.92
C ASP D 105 19.30 7.40 40.40
N TYR D 106 19.18 8.58 39.80
CA TYR D 106 20.36 9.39 39.46
C TYR D 106 20.83 10.13 40.70
N PRO D 107 22.14 10.44 40.79
CA PRO D 107 22.69 11.21 41.91
C PRO D 107 22.07 12.60 42.09
N ASP D 108 21.93 13.01 43.35
CA ASP D 108 21.46 14.36 43.71
C ASP D 108 22.69 15.25 43.86
N LEU D 109 22.94 16.10 42.88
CA LEU D 109 24.17 16.92 42.85
C LEU D 109 24.05 18.10 43.80
N CYS D 110 22.89 18.35 44.38
CA CYS D 110 22.78 19.40 45.41
C CYS D 110 23.32 18.78 46.68
N GLN D 111 22.78 17.61 47.03
CA GLN D 111 23.18 16.89 48.26
C GLN D 111 24.69 16.66 48.22
N LEU D 112 25.26 16.40 47.05
CA LEU D 112 26.69 16.05 46.93
C LEU D 112 27.60 17.29 46.92
N THR D 113 27.06 18.50 46.74
CA THR D 113 27.93 19.70 46.55
C THR D 113 27.69 20.78 47.61
N VAL D 114 26.55 20.80 48.28
CA VAL D 114 26.18 21.91 49.19
C VAL D 114 27.22 22.03 50.31
N GLU D 115 27.76 20.94 50.84
CA GLU D 115 28.75 21.04 51.94
C GLU D 115 30.03 21.66 51.39
N LYS D 116 30.48 21.17 50.24
CA LYS D 116 31.76 21.58 49.61
C LYS D 116 31.72 23.07 49.25
N LEU D 117 30.55 23.57 48.84
CA LEU D 117 30.36 24.96 48.37
C LEU D 117 30.19 25.95 49.53
N ASP D 118 30.12 25.49 50.78
CA ASP D 118 29.76 26.38 51.92
C ASP D 118 30.61 27.67 51.90
N GLY D 119 31.91 27.57 51.64
CA GLY D 119 32.80 28.75 51.68
C GLY D 119 33.23 29.20 50.30
N GLN D 120 32.57 28.80 49.20
CA GLN D 120 33.14 29.04 47.84
CA GLN D 120 33.13 29.04 47.85
C GLN D 120 32.30 29.99 47.00
N LEU D 121 31.16 30.46 47.50
CA LEU D 121 30.25 31.24 46.63
C LEU D 121 30.48 32.74 46.83
N THR D 122 30.26 33.50 45.77
CA THR D 122 30.44 34.97 45.77
C THR D 122 29.21 35.66 45.15
N GLU D 123 29.29 36.98 45.03
CA GLU D 123 28.21 37.83 44.47
C GLU D 123 28.27 37.79 42.94
N ASN D 124 29.28 37.13 42.38
CA ASN D 124 29.47 37.01 40.92
C ASN D 124 28.79 35.73 40.42
N ALA D 125 27.70 35.88 39.68
CA ALA D 125 26.88 34.74 39.19
C ALA D 125 27.72 33.81 38.33
N GLU D 126 28.53 34.39 37.43
CA GLU D 126 29.30 33.58 36.45
C GLU D 126 30.30 32.74 37.23
N HIS D 127 30.90 33.35 38.26
CA HIS D 127 31.86 32.62 39.13
C HIS D 127 31.13 31.46 39.78
N ASN D 128 29.96 31.73 40.34
CA ASN D 128 29.23 30.65 41.04
C ASN D 128 28.94 29.53 40.07
N ILE D 129 28.60 29.84 38.82
CA ILE D 129 28.27 28.77 37.83
C ILE D 129 29.51 27.89 37.65
N ASP D 130 30.67 28.49 37.45
CA ASP D 130 31.93 27.73 37.21
C ASP D 130 32.29 26.95 38.47
N VAL D 131 32.11 27.54 39.65
CA VAL D 131 32.49 26.90 40.94
C VAL D 131 31.58 25.70 41.16
N ILE D 132 30.29 25.88 40.91
CA ILE D 132 29.29 24.81 41.12
C ILE D 132 29.56 23.68 40.13
N ARG D 133 29.82 24.00 38.87
CA ARG D 133 30.08 22.95 37.84
C ARG D 133 31.36 22.19 38.22
N LYS D 134 32.41 22.88 38.66
CA LYS D 134 33.69 22.23 39.02
C LYS D 134 33.44 21.33 40.22
N THR D 135 32.68 21.83 41.20
CA THR D 135 32.39 21.07 42.43
C THR D 135 31.59 19.82 42.06
N MET D 136 30.62 19.94 41.16
CA MET D 136 29.79 18.78 40.70
C MET D 136 30.72 17.72 40.12
N ARG D 137 31.64 18.11 39.24
CA ARG D 137 32.55 17.15 38.57
C ARG D 137 33.40 16.45 39.63
N SER D 138 33.92 17.21 40.61
CA SER D 138 34.75 16.65 41.70
C SER D 138 33.92 15.66 42.53
N ALA D 139 32.71 16.04 42.89
CA ALA D 139 31.82 15.22 43.75
C ALA D 139 31.55 13.90 43.04
N LEU D 140 31.35 13.94 41.73
CA LEU D 140 31.09 12.71 40.94
C LEU D 140 32.38 11.89 40.85
N SER D 141 33.55 12.51 40.74
CA SER D 141 34.85 11.79 40.65
C SER D 141 35.04 10.92 41.90
N GLU D 142 34.52 11.39 43.03
CA GLU D 142 34.64 10.68 44.33
C GLU D 142 33.75 9.42 44.37
N LEU D 143 32.75 9.28 43.50
CA LEU D 143 31.82 8.11 43.55
C LEU D 143 32.45 6.94 42.79
N LYS D 144 32.27 5.72 43.29
CA LYS D 144 32.86 4.51 42.66
C LYS D 144 31.78 3.44 42.48
N PRO D 145 30.92 3.57 41.46
CA PRO D 145 29.88 2.56 41.19
C PRO D 145 30.48 1.27 40.61
N GLU D 146 29.88 0.12 40.92
CA GLU D 146 30.36 -1.22 40.50
C GLU D 146 29.43 -1.88 39.50
N GLN D 147 28.12 -1.74 39.66
CA GLN D 147 27.12 -2.41 38.78
C GLN D 147 27.04 -1.66 37.45
N ALA D 148 26.96 -2.38 36.32
CA ALA D 148 27.01 -1.76 34.99
C ALA D 148 25.99 -0.61 34.89
N VAL D 149 24.80 -0.79 35.45
CA VAL D 149 23.73 0.23 35.33
C VAL D 149 24.10 1.47 36.17
N ASP D 150 24.81 1.29 37.27
CA ASP D 150 25.16 2.44 38.15
C ASP D 150 26.31 3.19 37.46
N VAL D 151 27.18 2.43 36.81
CA VAL D 151 28.34 2.99 36.08
C VAL D 151 27.80 3.78 34.90
N LEU D 152 26.78 3.24 34.23
CA LEU D 152 26.13 3.90 33.09
C LEU D 152 25.48 5.20 33.55
N ARG D 153 24.69 5.17 34.62
CA ARG D 153 23.98 6.39 35.10
C ARG D 153 25.04 7.42 35.47
N HIS D 154 26.11 6.99 36.13
CA HIS D 154 27.23 7.86 36.58
C HIS D 154 27.85 8.56 35.38
N LYS D 155 28.16 7.79 34.34
CA LYS D 155 28.81 8.36 33.13
C LYS D 155 27.86 9.39 32.51
N LEU D 156 26.59 9.08 32.39
CA LEU D 156 25.65 9.97 31.65
C LEU D 156 25.53 11.29 32.41
N ILE D 157 25.47 11.27 33.75
CA ILE D 157 25.32 12.54 34.52
C ILE D 157 26.68 13.26 34.51
N SER D 158 27.79 12.51 34.58
CA SER D 158 29.16 13.11 34.59
C SER D 158 29.36 13.92 33.31
N GLU D 159 28.79 13.47 32.20
CA GLU D 159 29.02 14.12 30.89
C GLU D 159 27.95 15.18 30.60
N SER D 160 26.95 15.36 31.46
CA SER D 160 25.81 16.28 31.16
C SER D 160 25.62 17.35 32.23
N CYS D 161 26.09 17.13 33.46
CA CYS D 161 25.79 18.02 34.60
C CYS D 161 26.30 19.45 34.34
N ASP D 162 27.34 19.62 33.52
CA ASP D 162 27.96 20.94 33.34
C ASP D 162 27.52 21.55 32.00
N ALA D 163 26.48 20.99 31.38
CA ALA D 163 25.95 21.50 30.10
C ALA D 163 25.01 22.67 30.38
N ASP D 164 24.84 23.51 29.39
CA ASP D 164 23.91 24.65 29.43
C ASP D 164 22.55 24.16 28.94
N LEU D 165 22.55 23.23 27.97
CA LEU D 165 21.31 22.66 27.37
C LEU D 165 21.37 21.14 27.44
N VAL D 166 20.34 20.51 28.01
CA VAL D 166 20.25 19.03 28.07
C VAL D 166 18.91 18.55 27.55
N LEU D 167 18.92 17.77 26.47
CA LEU D 167 17.65 17.20 25.95
C LEU D 167 17.72 15.67 26.03
N ASP D 168 16.87 15.10 26.86
CA ASP D 168 16.74 13.64 27.04
C ASP D 168 15.62 13.15 26.14
N LEU D 169 15.95 12.41 25.10
CA LEU D 169 14.93 12.00 24.10
C LEU D 169 14.37 10.62 24.46
N HIS D 170 13.05 10.61 24.62
CA HIS D 170 12.23 9.47 25.09
C HIS D 170 11.05 9.25 24.15
N ALA D 171 10.18 8.31 24.53
CA ALA D 171 8.89 8.05 23.86
C ALA D 171 7.92 7.46 24.89
N ASP D 172 6.63 7.41 24.58
CA ASP D 172 5.68 6.68 25.45
C ASP D 172 5.12 5.51 24.66
N ASN D 173 4.30 4.67 25.28
CA ASN D 173 3.89 3.45 24.57
C ASN D 173 3.01 3.80 23.38
N GLN D 174 2.12 4.75 23.57
CA GLN D 174 1.33 5.29 22.44
C GLN D 174 1.03 6.72 22.79
N ALA D 175 1.66 7.67 22.11
CA ALA D 175 1.53 9.06 22.56
C ALA D 175 1.85 10.07 21.46
N GLN D 176 1.34 11.27 21.67
CA GLN D 176 1.73 12.46 20.92
C GLN D 176 3.05 12.97 21.49
N CYS D 177 3.79 13.71 20.68
CA CYS D 177 5.00 14.41 21.15
C CYS D 177 4.62 15.25 22.37
N HIS D 178 5.35 15.08 23.47
CA HIS D 178 5.15 15.89 24.70
C HIS D 178 6.47 16.12 25.43
N MET D 179 6.45 17.04 26.38
CA MET D 179 7.69 17.50 27.04
C MET D 179 7.51 17.57 28.55
N TYR D 180 8.58 17.27 29.28
CA TYR D 180 8.65 17.49 30.73
C TYR D 180 9.82 18.43 31.04
N THR D 181 9.64 19.36 31.97
CA THR D 181 10.78 20.16 32.46
C THR D 181 10.54 20.60 33.90
N LEU D 182 11.55 21.26 34.45
CA LEU D 182 11.52 21.78 35.82
C LEU D 182 10.57 22.98 35.82
N THR D 183 9.66 23.06 36.79
CA THR D 183 8.66 24.16 36.84
C THR D 183 9.28 25.53 36.55
N PRO D 184 10.33 26.00 37.24
CA PRO D 184 10.88 27.34 36.99
C PRO D 184 11.60 27.54 35.65
N LEU D 185 11.76 26.49 34.84
CA LEU D 185 12.36 26.60 33.49
C LEU D 185 11.26 26.83 32.47
N TRP D 186 10.04 27.00 32.93
CA TRP D 186 8.94 27.38 32.03
C TRP D 186 8.60 28.82 32.36
N PRO D 187 8.45 29.77 31.43
CA PRO D 187 8.48 29.57 29.97
C PRO D 187 9.84 29.66 29.28
N ALA D 188 10.93 29.59 30.04
CA ALA D 188 12.29 29.74 29.47
C ALA D 188 12.44 28.76 28.31
N MET D 189 11.86 27.57 28.42
CA MET D 189 12.08 26.53 27.38
C MET D 189 10.86 26.44 26.46
N HIS D 190 10.13 27.55 26.30
CA HIS D 190 9.00 27.64 25.35
C HIS D 190 9.50 27.42 23.93
N ASP D 191 10.68 27.92 23.59
CA ASP D 191 11.17 27.84 22.19
C ASP D 191 11.40 26.38 21.85
N VAL D 192 11.95 25.62 22.79
CA VAL D 192 12.27 24.20 22.47
C VAL D 192 10.96 23.44 22.35
N ALA D 193 9.97 23.73 23.19
CA ALA D 193 8.65 23.07 23.16
C ALA D 193 7.98 23.36 21.81
N ALA D 194 8.10 24.59 21.34
CA ALA D 194 7.46 25.01 20.08
C ALA D 194 8.15 24.32 18.90
N GLU D 195 9.47 24.26 18.90
CA GLU D 195 10.24 23.69 17.75
C GLU D 195 9.92 22.20 17.61
N ILE D 196 9.75 21.49 18.72
CA ILE D 196 9.54 20.00 18.68
C ILE D 196 8.05 19.68 18.57
N ASP D 197 7.19 20.70 18.60
CA ASP D 197 5.71 20.59 18.50
C ASP D 197 5.15 19.72 19.63
N ALA D 198 5.51 20.04 20.87
CA ALA D 198 4.94 19.37 22.06
C ALA D 198 3.43 19.63 22.10
N ARG D 199 2.66 18.62 22.46
CA ARG D 199 1.19 18.76 22.60
C ARG D 199 0.82 18.73 24.07
N ALA D 200 1.83 18.65 24.93
CA ALA D 200 1.68 18.79 26.39
C ALA D 200 3.04 19.13 26.98
N VAL D 201 3.07 20.07 27.91
CA VAL D 201 4.30 20.40 28.65
C VAL D 201 4.02 20.23 30.13
N LEU D 202 4.71 19.29 30.76
CA LEU D 202 4.39 18.85 32.14
C LEU D 202 5.48 19.34 33.09
N LEU D 203 5.05 20.09 34.09
CA LEU D 203 5.99 20.80 34.99
C LEU D 203 6.01 20.18 36.39
N ALA D 204 7.21 20.04 36.95
CA ALA D 204 7.38 19.62 38.37
C ALA D 204 8.70 20.16 38.90
N GLU D 205 8.80 20.35 40.20
CA GLU D 205 10.08 20.72 40.84
C GLU D 205 10.78 19.43 41.26
N GLU D 206 10.01 18.45 41.66
CA GLU D 206 10.53 17.13 42.07
C GLU D 206 9.47 16.11 41.70
N SER D 207 9.86 15.09 40.95
CA SER D 207 8.91 14.11 40.40
C SER D 207 9.02 12.79 41.16
N GLY D 208 9.41 11.73 40.46
CA GLY D 208 9.60 10.40 41.05
C GLY D 208 11.02 10.23 41.53
N GLY D 209 11.48 8.98 41.52
CA GLY D 209 12.80 8.59 42.06
C GLY D 209 13.94 9.09 41.21
N HIS D 210 14.20 10.41 41.18
CA HIS D 210 15.45 11.02 40.64
C HIS D 210 15.71 10.61 39.18
N PRO D 211 14.87 11.06 38.24
CA PRO D 211 15.09 10.89 36.81
C PRO D 211 16.23 11.79 36.29
N PHE D 212 16.75 11.47 35.11
CA PHE D 212 17.92 12.13 34.49
C PHE D 212 17.71 13.64 34.27
N ASP D 213 16.58 14.07 33.73
CA ASP D 213 16.42 15.50 33.37
C ASP D 213 16.47 16.34 34.65
N GLU D 214 15.79 15.88 35.70
CA GLU D 214 15.77 16.60 36.99
C GLU D 214 17.17 16.50 37.61
N ALA D 215 17.87 15.40 37.42
CA ALA D 215 19.23 15.26 37.96
C ALA D 215 20.11 16.38 37.40
N CYS D 216 19.86 16.79 36.16
CA CYS D 216 20.63 17.86 35.48
C CYS D 216 20.18 19.26 35.93
N SER D 217 18.88 19.55 36.02
CA SER D 217 18.42 20.95 36.26
C SER D 217 18.07 21.25 37.72
N ALA D 218 17.61 20.25 38.48
CA ALA D 218 17.09 20.46 39.85
C ALA D 218 18.17 21.01 40.77
N PRO D 219 19.44 20.55 40.70
CA PRO D 219 20.50 21.04 41.59
C PRO D 219 20.65 22.55 41.59
N TRP D 220 20.37 23.20 40.47
CA TRP D 220 20.56 24.66 40.40
C TRP D 220 19.46 25.34 41.21
N MET D 221 18.26 24.77 41.16
CA MET D 221 17.09 25.29 41.89
C MET D 221 17.31 25.04 43.39
N ASN D 222 17.78 23.84 43.71
CA ASN D 222 17.95 23.44 45.12
C ASN D 222 19.15 24.18 45.73
N LEU D 223 20.20 24.44 44.95
CA LEU D 223 21.37 25.19 45.50
C LEU D 223 20.97 26.64 45.69
N SER D 224 20.15 27.20 44.79
CA SER D 224 19.65 28.59 44.91
C SER D 224 18.95 28.73 46.25
N ARG D 225 18.16 27.73 46.61
CA ARG D 225 17.40 27.73 47.88
C ARG D 225 18.34 27.49 49.05
N ALA D 226 19.35 26.64 48.91
CA ALA D 226 20.35 26.33 49.97
C ALA D 226 21.17 27.59 50.28
N PHE D 227 21.45 28.39 49.26
CA PHE D 227 22.31 29.59 49.36
C PHE D 227 21.60 30.81 48.80
N PRO D 228 20.54 31.30 49.48
CA PRO D 228 19.70 32.39 48.98
C PRO D 228 20.39 33.76 48.96
N ASP D 229 21.56 33.83 49.59
CA ASP D 229 22.36 35.07 49.70
C ASP D 229 23.30 35.21 48.50
N TYR D 230 23.29 34.26 47.57
CA TYR D 230 24.20 34.27 46.41
C TYR D 230 23.39 34.11 45.14
N PRO D 231 23.83 34.72 44.03
CA PRO D 231 23.28 34.50 42.70
C PRO D 231 23.57 33.11 42.15
N ILE D 232 22.54 32.26 42.10
CA ILE D 232 22.63 30.89 41.54
C ILE D 232 21.52 30.73 40.52
N PRO D 233 21.83 31.00 39.24
CA PRO D 233 20.83 30.88 38.17
C PRO D 233 20.64 29.42 37.78
N LEU D 234 19.56 29.15 37.06
CA LEU D 234 19.27 27.79 36.57
C LEU D 234 20.14 27.55 35.33
N ALA D 235 21.42 27.37 35.57
CA ALA D 235 22.50 27.30 34.56
C ALA D 235 22.26 26.13 33.61
N CYS D 236 21.73 25.02 34.09
CA CYS D 236 21.49 23.85 33.20
C CYS D 236 20.01 23.75 32.88
N GLN D 237 19.66 24.00 31.63
CA GLN D 237 18.25 23.96 31.18
C GLN D 237 17.99 22.58 30.55
N SER D 238 17.35 21.71 31.29
CA SER D 238 17.08 20.32 30.86
C SER D 238 15.61 20.13 30.57
N ALA D 239 15.32 19.21 29.68
CA ALA D 239 13.94 18.78 29.39
C ALA D 239 13.95 17.36 28.87
N THR D 240 12.85 16.68 29.09
CA THR D 240 12.59 15.35 28.49
C THR D 240 11.64 15.55 27.33
N PHE D 241 12.00 15.03 26.18
CA PHE D 241 11.11 15.04 25.01
C PHE D 241 10.63 13.63 24.75
N ALA D 242 9.34 13.40 24.91
CA ALA D 242 8.72 12.16 24.42
C ALA D 242 8.35 12.43 22.98
N LEU D 243 9.09 11.86 22.05
CA LEU D 243 9.02 12.29 20.64
C LEU D 243 7.87 11.58 19.92
N GLY D 244 7.19 10.67 20.59
CA GLY D 244 6.06 9.95 19.98
C GLY D 244 5.89 8.62 20.66
N SER D 245 5.40 7.64 19.91
CA SER D 245 5.16 6.29 20.42
C SER D 245 6.50 5.55 20.43
N ASN D 246 6.65 4.57 21.32
CA ASN D 246 7.91 3.79 21.43
C ASN D 246 8.35 3.25 20.08
N ASP D 247 7.40 2.80 19.26
CA ASP D 247 7.70 2.07 18.02
C ASP D 247 7.53 2.98 16.81
N GLU D 248 7.43 4.28 17.03
CA GLU D 248 7.18 5.22 15.91
C GLU D 248 8.50 5.51 15.18
N VAL D 249 8.87 4.61 14.29
CA VAL D 249 10.12 4.74 13.50
C VAL D 249 9.74 5.13 12.07
N ASP D 250 10.02 6.36 11.70
CA ASP D 250 9.58 6.91 10.39
C ASP D 250 10.64 7.88 9.89
N LEU D 251 11.00 7.78 8.60
CA LEU D 251 12.05 8.62 7.97
C LEU D 251 11.65 10.07 8.06
N ARG D 252 10.41 10.39 7.70
CA ARG D 252 9.99 11.80 7.58
C ARG D 252 10.03 12.39 8.99
N LEU D 253 9.50 11.65 9.96
CA LEU D 253 9.38 12.17 11.33
C LEU D 253 10.79 12.41 11.88
N ALA D 254 11.68 11.44 11.72
CA ALA D 254 13.03 11.54 12.31
C ALA D 254 13.78 12.71 11.67
N GLN D 255 13.58 12.91 10.37
CA GLN D 255 14.24 14.03 9.64
C GLN D 255 13.68 15.34 10.20
N ASP D 256 12.36 15.42 10.40
CA ASP D 256 11.71 16.66 10.91
C ASP D 256 12.22 16.95 12.33
N GLN D 257 12.37 15.90 13.14
CA GLN D 257 12.79 16.07 14.54
C GLN D 257 14.25 16.47 14.56
N ALA D 258 15.07 15.89 13.68
CA ALA D 258 16.50 16.25 13.57
C ALA D 258 16.60 17.73 13.20
N GLU D 259 15.78 18.17 12.26
CA GLU D 259 15.83 19.58 11.81
C GLU D 259 15.38 20.48 12.96
N ALA D 260 14.37 20.08 13.74
CA ALA D 260 13.90 20.88 14.89
C ALA D 260 15.04 21.00 15.90
N LEU D 261 15.72 19.89 16.16
CA LEU D 261 16.81 19.90 17.17
C LEU D 261 17.93 20.81 16.67
N PHE D 262 18.19 20.79 15.37
CA PHE D 262 19.22 21.63 14.72
C PHE D 262 18.83 23.10 14.95
N ARG D 263 17.56 23.43 14.70
CA ARG D 263 17.06 24.82 14.86
C ARG D 263 17.21 25.24 16.33
N ILE D 264 16.98 24.33 17.26
CA ILE D 264 17.11 24.64 18.71
C ILE D 264 18.57 24.98 18.97
N LEU D 265 19.49 24.17 18.43
CA LEU D 265 20.95 24.38 18.63
C LEU D 265 21.33 25.74 18.03
N ILE D 266 20.78 26.10 16.86
CA ILE D 266 21.11 27.41 16.26
C ILE D 266 20.62 28.52 17.18
N ARG D 267 19.37 28.45 17.62
CA ARG D 267 18.73 29.52 18.44
C ARG D 267 19.55 29.72 19.70
N ARG D 268 20.16 28.67 20.23
CA ARG D 268 20.84 28.78 21.53
C ARG D 268 22.35 28.95 21.38
N GLY D 269 22.83 29.27 20.17
CA GLY D 269 24.22 29.72 19.93
C GLY D 269 25.21 28.59 19.77
N PHE D 270 24.81 27.46 19.22
CA PHE D 270 25.76 26.35 18.99
C PHE D 270 26.23 26.30 17.54
N ILE D 271 25.45 26.91 16.65
CA ILE D 271 25.72 26.82 15.20
C ILE D 271 25.80 28.23 14.63
N GLU D 272 26.92 28.49 13.95
CA GLU D 272 27.31 29.82 13.43
C GLU D 272 26.75 29.99 12.02
N ASP D 273 26.61 31.25 11.60
CA ASP D 273 26.26 31.67 10.21
C ASP D 273 24.90 31.12 9.80
N VAL D 274 23.97 30.89 10.73
CA VAL D 274 22.62 30.43 10.32
C VAL D 274 21.59 31.30 11.03
N HIS D 275 20.63 31.79 10.27
CA HIS D 275 19.45 32.49 10.80
C HIS D 275 18.30 31.48 10.85
N VAL D 276 17.51 31.48 11.91
CA VAL D 276 16.35 30.56 11.98
C VAL D 276 15.06 31.26 11.58
N GLY D 277 14.78 32.42 12.18
CA GLY D 277 13.53 33.16 11.91
C GLY D 277 12.44 32.84 12.90
N GLU D 278 11.18 32.93 12.46
CA GLU D 278 10.01 32.99 13.36
C GLU D 278 9.80 31.65 14.06
N LEU D 279 9.52 31.70 15.35
CA LEU D 279 9.25 30.49 16.15
C LEU D 279 7.88 29.94 15.76
N PRO D 280 7.74 28.61 15.59
CA PRO D 280 6.43 27.98 15.38
C PRO D 280 5.52 28.19 16.58
N GLN D 281 4.21 28.14 16.34
CA GLN D 281 3.18 28.31 17.38
C GLN D 281 3.20 27.06 18.29
N LEU D 282 3.25 27.26 19.60
CA LEU D 282 3.11 26.12 20.55
C LEU D 282 1.62 25.77 20.65
N ALA D 283 1.30 24.49 20.54
CA ALA D 283 -0.07 23.95 20.47
C ALA D 283 -0.66 23.75 21.86
N CYS D 284 0.06 24.05 22.93
CA CYS D 284 -0.41 23.75 24.30
C CYS D 284 0.16 24.75 25.30
N GLU D 285 -0.43 24.76 26.49
CA GLU D 285 0.09 25.57 27.63
C GLU D 285 0.91 24.62 28.50
N GLY D 286 1.82 25.17 29.29
CA GLY D 286 2.48 24.40 30.36
C GLY D 286 1.47 24.08 31.44
N THR D 287 1.43 22.84 31.89
CA THR D 287 0.53 22.41 32.97
C THR D 287 1.35 21.70 34.03
N LEU D 288 0.83 21.58 35.23
CA LEU D 288 1.56 20.87 36.29
C LEU D 288 1.41 19.37 36.09
N LEU D 289 2.45 18.64 36.43
CA LEU D 289 2.43 17.16 36.34
C LEU D 289 1.38 16.64 37.31
N GLU D 290 1.22 17.30 38.45
CA GLU D 290 0.24 16.85 39.48
C GLU D 290 -1.19 17.13 39.00
N ALA D 291 -1.38 17.87 37.92
CA ALA D 291 -2.71 18.14 37.33
C ALA D 291 -3.00 17.09 36.24
N MET D 292 -2.02 16.24 35.96
CA MET D 292 -2.17 15.21 34.91
C MET D 292 -2.91 14.01 35.52
N GLN D 293 -3.89 13.48 34.80
CA GLN D 293 -4.58 12.27 35.28
C GLN D 293 -3.93 11.06 34.62
N GLN D 294 -3.54 10.09 35.42
CA GLN D 294 -3.21 8.75 34.89
C GLN D 294 -4.49 7.94 34.89
N LEU D 295 -4.87 7.41 33.74
CA LEU D 295 -6.04 6.52 33.66
C LEU D 295 -5.56 5.14 34.03
N LYS D 296 -6.18 4.52 35.01
CA LYS D 296 -5.72 3.19 35.42
C LYS D 296 -6.83 2.17 35.21
N ALA D 297 -6.42 1.00 34.80
CA ALA D 297 -7.30 -0.17 34.74
C ALA D 297 -7.50 -0.66 36.16
N PRO D 298 -8.76 -0.74 36.65
CA PRO D 298 -9.03 -1.27 37.98
C PRO D 298 -9.03 -2.80 37.98
N CYS D 299 -8.95 -3.39 36.79
CA CYS D 299 -9.06 -4.86 36.64
C CYS D 299 -8.37 -5.30 35.36
N GLN D 300 -8.20 -6.61 35.21
CA GLN D 300 -7.59 -7.21 34.00
C GLN D 300 -8.62 -7.22 32.88
N GLY D 301 -8.17 -7.17 31.63
CA GLY D 301 -9.05 -7.33 30.46
C GLY D 301 -8.61 -6.54 29.25
N LEU D 302 -9.40 -6.61 28.18
CA LEU D 302 -9.12 -5.91 26.91
C LEU D 302 -9.22 -4.42 27.13
N ILE D 303 -8.33 -3.64 26.56
CA ILE D 303 -8.46 -2.17 26.65
C ILE D 303 -9.16 -1.67 25.41
N VAL D 304 -10.35 -1.14 25.60
CA VAL D 304 -11.16 -0.60 24.49
C VAL D 304 -11.21 0.91 24.65
N TYR D 305 -10.61 1.66 23.75
CA TYR D 305 -10.59 3.13 23.85
C TYR D 305 -11.81 3.69 23.14
N HIS D 306 -12.40 4.73 23.71
CA HIS D 306 -13.55 5.43 23.13
C HIS D 306 -13.12 6.78 22.59
N ASN D 307 -11.89 7.16 22.90
CA ASN D 307 -11.31 8.44 22.42
C ASN D 307 -10.06 8.15 21.60
N ARG D 308 -9.83 8.97 20.59
CA ARG D 308 -8.60 8.91 19.78
C ARG D 308 -7.46 9.58 20.54
N LEU D 309 -6.26 9.21 20.16
CA LEU D 309 -5.06 9.88 20.69
C LEU D 309 -5.14 11.33 20.25
N GLY D 310 -5.03 12.25 21.21
CA GLY D 310 -5.03 13.70 20.93
C GLY D 310 -6.40 14.34 21.10
N ASP D 311 -7.45 13.57 21.37
CA ASP D 311 -8.81 14.13 21.62
C ASP D 311 -8.78 14.99 22.87
N PHE D 312 -9.55 16.06 22.85
CA PHE D 312 -9.85 16.83 24.06
C PHE D 312 -11.00 16.12 24.76
N VAL D 313 -10.85 15.84 26.04
CA VAL D 313 -11.89 15.09 26.80
C VAL D 313 -12.33 15.92 28.00
N ARG D 314 -13.52 15.63 28.48
CA ARG D 314 -14.10 16.37 29.61
C ARG D 314 -14.27 15.46 30.82
N SER D 315 -14.19 16.05 32.00
CA SER D 315 -14.43 15.35 33.27
C SER D 315 -15.79 14.65 33.15
N GLY D 316 -15.84 13.37 33.44
CA GLY D 316 -17.06 12.57 33.41
C GLY D 316 -17.18 11.74 32.15
N ASP D 317 -16.40 12.05 31.12
CA ASP D 317 -16.45 11.29 29.85
C ASP D 317 -15.96 9.86 30.05
N LYS D 318 -16.60 8.94 29.37
CA LYS D 318 -16.08 7.56 29.27
C LYS D 318 -14.97 7.59 28.22
N VAL D 319 -13.76 7.31 28.64
CA VAL D 319 -12.58 7.48 27.75
C VAL D 319 -12.14 6.10 27.29
N VAL D 320 -12.18 5.14 28.20
CA VAL D 320 -11.68 3.78 27.92
C VAL D 320 -12.49 2.80 28.78
N SER D 321 -12.67 1.59 28.27
CA SER D 321 -13.36 0.50 29.02
C SER D 321 -12.42 -0.70 29.12
N ILE D 322 -12.53 -1.43 30.21
CA ILE D 322 -11.81 -2.73 30.33
C ILE D 322 -12.85 -3.82 30.11
N VAL D 323 -12.60 -4.67 29.13
CA VAL D 323 -13.58 -5.71 28.76
C VAL D 323 -13.00 -7.09 29.03
N ASP D 324 -13.65 -7.82 29.92
CA ASP D 324 -13.31 -9.22 30.18
C ASP D 324 -14.12 -10.04 29.17
N PRO D 325 -13.47 -10.68 28.19
CA PRO D 325 -14.17 -11.37 27.11
C PRO D 325 -15.04 -12.52 27.63
N ILE D 326 -14.79 -12.98 28.86
CA ILE D 326 -15.61 -14.06 29.48
C ILE D 326 -16.22 -13.54 30.77
N GLY D 327 -16.31 -12.21 30.92
CA GLY D 327 -16.85 -11.59 32.13
C GLY D 327 -17.51 -10.25 31.87
N GLU D 328 -17.21 -9.29 32.72
CA GLU D 328 -17.88 -7.97 32.81
C GLU D 328 -17.08 -6.88 32.10
N THR D 329 -17.75 -5.77 31.82
CA THR D 329 -17.13 -4.56 31.27
C THR D 329 -17.13 -3.45 32.33
N VAL D 330 -15.99 -2.79 32.49
CA VAL D 330 -15.86 -1.67 33.46
C VAL D 330 -15.46 -0.41 32.69
N ASP D 331 -16.24 0.64 32.87
CA ASP D 331 -16.02 1.93 32.19
C ASP D 331 -15.09 2.81 33.03
N ILE D 332 -14.12 3.45 32.38
CA ILE D 332 -13.14 4.36 33.05
C ILE D 332 -13.35 5.78 32.58
N LEU D 333 -13.55 6.67 33.55
CA LEU D 333 -13.96 8.06 33.28
C LEU D 333 -12.81 9.04 33.49
N ALA D 334 -12.87 10.13 32.74
CA ALA D 334 -11.95 11.26 32.94
C ALA D 334 -12.36 11.96 34.24
N HIS D 335 -11.38 12.41 35.00
CA HIS D 335 -11.64 13.22 36.23
C HIS D 335 -11.20 14.66 35.99
N THR D 336 -10.80 14.99 34.77
CA THR D 336 -10.33 16.36 34.49
C THR D 336 -10.49 16.65 33.01
N ASP D 337 -10.69 17.92 32.69
CA ASP D 337 -10.73 18.40 31.29
C ASP D 337 -9.29 18.48 30.79
N GLY D 338 -9.04 18.05 29.56
CA GLY D 338 -7.68 18.13 29.02
C GLY D 338 -7.48 17.30 27.77
N VAL D 339 -6.23 17.18 27.35
CA VAL D 339 -5.92 16.45 26.10
C VAL D 339 -5.40 15.06 26.44
N LEU D 340 -5.98 14.07 25.76
CA LEU D 340 -5.57 12.67 25.90
C LEU D 340 -4.30 12.48 25.06
N PHE D 341 -3.18 12.97 25.57
CA PHE D 341 -1.90 12.99 24.83
C PHE D 341 -1.25 11.59 24.85
N ALA D 342 -1.68 10.70 25.73
CA ALA D 342 -1.15 9.31 25.72
C ALA D 342 -2.23 8.26 25.98
N ARG D 343 -2.06 7.11 25.35
CA ARG D 343 -2.88 5.90 25.56
C ARG D 343 -1.92 4.77 25.91
N HIS D 344 -1.97 3.65 25.20
CA HIS D 344 -0.98 2.54 25.35
C HIS D 344 -1.01 1.67 24.11
N SER D 345 0.12 1.06 23.79
CA SER D 345 0.30 0.22 22.59
C SER D 345 -0.25 -1.20 22.82
N GLN D 346 -0.19 -1.73 24.04
CA GLN D 346 -0.64 -3.12 24.27
C GLN D 346 -2.03 -3.07 24.89
N THR D 347 -3.02 -3.51 24.14
CA THR D 347 -4.45 -3.31 24.47
C THR D 347 -4.98 -4.43 25.37
N TYR D 348 -4.29 -4.72 26.47
CA TYR D 348 -4.76 -5.62 27.54
C TYR D 348 -4.20 -5.12 28.86
N ALA D 349 -5.02 -5.16 29.90
CA ALA D 349 -4.67 -4.58 31.20
C ALA D 349 -4.42 -5.65 32.26
N TYR D 350 -3.63 -5.24 33.24
CA TYR D 350 -3.55 -5.83 34.58
C TYR D 350 -3.98 -4.71 35.52
N PRO D 351 -4.48 -5.04 36.72
CA PRO D 351 -4.93 -4.03 37.66
C PRO D 351 -3.81 -3.02 37.97
N ASN D 352 -4.19 -1.74 37.94
CA ASN D 352 -3.35 -0.54 38.22
C ASN D 352 -2.43 -0.24 37.04
N LYS D 353 -2.65 -0.87 35.91
CA LYS D 353 -1.91 -0.51 34.68
C LYS D 353 -2.32 0.90 34.28
N VAL D 354 -1.34 1.74 33.98
CA VAL D 354 -1.64 3.07 33.41
C VAL D 354 -1.91 2.85 31.93
N ILE D 355 -3.09 3.27 31.50
CA ILE D 355 -3.57 2.98 30.13
C ILE D 355 -3.83 4.29 29.40
N GLY D 356 -3.42 5.42 29.98
CA GLY D 356 -3.63 6.70 29.28
C GLY D 356 -3.31 7.88 30.16
N LYS D 357 -3.15 9.05 29.55
CA LYS D 357 -2.80 10.28 30.28
C LYS D 357 -3.55 11.48 29.72
N ILE D 358 -4.12 12.26 30.62
CA ILE D 358 -4.86 13.51 30.27
C ILE D 358 -4.14 14.68 30.92
N ALA D 359 -3.74 15.65 30.12
CA ALA D 359 -3.06 16.87 30.63
C ALA D 359 -4.12 17.90 31.01
N GLY D 360 -4.37 18.05 32.31
CA GLY D 360 -5.36 19.00 32.87
C GLY D 360 -4.68 20.18 33.53
N LYS D 361 -5.45 21.10 34.10
CA LYS D 361 -4.89 22.34 34.66
C LYS D 361 -5.05 22.38 36.18
N GLU D 362 -6.11 21.79 36.72
CA GLU D 362 -6.34 21.80 38.18
C GLU D 362 -5.53 20.65 38.76
N PRO D 363 -4.69 20.90 39.79
CA PRO D 363 -3.99 19.84 40.51
C PRO D 363 -4.96 18.78 41.03
N LEU D 364 -4.62 17.51 40.88
CA LEU D 364 -5.50 16.42 41.36
C LEU D 364 -4.97 15.91 42.68
N PRO D 365 -5.87 15.63 43.65
CA PRO D 365 -5.50 15.13 44.97
C PRO D 365 -4.89 13.71 44.95
N GLU D 366 -5.19 12.98 43.86
CA GLU D 366 -4.65 11.63 43.60
C GLU D 366 -3.12 11.73 43.43
#